data_4UXJ
#
_entry.id   4UXJ
#
_cell.length_a   61.600
_cell.length_b   61.630
_cell.length_c   110.090
_cell.angle_alpha   81.07
_cell.angle_beta   85.80
_cell.angle_gamma   74.94
#
_symmetry.space_group_name_H-M   'P 1'
#
loop_
_entity.id
_entity.type
_entity.pdbx_description
1 polymer 'THYMIDINE KINASE'
2 non-polymer 'ZINC ION'
3 non-polymer "THYMIDINE-5'-TRIPHOSPHATE"
4 non-polymer 'MAGNESIUM ION'
5 water water
#
_entity_poly.entity_id   1
_entity_poly.type   'polypeptide(L)'
_entity_poly.pdbx_seq_one_letter_code
;MSGHHHHHHFRGRIELIIGPMFAGKTTELMRRVKREIHARRSCFVIKYSKDTRYDEHNVASHDQLMLRAQAAVSQLTEVR
DTWKRFDVLAIDEGQFFSDLVDFCNTAADAGKVVMVSALDGDYRRKPFGQICELVPYCEAVDKLTAVCMMCHEQPACFTR
RTVNVEQQELIGGADMYIATCRECYSKQQLP
;
_entity_poly.pdbx_strand_id   A,B,C,D,E,F,G,H
#
loop_
_chem_comp.id
_chem_comp.type
_chem_comp.name
_chem_comp.formula
MG non-polymer 'MAGNESIUM ION' 'Mg 2'
TTP non-polymer THYMIDINE-5'-TRIPHOSPHATE 'C10 H17 N2 O14 P3'
ZN non-polymer 'ZINC ION' 'Zn 2'
#
# COMPACT_ATOMS: atom_id res chain seq x y z
N ARG A 11 -30.37 -18.67 -17.62
CA ARG A 11 -30.74 -18.73 -19.06
C ARG A 11 -29.58 -19.23 -19.95
N GLY A 12 -29.35 -18.49 -21.03
CA GLY A 12 -28.48 -18.92 -22.09
C GLY A 12 -27.10 -18.32 -21.93
N ARG A 13 -26.13 -18.96 -22.55
CA ARG A 13 -24.74 -18.57 -22.42
C ARG A 13 -23.81 -19.29 -23.39
N ILE A 14 -22.58 -18.78 -23.46
CA ILE A 14 -21.50 -19.43 -24.20
C ILE A 14 -20.35 -19.74 -23.25
N GLU A 15 -19.87 -20.99 -23.27
CA GLU A 15 -18.71 -21.41 -22.50
C GLU A 15 -17.61 -21.86 -23.45
N LEU A 16 -16.38 -21.45 -23.19
CA LEU A 16 -15.29 -21.76 -24.09
C LEU A 16 -14.21 -22.55 -23.35
N ILE A 17 -13.74 -23.61 -24.00
CA ILE A 17 -12.72 -24.51 -23.47
C ILE A 17 -11.58 -24.50 -24.47
N ILE A 18 -10.45 -23.97 -24.02
CA ILE A 18 -9.32 -23.76 -24.91
C ILE A 18 -8.06 -24.30 -24.27
N GLY A 19 -6.95 -24.17 -24.99
CA GLY A 19 -5.67 -24.69 -24.55
C GLY A 19 -5.03 -25.32 -25.75
N PRO A 20 -3.83 -25.87 -25.56
CA PRO A 20 -3.11 -26.49 -26.66
C PRO A 20 -3.65 -27.89 -26.91
N MET A 21 -3.04 -28.58 -27.86
CA MET A 21 -3.34 -29.97 -28.08
C MET A 21 -2.91 -30.80 -26.85
N PHE A 22 -3.56 -31.95 -26.70
CA PHE A 22 -3.23 -32.91 -25.64
C PHE A 22 -3.53 -32.43 -24.22
N ALA A 23 -4.53 -31.56 -24.10
CA ALA A 23 -4.92 -31.00 -22.81
C ALA A 23 -6.20 -31.60 -22.29
N GLY A 24 -6.93 -32.30 -23.13
CA GLY A 24 -8.20 -32.90 -22.73
C GLY A 24 -9.40 -31.97 -22.87
N LYS A 25 -9.31 -30.99 -23.77
CA LYS A 25 -10.44 -30.10 -24.06
C LYS A 25 -11.69 -30.88 -24.49
N THR A 26 -11.57 -31.74 -25.48
CA THR A 26 -12.70 -32.55 -25.92
C THR A 26 -13.26 -33.37 -24.75
N THR A 27 -12.37 -34.04 -24.02
CA THR A 27 -12.77 -34.72 -22.79
C THR A 27 -13.67 -33.82 -21.92
N GLU A 28 -13.19 -32.61 -21.61
CA GLU A 28 -13.91 -31.69 -20.71
C GLU A 28 -15.24 -31.31 -21.30
N LEU A 29 -15.27 -31.09 -22.61
CA LEU A 29 -16.52 -30.78 -23.29
C LEU A 29 -17.56 -31.88 -23.02
N MET A 30 -17.12 -33.12 -23.13
CA MET A 30 -18.03 -34.25 -23.01
C MET A 30 -18.43 -34.50 -21.56
N ARG A 31 -17.55 -34.15 -20.63
CA ARG A 31 -17.89 -34.24 -19.20
C ARG A 31 -19.09 -33.37 -18.91
N ARG A 32 -19.05 -32.17 -19.46
CA ARG A 32 -20.12 -31.20 -19.27
C ARG A 32 -21.37 -31.68 -19.96
N VAL A 33 -21.22 -32.26 -21.13
CA VAL A 33 -22.36 -32.87 -21.82
C VAL A 33 -23.04 -33.96 -20.98
N LYS A 34 -22.27 -34.92 -20.47
CA LYS A 34 -22.86 -36.04 -19.68
C LYS A 34 -23.58 -35.51 -18.46
N ARG A 35 -22.99 -34.50 -17.83
CA ARG A 35 -23.55 -33.80 -16.70
C ARG A 35 -24.98 -33.33 -16.98
N GLU A 36 -25.18 -32.74 -18.16
CA GLU A 36 -26.48 -32.19 -18.58
C GLU A 36 -27.48 -33.29 -18.88
N ILE A 37 -27.00 -34.36 -19.50
CA ILE A 37 -27.82 -35.52 -19.83
C ILE A 37 -28.42 -36.19 -18.59
N HIS A 38 -27.61 -36.36 -17.56
CA HIS A 38 -28.12 -36.89 -16.29
C HIS A 38 -29.26 -36.09 -15.72
N ALA A 39 -29.32 -34.82 -16.07
CA ALA A 39 -30.39 -33.96 -15.63
C ALA A 39 -31.48 -33.93 -16.69
N ARG A 40 -31.49 -34.95 -17.55
CA ARG A 40 -32.49 -35.06 -18.57
C ARG A 40 -32.58 -33.78 -19.43
N ARG A 41 -31.44 -33.16 -19.70
CA ARG A 41 -31.41 -31.99 -20.56
C ARG A 41 -30.84 -32.43 -21.94
N SER A 42 -31.48 -31.98 -23.02
CA SER A 42 -31.17 -32.52 -24.35
C SER A 42 -29.93 -31.82 -24.94
N CYS A 43 -29.00 -32.62 -25.46
CA CYS A 43 -27.74 -32.10 -26.01
C CYS A 43 -27.51 -32.50 -27.46
N PHE A 44 -26.88 -31.57 -28.18
CA PHE A 44 -26.59 -31.72 -29.58
C PHE A 44 -25.11 -31.41 -29.78
N VAL A 45 -24.35 -32.47 -30.02
CA VAL A 45 -22.89 -32.38 -30.15
C VAL A 45 -22.52 -32.20 -31.61
N ILE A 46 -21.77 -31.15 -31.91
CA ILE A 46 -21.41 -30.83 -33.28
C ILE A 46 -19.90 -30.92 -33.46
N LYS A 47 -19.46 -31.86 -34.28
CA LYS A 47 -18.04 -32.04 -34.58
C LYS A 47 -17.73 -31.50 -35.99
N TYR A 48 -16.45 -31.43 -36.34
CA TYR A 48 -16.01 -30.88 -37.64
C TYR A 48 -15.54 -31.96 -38.61
N SER A 49 -15.69 -31.67 -39.91
CA SER A 49 -15.17 -32.47 -41.00
C SER A 49 -14.52 -31.61 -42.12
N ASP A 63 -24.07 -44.32 -24.29
CA ASP A 63 -25.35 -43.67 -24.57
C ASP A 63 -26.20 -43.53 -23.30
N GLN A 64 -27.30 -42.80 -23.44
CA GLN A 64 -28.34 -42.70 -22.44
C GLN A 64 -29.67 -43.01 -23.17
N LEU A 65 -30.79 -42.86 -22.46
CA LEU A 65 -32.14 -42.85 -23.06
C LEU A 65 -32.84 -41.48 -22.86
N MET A 66 -32.17 -40.45 -23.35
CA MET A 66 -32.62 -39.05 -23.33
C MET A 66 -32.69 -38.59 -24.80
N LEU A 67 -32.96 -37.31 -25.07
CA LEU A 67 -32.73 -36.72 -26.40
C LEU A 67 -31.27 -36.22 -26.68
N ARG A 68 -30.53 -36.96 -27.52
CA ARG A 68 -29.11 -36.70 -27.77
C ARG A 68 -28.79 -36.85 -29.24
N ALA A 69 -28.10 -35.85 -29.80
CA ALA A 69 -27.79 -35.82 -31.23
C ALA A 69 -26.32 -35.50 -31.50
N GLN A 70 -25.83 -35.93 -32.66
CA GLN A 70 -24.43 -35.80 -32.99
C GLN A 70 -24.28 -35.59 -34.48
N ALA A 71 -23.83 -34.40 -34.86
CA ALA A 71 -23.60 -34.05 -36.26
C ALA A 71 -22.12 -33.90 -36.54
N ALA A 72 -21.75 -34.03 -37.82
CA ALA A 72 -20.39 -33.75 -38.29
C ALA A 72 -20.50 -32.98 -39.60
N VAL A 73 -19.91 -31.79 -39.66
CA VAL A 73 -20.23 -30.86 -40.73
C VAL A 73 -19.05 -29.92 -40.95
N SER A 74 -19.10 -29.20 -42.05
CA SER A 74 -18.04 -28.27 -42.43
C SER A 74 -18.34 -26.81 -42.06
N GLN A 75 -19.62 -26.45 -42.05
CA GLN A 75 -20.07 -25.11 -41.70
C GLN A 75 -21.36 -25.24 -40.92
N LEU A 76 -21.52 -24.43 -39.89
CA LEU A 76 -22.65 -24.60 -38.95
C LEU A 76 -24.03 -24.31 -39.57
N THR A 77 -24.04 -23.60 -40.69
CA THR A 77 -25.26 -23.39 -41.47
C THR A 77 -25.87 -24.73 -41.88
N GLU A 78 -25.02 -25.75 -42.04
CA GLU A 78 -25.45 -27.10 -42.43
C GLU A 78 -26.35 -27.83 -41.41
N VAL A 79 -26.55 -27.21 -40.27
CA VAL A 79 -27.38 -27.75 -39.20
C VAL A 79 -28.77 -27.12 -39.28
N ARG A 80 -28.89 -26.07 -40.08
CA ARG A 80 -30.16 -25.37 -40.29
C ARG A 80 -30.78 -24.90 -38.96
N ASP A 81 -31.98 -25.39 -38.65
CA ASP A 81 -32.69 -25.00 -37.42
C ASP A 81 -32.73 -26.15 -36.41
N THR A 82 -31.96 -27.21 -36.68
CA THR A 82 -32.02 -28.42 -35.85
C THR A 82 -31.79 -28.12 -34.38
N TRP A 83 -30.83 -27.23 -34.13
CA TRP A 83 -30.43 -26.82 -32.78
C TRP A 83 -31.54 -26.23 -31.91
N LYS A 84 -32.57 -25.67 -32.54
CA LYS A 84 -33.69 -25.07 -31.80
C LYS A 84 -34.39 -26.05 -30.87
N ARG A 85 -34.39 -27.33 -31.24
CA ARG A 85 -35.03 -28.35 -30.42
C ARG A 85 -34.20 -28.73 -29.18
N PHE A 86 -32.96 -28.25 -29.10
CA PHE A 86 -32.04 -28.71 -28.06
C PHE A 86 -31.77 -27.72 -26.94
N ASP A 87 -31.48 -28.27 -25.76
CA ASP A 87 -31.19 -27.47 -24.58
C ASP A 87 -29.75 -26.97 -24.58
N VAL A 88 -28.84 -27.81 -25.07
CA VAL A 88 -27.42 -27.64 -24.90
C VAL A 88 -26.70 -27.93 -26.21
N LEU A 89 -25.88 -26.99 -26.67
CA LEU A 89 -25.08 -27.21 -27.89
C LEU A 89 -23.62 -27.34 -27.52
N ALA A 90 -23.00 -28.44 -27.93
CA ALA A 90 -21.58 -28.69 -27.70
C ALA A 90 -20.89 -28.71 -29.04
N ILE A 91 -19.97 -27.79 -29.26
CA ILE A 91 -19.28 -27.69 -30.54
C ILE A 91 -17.81 -28.00 -30.30
N ASP A 92 -17.33 -29.12 -30.86
CA ASP A 92 -15.92 -29.51 -30.71
C ASP A 92 -15.14 -29.05 -31.95
N GLU A 93 -13.84 -28.77 -31.77
CA GLU A 93 -12.96 -28.22 -32.81
C GLU A 93 -13.56 -26.95 -33.42
N GLY A 94 -14.13 -26.11 -32.55
CA GLY A 94 -14.80 -24.85 -32.98
C GLY A 94 -13.98 -23.92 -33.87
N GLN A 95 -12.67 -24.02 -33.75
CA GLN A 95 -11.79 -23.17 -34.52
C GLN A 95 -11.96 -23.27 -36.05
N PHE A 96 -12.47 -24.42 -36.52
CA PHE A 96 -12.60 -24.67 -37.96
C PHE A 96 -13.91 -24.16 -38.55
N PHE A 97 -14.82 -23.65 -37.72
CA PHE A 97 -16.10 -23.14 -38.23
C PHE A 97 -16.08 -21.62 -38.42
N SER A 98 -16.21 -21.17 -39.65
CA SER A 98 -16.13 -19.75 -39.98
C SER A 98 -17.30 -18.92 -39.47
N ASP A 99 -18.43 -19.57 -39.18
CA ASP A 99 -19.65 -18.91 -38.72
C ASP A 99 -19.89 -19.07 -37.23
N LEU A 100 -18.81 -19.30 -36.49
CA LEU A 100 -18.87 -19.69 -35.09
C LEU A 100 -19.56 -18.65 -34.21
N VAL A 101 -19.09 -17.41 -34.32
CA VAL A 101 -19.51 -16.34 -33.41
C VAL A 101 -21.01 -16.09 -33.55
N ASP A 102 -21.44 -15.70 -34.75
CA ASP A 102 -22.85 -15.43 -35.03
C ASP A 102 -23.73 -16.61 -34.61
N PHE A 103 -23.23 -17.83 -34.83
CA PHE A 103 -24.03 -19.03 -34.54
C PHE A 103 -24.22 -19.23 -33.06
N CYS A 104 -23.11 -19.17 -32.33
CA CYS A 104 -23.15 -19.36 -30.88
C CYS A 104 -24.01 -18.29 -30.23
N ASN A 105 -23.83 -17.05 -30.67
CA ASN A 105 -24.61 -15.92 -30.18
C ASN A 105 -26.11 -16.04 -30.43
N THR A 106 -26.50 -16.23 -31.70
CA THR A 106 -27.93 -16.41 -32.04
C THR A 106 -28.54 -17.48 -31.13
N ALA A 107 -27.79 -18.57 -30.90
CA ALA A 107 -28.26 -19.69 -30.06
C ALA A 107 -28.33 -19.35 -28.58
N ALA A 108 -27.26 -18.75 -28.07
CA ALA A 108 -27.19 -18.35 -26.68
C ALA A 108 -28.30 -17.34 -26.34
N ASP A 109 -28.53 -16.42 -27.27
CA ASP A 109 -29.58 -15.42 -27.13
C ASP A 109 -30.96 -16.07 -27.11
N ALA A 110 -31.11 -17.18 -27.84
CA ALA A 110 -32.35 -17.95 -27.80
C ALA A 110 -32.55 -18.69 -26.47
N GLY A 111 -31.54 -18.68 -25.62
CA GLY A 111 -31.61 -19.31 -24.31
C GLY A 111 -30.88 -20.64 -24.21
N LYS A 112 -30.03 -20.91 -25.21
CA LYS A 112 -29.32 -22.19 -25.32
C LYS A 112 -27.98 -22.16 -24.57
N VAL A 113 -27.65 -23.28 -23.92
CA VAL A 113 -26.31 -23.44 -23.35
C VAL A 113 -25.34 -23.90 -24.43
N VAL A 114 -24.54 -22.99 -24.92
CA VAL A 114 -23.57 -23.30 -25.97
C VAL A 114 -22.20 -23.49 -25.35
N MET A 115 -21.56 -24.62 -25.65
CA MET A 115 -20.23 -24.94 -25.15
C MET A 115 -19.32 -25.25 -26.31
N VAL A 116 -18.10 -24.73 -26.27
CA VAL A 116 -17.19 -24.80 -27.41
C VAL A 116 -15.81 -25.22 -26.93
N SER A 117 -15.30 -26.30 -27.51
CA SER A 117 -13.94 -26.72 -27.25
C SER A 117 -13.13 -26.37 -28.49
N ALA A 118 -11.96 -25.73 -28.29
CA ALA A 118 -11.15 -25.29 -29.43
C ALA A 118 -9.70 -25.03 -29.09
N LEU A 119 -8.86 -25.00 -30.11
CA LEU A 119 -7.51 -24.44 -29.99
C LEU A 119 -7.69 -22.92 -30.09
N ASP A 120 -7.19 -22.21 -29.08
CA ASP A 120 -7.16 -20.75 -29.11
C ASP A 120 -6.11 -20.22 -30.08
N GLY A 121 -4.98 -20.92 -30.15
CA GLY A 121 -3.90 -20.56 -31.06
C GLY A 121 -3.35 -21.76 -31.85
N ASP A 122 -2.85 -21.46 -33.05
CA ASP A 122 -2.27 -22.46 -33.93
C ASP A 122 -0.81 -22.76 -33.56
N TYR A 123 -0.10 -23.44 -34.47
CA TYR A 123 1.24 -23.92 -34.20
C TYR A 123 2.24 -22.81 -34.17
N ARG A 124 1.91 -21.69 -34.79
CA ARG A 124 2.72 -20.47 -34.75
C ARG A 124 2.18 -19.46 -33.70
N ARG A 125 1.27 -19.90 -32.85
CA ARG A 125 0.62 -19.04 -31.82
C ARG A 125 -0.23 -17.89 -32.36
N LYS A 126 -0.63 -17.95 -33.62
CA LYS A 126 -1.53 -16.94 -34.14
C LYS A 126 -2.97 -17.37 -33.81
N PRO A 127 -3.88 -16.40 -33.61
CA PRO A 127 -5.28 -16.73 -33.33
C PRO A 127 -5.87 -17.72 -34.34
N PHE A 128 -6.44 -18.80 -33.84
CA PHE A 128 -6.95 -19.85 -34.71
C PHE A 128 -8.46 -19.69 -34.95
N GLY A 129 -8.81 -19.43 -36.20
CA GLY A 129 -10.21 -19.22 -36.56
C GLY A 129 -10.79 -18.01 -35.85
N GLN A 130 -12.08 -18.12 -35.51
CA GLN A 130 -12.80 -17.06 -34.84
C GLN A 130 -12.79 -17.21 -33.31
N ILE A 131 -11.83 -17.95 -32.76
CA ILE A 131 -11.87 -18.30 -31.34
C ILE A 131 -11.56 -17.12 -30.45
N CYS A 132 -10.43 -16.45 -30.70
CA CYS A 132 -10.10 -15.24 -29.95
C CYS A 132 -11.20 -14.16 -30.08
N GLU A 133 -11.75 -14.01 -31.29
CA GLU A 133 -12.90 -13.13 -31.53
C GLU A 133 -14.19 -13.49 -30.75
N LEU A 134 -14.32 -14.77 -30.37
CA LEU A 134 -15.49 -15.26 -29.62
C LEU A 134 -15.42 -14.95 -28.13
N VAL A 135 -14.21 -14.71 -27.64
CA VAL A 135 -13.97 -14.54 -26.22
C VAL A 135 -14.83 -13.44 -25.58
N PRO A 136 -14.86 -12.25 -26.20
CA PRO A 136 -15.71 -11.19 -25.64
C PRO A 136 -17.18 -11.56 -25.43
N TYR A 137 -17.67 -12.54 -26.18
CA TYR A 137 -19.06 -13.01 -26.07
C TYR A 137 -19.29 -14.15 -25.05
N CYS A 138 -18.22 -14.64 -24.43
CA CYS A 138 -18.32 -15.80 -23.54
C CYS A 138 -18.58 -15.43 -22.09
N GLU A 139 -19.52 -16.14 -21.47
CA GLU A 139 -19.75 -16.03 -20.02
C GLU A 139 -18.67 -16.77 -19.23
N ALA A 140 -17.93 -17.65 -19.89
CA ALA A 140 -16.86 -18.38 -19.22
C ALA A 140 -15.81 -18.84 -20.21
N VAL A 141 -14.56 -18.82 -19.76
CA VAL A 141 -13.42 -19.26 -20.58
C VAL A 141 -12.46 -20.03 -19.71
N ASP A 142 -12.34 -21.33 -19.98
CA ASP A 142 -11.39 -22.16 -19.26
C ASP A 142 -10.30 -22.58 -20.21
N LYS A 143 -9.06 -22.29 -19.84
CA LYS A 143 -7.91 -22.74 -20.64
C LYS A 143 -7.27 -23.91 -19.95
N LEU A 144 -7.23 -25.04 -20.62
CA LEU A 144 -6.64 -26.22 -20.07
C LEU A 144 -5.18 -26.26 -20.46
N THR A 145 -4.39 -26.99 -19.68
CA THR A 145 -2.96 -27.14 -19.96
C THR A 145 -2.65 -28.62 -20.15
N ALA A 146 -1.72 -28.89 -21.07
CA ALA A 146 -1.22 -30.23 -21.31
C ALA A 146 0.01 -30.40 -20.46
N VAL A 147 0.74 -31.48 -20.64
CA VAL A 147 2.05 -31.61 -20.03
C VAL A 147 3.03 -31.45 -21.17
N CYS A 148 4.17 -30.87 -20.89
CA CYS A 148 5.14 -30.63 -21.95
C CYS A 148 5.75 -31.95 -22.38
N MET A 149 5.67 -32.20 -23.68
CA MET A 149 6.07 -33.48 -24.25
C MET A 149 7.54 -33.47 -24.67
N MET A 150 8.20 -32.32 -24.53
CA MET A 150 9.67 -32.25 -24.66
C MET A 150 10.35 -32.46 -23.32
N CYS A 151 10.14 -31.56 -22.36
CA CYS A 151 10.84 -31.65 -21.06
C CYS A 151 10.12 -32.46 -19.98
N HIS A 152 8.87 -32.86 -20.23
CA HIS A 152 8.13 -33.75 -19.31
C HIS A 152 8.02 -33.29 -17.84
N GLU A 153 8.45 -32.08 -17.53
CA GLU A 153 8.48 -31.60 -16.14
C GLU A 153 7.98 -30.14 -16.00
N GLN A 154 6.97 -29.79 -16.79
CA GLN A 154 6.36 -28.45 -16.74
C GLN A 154 5.03 -28.50 -17.50
N PRO A 155 4.03 -27.68 -17.10
CA PRO A 155 2.78 -27.70 -17.83
C PRO A 155 2.96 -27.11 -19.20
N ALA A 156 2.04 -27.42 -20.09
CA ALA A 156 2.17 -27.03 -21.49
C ALA A 156 0.96 -26.25 -21.92
N CYS A 157 1.21 -25.12 -22.55
CA CYS A 157 0.16 -24.21 -22.98
C CYS A 157 0.19 -23.91 -24.48
N PHE A 158 1.24 -24.37 -25.17
CA PHE A 158 1.38 -24.17 -26.63
C PHE A 158 1.49 -25.47 -27.41
N THR A 159 1.17 -25.39 -28.69
CA THR A 159 1.29 -26.54 -29.59
C THR A 159 2.36 -26.31 -30.67
N ARG A 160 3.37 -27.18 -30.71
CA ARG A 160 4.46 -27.09 -31.71
C ARG A 160 4.21 -28.11 -32.82
N ARG A 161 4.47 -27.73 -34.06
CA ARG A 161 4.29 -28.65 -35.21
C ARG A 161 5.63 -29.32 -35.55
N THR A 162 5.62 -30.65 -35.60
CA THR A 162 6.84 -31.43 -35.80
C THR A 162 7.15 -31.72 -37.27
N VAL A 163 6.14 -31.69 -38.15
CA VAL A 163 6.38 -31.80 -39.60
C VAL A 163 6.58 -30.43 -40.23
N ASN A 164 7.18 -30.42 -41.43
CA ASN A 164 7.44 -29.17 -42.12
C ASN A 164 6.37 -28.86 -43.16
N VAL A 165 5.19 -28.48 -42.68
CA VAL A 165 4.12 -27.93 -43.53
C VAL A 165 3.80 -26.51 -43.03
N GLU A 166 3.57 -25.58 -43.95
CA GLU A 166 3.30 -24.17 -43.61
C GLU A 166 1.80 -23.92 -43.40
N GLN A 167 0.96 -24.61 -44.18
CA GLN A 167 -0.50 -24.49 -44.07
C GLN A 167 -0.97 -24.42 -42.64
N GLN A 168 -1.93 -23.53 -42.36
CA GLN A 168 -2.49 -23.47 -41.02
C GLN A 168 -3.37 -24.68 -40.73
N GLU A 169 -4.32 -24.97 -41.61
CA GLU A 169 -5.17 -26.16 -41.44
C GLU A 169 -4.41 -27.40 -41.88
N LEU A 170 -4.01 -28.20 -40.91
CA LEU A 170 -3.46 -29.54 -41.16
C LEU A 170 -3.97 -30.47 -40.07
N ILE A 171 -4.96 -31.29 -40.40
CA ILE A 171 -5.60 -32.18 -39.43
C ILE A 171 -4.69 -33.35 -39.10
N GLY A 172 -4.61 -33.70 -37.82
CA GLY A 172 -3.69 -34.71 -37.34
C GLY A 172 -3.41 -34.67 -35.86
N GLY A 173 -2.57 -35.59 -35.40
CA GLY A 173 -2.33 -35.79 -33.97
C GLY A 173 -0.87 -35.90 -33.59
N ALA A 174 -0.56 -36.88 -32.74
CA ALA A 174 0.75 -36.99 -32.06
C ALA A 174 1.92 -37.14 -33.00
N ASP A 175 1.67 -37.67 -34.19
CA ASP A 175 2.71 -37.81 -35.22
C ASP A 175 3.09 -36.47 -35.91
N MET A 176 2.28 -35.43 -35.72
CA MET A 176 2.48 -34.14 -36.37
C MET A 176 2.52 -32.92 -35.44
N TYR A 177 2.19 -33.13 -34.16
CA TYR A 177 2.17 -32.04 -33.19
C TYR A 177 2.64 -32.48 -31.82
N ILE A 178 3.20 -31.53 -31.08
CA ILE A 178 3.60 -31.75 -29.69
C ILE A 178 3.14 -30.57 -28.84
N ALA A 179 2.70 -30.86 -27.62
CA ALA A 179 2.35 -29.84 -26.66
C ALA A 179 3.60 -29.46 -25.90
N THR A 180 3.80 -28.15 -25.72
CA THR A 180 5.02 -27.66 -25.09
C THR A 180 4.81 -26.54 -24.10
N CYS A 181 5.83 -26.36 -23.25
CA CYS A 181 5.91 -25.19 -22.40
C CYS A 181 6.55 -24.02 -23.18
N ARG A 182 6.83 -22.92 -22.50
CA ARG A 182 7.42 -21.74 -23.16
C ARG A 182 8.85 -21.97 -23.63
N GLU A 183 9.74 -22.30 -22.69
CA GLU A 183 11.13 -22.58 -23.01
C GLU A 183 11.22 -23.53 -24.20
N CYS A 184 10.52 -24.65 -24.10
CA CYS A 184 10.61 -25.73 -25.09
C CYS A 184 10.13 -25.32 -26.46
N TYR A 185 9.14 -24.43 -26.50
CA TYR A 185 8.53 -24.02 -27.75
C TYR A 185 9.56 -23.41 -28.72
N SER A 186 10.56 -22.72 -28.19
CA SER A 186 11.65 -22.13 -28.99
C SER A 186 12.88 -23.05 -29.22
N LYS A 187 12.98 -24.15 -28.48
CA LYS A 187 14.07 -25.15 -28.61
C LYS A 187 13.84 -26.09 -29.84
N GLN A 188 14.71 -27.10 -30.02
CA GLN A 188 14.51 -28.21 -31.02
C GLN A 188 15.57 -29.29 -30.79
N GLN A 189 15.48 -30.52 -31.32
CA GLN A 189 14.40 -31.11 -32.14
C GLN A 189 13.81 -32.35 -31.45
N LEU A 190 14.64 -33.00 -30.61
CA LEU A 190 14.23 -34.08 -29.74
C LEU A 190 13.16 -33.60 -28.77
N ARG B 11 9.82 -21.11 -14.29
CA ARG B 11 10.44 -19.97 -15.01
C ARG B 11 9.38 -18.85 -15.33
N GLY B 12 9.41 -18.39 -16.57
CA GLY B 12 8.68 -17.22 -16.98
C GLY B 12 7.38 -17.56 -17.63
N ARG B 13 6.46 -16.61 -17.63
CA ARG B 13 5.12 -16.85 -18.14
C ARG B 13 4.31 -15.57 -18.27
N ILE B 14 3.16 -15.72 -18.93
CA ILE B 14 2.16 -14.67 -19.02
C ILE B 14 0.85 -15.17 -18.40
N GLU B 15 0.26 -14.37 -17.50
CA GLU B 15 -1.06 -14.64 -16.95
C GLU B 15 -2.01 -13.50 -17.31
N LEU B 16 -3.23 -13.86 -17.72
CA LEU B 16 -4.20 -12.86 -18.20
C LEU B 16 -5.46 -12.88 -17.33
N ILE B 17 -5.90 -11.70 -16.93
CA ILE B 17 -7.08 -11.52 -16.09
C ILE B 17 -8.03 -10.62 -16.85
N ILE B 18 -9.17 -11.17 -17.24
CA ILE B 18 -10.10 -10.50 -18.12
C ILE B 18 -11.48 -10.65 -17.57
N GLY B 19 -12.43 -10.05 -18.28
CA GLY B 19 -13.82 -9.94 -17.82
C GLY B 19 -14.31 -8.53 -18.12
N PRO B 20 -15.57 -8.25 -17.82
CA PRO B 20 -16.12 -6.93 -18.02
C PRO B 20 -15.67 -5.95 -16.94
N MET B 21 -16.18 -4.73 -17.02
CA MET B 21 -15.94 -3.77 -15.95
C MET B 21 -16.65 -4.24 -14.67
N PHE B 22 -16.14 -3.77 -13.53
CA PHE B 22 -16.75 -4.01 -12.21
C PHE B 22 -16.67 -5.47 -11.76
N ALA B 23 -15.64 -6.18 -12.24
CA ALA B 23 -15.45 -7.59 -11.90
C ALA B 23 -14.33 -7.80 -10.89
N GLY B 24 -13.52 -6.76 -10.67
CA GLY B 24 -12.43 -6.83 -9.71
C GLY B 24 -11.13 -7.37 -10.31
N LYS B 25 -10.99 -7.22 -11.63
CA LYS B 25 -9.75 -7.60 -12.31
C LYS B 25 -8.52 -6.94 -11.67
N THR B 26 -8.57 -5.61 -11.56
CA THR B 26 -7.46 -4.88 -10.97
C THR B 26 -7.18 -5.41 -9.55
N THR B 27 -8.23 -5.52 -8.75
CA THR B 27 -8.13 -6.13 -7.44
C THR B 27 -7.32 -7.44 -7.53
N GLU B 28 -7.73 -8.34 -8.43
CA GLU B 28 -7.11 -9.69 -8.53
C GLU B 28 -5.65 -9.57 -8.95
N LEU B 29 -5.36 -8.63 -9.84
CA LEU B 29 -3.96 -8.34 -10.24
C LEU B 29 -3.14 -7.99 -9.03
N MET B 30 -3.68 -7.16 -8.16
CA MET B 30 -2.91 -6.69 -7.00
C MET B 30 -2.80 -7.74 -5.90
N ARG B 31 -3.81 -8.61 -5.80
CA ARG B 31 -3.74 -9.78 -4.90
C ARG B 31 -2.53 -10.64 -5.22
N ARG B 32 -2.36 -10.92 -6.50
CA ARG B 32 -1.24 -11.69 -7.01
C ARG B 32 0.07 -10.93 -6.77
N VAL B 33 0.06 -9.61 -6.96
CA VAL B 33 1.25 -8.80 -6.67
C VAL B 33 1.67 -8.90 -5.20
N LYS B 34 0.72 -8.71 -4.28
CA LYS B 34 1.03 -8.75 -2.83
C LYS B 34 1.58 -10.11 -2.41
N ARG B 35 1.00 -11.15 -2.99
CA ARG B 35 1.45 -12.53 -2.86
C ARG B 35 2.95 -12.69 -3.13
N GLU B 36 3.40 -12.09 -4.23
CA GLU B 36 4.81 -12.16 -4.66
C GLU B 36 5.71 -11.35 -3.74
N ILE B 37 5.22 -10.18 -3.32
CA ILE B 37 5.98 -9.31 -2.44
C ILE B 37 6.26 -9.97 -1.10
N HIS B 38 5.27 -10.65 -0.53
CA HIS B 38 5.48 -11.39 0.72
C HIS B 38 6.63 -12.39 0.60
N ALA B 39 6.90 -12.84 -0.62
CA ALA B 39 7.97 -13.77 -0.86
C ALA B 39 9.19 -13.02 -1.28
N ARG B 40 9.23 -11.74 -0.95
CA ARG B 40 10.37 -10.90 -1.22
C ARG B 40 10.76 -10.93 -2.70
N ARG B 41 9.77 -10.99 -3.59
CA ARG B 41 10.05 -10.92 -5.03
C ARG B 41 9.66 -9.54 -5.53
N SER B 42 10.49 -8.98 -6.41
CA SER B 42 10.34 -7.58 -6.77
C SER B 42 9.32 -7.44 -7.89
N CYS B 43 8.39 -6.50 -7.72
CA CYS B 43 7.31 -6.28 -8.67
C CYS B 43 7.27 -4.86 -9.22
N PHE B 44 6.87 -4.75 -10.49
CA PHE B 44 6.83 -3.51 -11.23
C PHE B 44 5.45 -3.41 -11.86
N VAL B 45 4.63 -2.55 -11.28
CA VAL B 45 3.24 -2.37 -11.67
C VAL B 45 3.13 -1.24 -12.68
N ILE B 46 2.57 -1.55 -13.84
CA ILE B 46 2.51 -0.60 -14.94
C ILE B 46 1.06 -0.29 -15.25
N LYS B 47 0.67 0.95 -15.03
CA LYS B 47 -0.68 1.40 -15.31
C LYS B 47 -0.68 2.23 -16.60
N TYR B 48 -1.86 2.57 -17.10
CA TYR B 48 -2.03 3.36 -18.33
C TYR B 48 -2.58 4.74 -17.94
N SER B 49 -3.58 4.75 -17.04
CA SER B 49 -4.59 5.84 -16.79
C SER B 49 -4.78 6.85 -17.94
N SER B 61 1.34 1.46 -0.53
CA SER B 61 0.87 2.51 0.37
C SER B 61 1.53 2.40 1.77
N HIS B 62 2.56 1.56 1.88
CA HIS B 62 3.37 1.41 3.11
C HIS B 62 4.81 1.78 2.77
N ASP B 63 5.60 1.96 3.83
CA ASP B 63 6.95 2.52 3.70
C ASP B 63 8.01 1.42 3.59
N GLN B 64 7.56 0.18 3.37
CA GLN B 64 8.44 -1.01 3.19
C GLN B 64 8.14 -1.73 1.85
N LEU B 65 7.29 -1.11 1.02
CA LEU B 65 7.08 -1.54 -0.38
C LEU B 65 7.95 -0.68 -1.30
N MET B 66 9.25 -0.82 -1.05
CA MET B 66 10.35 -0.45 -1.94
C MET B 66 10.88 -1.75 -2.54
N LEU B 67 9.92 -2.62 -2.74
CA LEU B 67 10.10 -3.91 -3.28
C LEU B 67 9.21 -3.83 -4.50
N ARG B 68 8.79 -2.62 -4.80
CA ARG B 68 7.66 -2.39 -5.70
C ARG B 68 7.78 -1.00 -6.39
N ALA B 69 7.70 -1.03 -7.71
CA ALA B 69 7.80 0.13 -8.57
C ALA B 69 6.48 0.27 -9.26
N GLN B 70 6.17 1.49 -9.66
CA GLN B 70 4.88 1.80 -10.23
C GLN B 70 5.04 2.89 -11.27
N ALA B 71 4.80 2.54 -12.53
CA ALA B 71 4.87 3.49 -13.63
C ALA B 71 3.48 3.76 -14.19
N ALA B 72 3.34 4.89 -14.85
CA ALA B 72 2.12 5.21 -15.58
C ALA B 72 2.55 5.77 -16.93
N VAL B 73 2.09 5.15 -18.01
CA VAL B 73 2.73 5.26 -19.29
C VAL B 73 1.69 5.12 -20.41
N SER B 74 1.98 5.65 -21.61
CA SER B 74 1.06 5.52 -22.76
C SER B 74 1.46 4.37 -23.68
N GLN B 75 2.74 4.05 -23.73
CA GLN B 75 3.25 2.94 -24.54
C GLN B 75 4.35 2.28 -23.74
N LEU B 76 4.42 0.96 -23.78
CA LEU B 76 5.34 0.22 -22.92
C LEU B 76 6.83 0.42 -23.25
N THR B 77 7.10 0.89 -24.46
CA THR B 77 8.45 1.30 -24.86
C THR B 77 9.00 2.38 -23.90
N GLU B 78 8.10 3.17 -23.33
CA GLU B 78 8.45 4.24 -22.38
C GLU B 78 9.05 3.76 -21.05
N VAL B 79 9.11 2.45 -20.85
CA VAL B 79 9.70 1.84 -19.67
C VAL B 79 11.13 1.42 -19.98
N ARG B 80 11.50 1.42 -21.26
CA ARG B 80 12.84 1.08 -21.72
C ARG B 80 13.27 -0.31 -21.21
N ASP B 81 14.33 -0.38 -20.41
CA ASP B 81 14.85 -1.64 -19.88
C ASP B 81 14.59 -1.80 -18.39
N THR B 82 13.79 -0.90 -17.83
CA THR B 82 13.59 -0.85 -16.40
C THR B 82 13.17 -2.20 -15.86
N TRP B 83 12.27 -2.85 -16.60
CA TRP B 83 11.67 -4.13 -16.23
C TRP B 83 12.64 -5.26 -16.02
N LYS B 84 13.80 -5.18 -16.64
CA LYS B 84 14.81 -6.23 -16.52
C LYS B 84 15.25 -6.46 -15.06
N ARG B 85 15.19 -5.41 -14.25
CA ARG B 85 15.59 -5.48 -12.85
C ARG B 85 14.50 -6.07 -11.98
N PHE B 86 13.35 -6.41 -12.56
CA PHE B 86 12.22 -6.93 -11.76
C PHE B 86 11.88 -8.42 -11.97
N ASP B 87 11.34 -9.02 -10.92
CA ASP B 87 10.93 -10.41 -10.94
C ASP B 87 9.57 -10.60 -11.61
N VAL B 88 8.68 -9.64 -11.37
CA VAL B 88 7.28 -9.75 -11.71
C VAL B 88 6.78 -8.48 -12.36
N LEU B 89 6.18 -8.60 -13.53
CA LEU B 89 5.55 -7.43 -14.15
C LEU B 89 4.03 -7.55 -14.09
N ALA B 90 3.39 -6.52 -13.54
CA ALA B 90 1.93 -6.44 -13.49
C ALA B 90 1.49 -5.28 -14.36
N ILE B 91 0.71 -5.57 -15.39
CA ILE B 91 0.27 -4.53 -16.31
C ILE B 91 -1.23 -4.41 -16.18
N ASP B 92 -1.71 -3.26 -15.71
CA ASP B 92 -3.14 -3.04 -15.56
C ASP B 92 -3.64 -2.27 -16.76
N GLU B 93 -4.89 -2.50 -17.13
CA GLU B 93 -5.52 -1.90 -18.32
C GLU B 93 -4.76 -2.21 -19.60
N GLY B 94 -4.26 -3.44 -19.71
CA GLY B 94 -3.39 -3.84 -20.81
C GLY B 94 -3.95 -3.57 -22.21
N GLN B 95 -5.26 -3.48 -22.29
CA GLN B 95 -5.93 -3.29 -23.57
C GLN B 95 -5.49 -2.03 -24.31
N PHE B 96 -5.03 -1.02 -23.56
CA PHE B 96 -4.68 0.27 -24.14
C PHE B 96 -3.25 0.33 -24.68
N PHE B 97 -2.45 -0.71 -24.46
CA PHE B 97 -1.05 -0.69 -24.91
C PHE B 97 -0.86 -1.42 -26.23
N SER B 98 -0.48 -0.68 -27.28
CA SER B 98 -0.40 -1.23 -28.63
C SER B 98 0.77 -2.21 -28.82
N ASP B 99 1.74 -2.15 -27.92
CA ASP B 99 2.92 -3.03 -28.00
C ASP B 99 2.89 -4.18 -26.95
N LEU B 100 1.68 -4.54 -26.53
CA LEU B 100 1.46 -5.46 -25.41
C LEU B 100 2.09 -6.84 -25.65
N VAL B 101 1.76 -7.45 -26.78
CA VAL B 101 2.11 -8.83 -27.05
C VAL B 101 3.63 -9.01 -27.05
N ASP B 102 4.31 -8.31 -27.97
CA ASP B 102 5.77 -8.37 -28.09
C ASP B 102 6.44 -8.08 -26.74
N PHE B 103 5.88 -7.15 -25.98
CA PHE B 103 6.47 -6.73 -24.71
C PHE B 103 6.38 -7.84 -23.66
N CYS B 104 5.16 -8.38 -23.50
CA CYS B 104 4.93 -9.43 -22.51
C CYS B 104 5.75 -10.66 -22.86
N ASN B 105 5.76 -11.01 -24.14
CA ASN B 105 6.57 -12.14 -24.64
C ASN B 105 8.08 -12.00 -24.39
N THR B 106 8.66 -10.89 -24.87
CA THR B 106 10.07 -10.62 -24.71
C THR B 106 10.45 -10.74 -23.22
N ALA B 107 9.56 -10.26 -22.34
CA ALA B 107 9.77 -10.32 -20.88
C ALA B 107 9.63 -11.73 -20.32
N ALA B 108 8.56 -12.40 -20.71
CA ALA B 108 8.29 -13.76 -20.26
C ALA B 108 9.40 -14.71 -20.69
N ASP B 109 9.87 -14.52 -21.91
CA ASP B 109 11.00 -15.29 -22.43
C ASP B 109 12.29 -15.02 -21.61
N ALA B 110 12.46 -13.80 -21.12
CA ALA B 110 13.58 -13.48 -20.23
C ALA B 110 13.46 -14.13 -18.85
N GLY B 111 12.30 -14.74 -18.57
CA GLY B 111 12.08 -15.45 -17.31
C GLY B 111 11.21 -14.69 -16.33
N LYS B 112 10.52 -13.66 -16.82
CA LYS B 112 9.71 -12.77 -15.97
C LYS B 112 8.30 -13.27 -15.82
N VAL B 113 7.73 -13.11 -14.63
CA VAL B 113 6.32 -13.38 -14.43
C VAL B 113 5.52 -12.15 -14.85
N VAL B 114 4.93 -12.21 -16.03
CA VAL B 114 4.13 -11.12 -16.54
C VAL B 114 2.65 -11.39 -16.27
N MET B 115 1.97 -10.43 -15.67
CA MET B 115 0.54 -10.57 -15.36
C MET B 115 -0.17 -9.38 -15.93
N VAL B 116 -1.32 -9.60 -16.54
CA VAL B 116 -2.03 -8.57 -17.27
C VAL B 116 -3.51 -8.59 -16.93
N SER B 117 -4.02 -7.45 -16.45
CA SER B 117 -5.44 -7.29 -16.20
C SER B 117 -5.99 -6.42 -17.32
N ALA B 118 -7.09 -6.85 -17.94
CA ALA B 118 -7.65 -6.14 -19.09
C ALA B 118 -9.11 -6.46 -19.38
N LEU B 119 -9.75 -5.57 -20.14
CA LEU B 119 -11.02 -5.86 -20.77
C LEU B 119 -10.71 -6.66 -22.02
N ASP B 120 -11.33 -7.83 -22.12
CA ASP B 120 -11.18 -8.67 -23.30
C ASP B 120 -11.98 -8.10 -24.47
N GLY B 121 -13.14 -7.51 -24.15
CA GLY B 121 -13.98 -6.87 -25.15
C GLY B 121 -14.45 -5.49 -24.73
N ASP B 122 -14.70 -4.65 -25.72
CA ASP B 122 -15.23 -3.30 -25.49
C ASP B 122 -16.74 -3.29 -25.28
N TYR B 123 -17.32 -2.10 -25.36
CA TYR B 123 -18.76 -1.91 -25.08
C TYR B 123 -19.67 -2.49 -26.15
N ARG B 124 -19.13 -2.66 -27.35
CA ARG B 124 -19.81 -3.34 -28.45
C ARG B 124 -19.39 -4.83 -28.57
N ARG B 125 -18.67 -5.35 -27.57
CA ARG B 125 -18.17 -6.72 -27.58
C ARG B 125 -17.13 -7.05 -28.68
N LYS B 126 -16.51 -6.04 -29.27
CA LYS B 126 -15.43 -6.30 -30.22
C LYS B 126 -14.13 -6.45 -29.42
N PRO B 127 -13.17 -7.27 -29.92
CA PRO B 127 -11.86 -7.42 -29.26
C PRO B 127 -11.19 -6.10 -28.94
N PHE B 128 -10.82 -5.91 -27.68
CA PHE B 128 -10.27 -4.63 -27.22
C PHE B 128 -8.75 -4.65 -27.20
N GLY B 129 -8.15 -3.85 -28.07
CA GLY B 129 -6.70 -3.79 -28.21
C GLY B 129 -6.13 -5.10 -28.68
N GLN B 130 -4.95 -5.43 -28.15
CA GLN B 130 -4.25 -6.66 -28.50
C GLN B 130 -4.55 -7.82 -27.50
N ILE B 131 -5.66 -7.73 -26.76
CA ILE B 131 -5.90 -8.70 -25.69
C ILE B 131 -6.25 -10.10 -26.21
N CYS B 132 -7.24 -10.16 -27.08
CA CYS B 132 -7.59 -11.43 -27.67
C CYS B 132 -6.38 -12.06 -28.40
N GLU B 133 -5.61 -11.23 -29.10
CA GLU B 133 -4.39 -11.71 -29.78
C GLU B 133 -3.32 -12.23 -28.81
N LEU B 134 -3.38 -11.82 -27.53
CA LEU B 134 -2.38 -12.20 -26.51
C LEU B 134 -2.68 -13.57 -25.94
N VAL B 135 -3.93 -14.00 -26.08
CA VAL B 135 -4.41 -15.23 -25.45
C VAL B 135 -3.59 -16.46 -25.83
N PRO B 136 -3.34 -16.67 -27.12
CA PRO B 136 -2.48 -17.81 -27.51
C PRO B 136 -1.12 -17.88 -26.82
N TYR B 137 -0.59 -16.73 -26.36
CA TYR B 137 0.70 -16.67 -25.69
C TYR B 137 0.63 -16.86 -24.16
N CYS B 138 -0.57 -17.00 -23.61
CA CYS B 138 -0.76 -17.04 -22.15
C CYS B 138 -0.72 -18.45 -21.57
N GLU B 139 0.03 -18.61 -20.48
CA GLU B 139 0.03 -19.84 -19.71
C GLU B 139 -1.22 -19.95 -18.86
N ALA B 140 -1.91 -18.85 -18.64
CA ALA B 140 -3.16 -18.87 -17.87
C ALA B 140 -4.06 -17.70 -18.25
N VAL B 141 -5.37 -17.97 -18.25
CA VAL B 141 -6.38 -16.97 -18.55
C VAL B 141 -7.51 -17.17 -17.59
N ASP B 142 -7.71 -16.20 -16.72
CA ASP B 142 -8.86 -16.19 -15.85
C ASP B 142 -9.82 -15.06 -16.26
N LYS B 143 -11.08 -15.41 -16.50
CA LYS B 143 -12.11 -14.42 -16.79
C LYS B 143 -12.96 -14.25 -15.56
N LEU B 144 -13.00 -13.03 -15.03
CA LEU B 144 -13.79 -12.73 -13.87
C LEU B 144 -15.18 -12.25 -14.32
N THR B 145 -16.16 -12.37 -13.43
CA THR B 145 -17.51 -11.93 -13.72
C THR B 145 -17.92 -10.91 -12.71
N ALA B 146 -18.69 -9.93 -13.18
CA ALA B 146 -19.25 -8.89 -12.31
C ALA B 146 -20.63 -9.35 -11.88
N VAL B 147 -21.39 -8.49 -11.22
CA VAL B 147 -22.80 -8.78 -11.03
C VAL B 147 -23.54 -7.86 -11.99
N CYS B 148 -24.67 -8.32 -12.52
CA CYS B 148 -25.41 -7.52 -13.47
C CYS B 148 -26.05 -6.34 -12.75
N MET B 149 -25.74 -5.15 -13.25
CA MET B 149 -26.16 -3.91 -12.62
C MET B 149 -27.52 -3.42 -13.13
N MET B 150 -28.09 -4.14 -14.09
CA MET B 150 -29.47 -3.96 -14.46
C MET B 150 -30.39 -4.86 -13.63
N CYS B 151 -30.30 -6.17 -13.80
CA CYS B 151 -31.22 -7.12 -13.12
C CYS B 151 -30.79 -7.60 -11.74
N HIS B 152 -29.57 -7.28 -11.33
CA HIS B 152 -29.11 -7.53 -9.94
C HIS B 152 -29.22 -8.99 -9.47
N GLU B 153 -29.59 -9.91 -10.36
CA GLU B 153 -29.81 -11.32 -9.99
C GLU B 153 -29.22 -12.31 -11.00
N GLN B 154 -28.06 -11.98 -11.55
CA GLN B 154 -27.35 -12.85 -12.47
C GLN B 154 -25.91 -12.34 -12.62
N PRO B 155 -24.95 -13.25 -12.84
CA PRO B 155 -23.59 -12.76 -13.07
C PRO B 155 -23.47 -11.97 -14.37
N ALA B 156 -22.43 -11.15 -14.46
CA ALA B 156 -22.26 -10.26 -15.59
C ALA B 156 -20.93 -10.48 -16.26
N CYS B 157 -20.96 -10.61 -17.58
CA CYS B 157 -19.76 -10.90 -18.37
C CYS B 157 -19.50 -9.88 -19.46
N PHE B 158 -20.46 -8.96 -19.67
CA PHE B 158 -20.32 -7.87 -20.67
C PHE B 158 -20.41 -6.46 -20.07
N THR B 159 -19.85 -5.50 -20.80
CA THR B 159 -19.90 -4.09 -20.40
C THR B 159 -20.73 -3.26 -21.38
N ARG B 160 -21.78 -2.61 -20.88
CA ARG B 160 -22.66 -1.76 -21.70
C ARG B 160 -22.30 -0.30 -21.46
N ARG B 161 -22.30 0.51 -22.52
CA ARG B 161 -21.99 1.96 -22.40
C ARG B 161 -23.29 2.77 -22.29
N THR B 162 -23.39 3.58 -21.25
CA THR B 162 -24.63 4.29 -20.95
C THR B 162 -24.71 5.67 -21.60
N VAL B 163 -23.56 6.27 -21.94
CA VAL B 163 -23.55 7.52 -22.73
C VAL B 163 -23.50 7.24 -24.23
N ASN B 164 -23.86 8.24 -25.02
CA ASN B 164 -23.85 8.09 -26.48
C ASN B 164 -22.58 8.65 -27.10
N VAL B 165 -21.50 7.89 -26.94
CA VAL B 165 -20.26 8.13 -27.66
C VAL B 165 -19.94 6.89 -28.48
N GLU B 166 -19.47 7.07 -29.71
CA GLU B 166 -19.13 5.96 -30.60
C GLU B 166 -17.70 5.51 -30.43
N GLN B 167 -16.81 6.48 -30.19
CA GLN B 167 -15.39 6.19 -29.98
C GLN B 167 -15.15 4.96 -29.09
N GLN B 168 -14.18 4.14 -29.46
CA GLN B 168 -13.85 2.97 -28.64
C GLN B 168 -13.15 3.36 -27.33
N GLU B 169 -12.08 4.15 -27.43
CA GLU B 169 -11.40 4.64 -26.23
C GLU B 169 -12.17 5.82 -25.60
N LEU B 170 -12.82 5.55 -24.47
CA LEU B 170 -13.44 6.57 -23.65
C LEU B 170 -13.23 6.19 -22.19
N ILE B 171 -12.26 6.84 -21.54
CA ILE B 171 -11.91 6.50 -20.15
C ILE B 171 -12.98 7.00 -19.18
N GLY B 172 -13.31 6.19 -18.19
CA GLY B 172 -14.40 6.47 -17.27
C GLY B 172 -14.89 5.27 -16.50
N GLY B 173 -15.87 5.49 -15.63
CA GLY B 173 -16.38 4.47 -14.73
C GLY B 173 -17.89 4.34 -14.70
N ALA B 174 -18.44 4.25 -13.48
CA ALA B 174 -19.86 3.92 -13.26
C ALA B 174 -20.86 4.89 -13.90
N ASP B 175 -20.46 6.14 -14.09
CA ASP B 175 -21.29 7.15 -14.73
C ASP B 175 -21.40 6.98 -16.27
N MET B 176 -20.53 6.16 -16.86
CA MET B 176 -20.49 5.95 -18.32
C MET B 176 -20.60 4.48 -18.76
N TYR B 177 -20.54 3.54 -17.82
CA TYR B 177 -20.60 2.11 -18.15
C TYR B 177 -21.34 1.29 -17.10
N ILE B 178 -21.93 0.18 -17.54
CA ILE B 178 -22.60 -0.78 -16.65
C ILE B 178 -22.22 -2.19 -17.06
N ALA B 179 -22.03 -3.04 -16.05
CA ALA B 179 -21.76 -4.45 -16.27
C ALA B 179 -23.09 -5.18 -16.36
N THR B 180 -23.20 -6.07 -17.33
CA THR B 180 -24.45 -6.74 -17.60
C THR B 180 -24.32 -8.21 -17.92
N CYS B 181 -25.45 -8.89 -17.78
CA CYS B 181 -25.60 -10.27 -18.26
C CYS B 181 -25.99 -10.24 -19.75
N ARG B 182 -26.30 -11.40 -20.31
CA ARG B 182 -26.62 -11.49 -21.74
C ARG B 182 -27.96 -10.85 -22.08
N GLU B 183 -29.01 -11.35 -21.44
CA GLU B 183 -30.34 -10.80 -21.64
C GLU B 183 -30.31 -9.27 -21.53
N CYS B 184 -29.74 -8.76 -20.44
CA CYS B 184 -29.74 -7.33 -20.13
C CYS B 184 -28.99 -6.48 -21.13
N TYR B 185 -27.92 -7.05 -21.70
CA TYR B 185 -27.08 -6.33 -22.64
C TYR B 185 -27.85 -5.81 -23.86
N SER B 186 -28.86 -6.56 -24.30
CA SER B 186 -29.72 -6.17 -25.44
C SER B 186 -31.05 -5.47 -25.06
N LYS B 187 -31.42 -5.48 -23.78
CA LYS B 187 -32.69 -4.94 -23.33
C LYS B 187 -32.74 -3.43 -23.58
N ARG C 11 8.04 -30.76 -8.47
CA ARG C 11 8.16 -32.05 -7.74
C ARG C 11 6.76 -32.68 -7.43
N GLY C 12 6.59 -33.09 -6.18
CA GLY C 12 5.48 -33.93 -5.78
C GLY C 12 4.36 -33.12 -5.17
N ARG C 13 3.17 -33.69 -5.19
CA ARG C 13 1.97 -32.99 -4.71
C ARG C 13 0.75 -33.87 -4.64
N ILE C 14 -0.30 -33.32 -4.01
CA ILE C 14 -1.61 -33.95 -3.94
C ILE C 14 -2.65 -33.02 -4.56
N GLU C 15 -3.46 -33.55 -5.48
CA GLU C 15 -4.56 -32.81 -6.07
C GLU C 15 -5.86 -33.53 -5.77
N LEU C 16 -6.89 -32.77 -5.39
CA LEU C 16 -8.15 -33.36 -4.98
C LEU C 16 -9.27 -32.87 -5.89
N ILE C 17 -10.08 -33.82 -6.31
CA ILE C 17 -11.23 -33.57 -7.17
C ILE C 17 -12.46 -34.09 -6.42
N ILE C 18 -13.34 -33.15 -6.06
CA ILE C 18 -14.49 -33.46 -5.22
C ILE C 18 -15.73 -32.81 -5.81
N GLY C 19 -16.86 -33.03 -5.14
CA GLY C 19 -18.17 -32.64 -5.63
C GLY C 19 -19.12 -33.78 -5.36
N PRO C 20 -20.40 -33.59 -5.71
CA PRO C 20 -21.37 -34.66 -5.56
C PRO C 20 -21.27 -35.73 -6.66
N MET C 21 -22.17 -36.69 -6.65
CA MET C 21 -22.26 -37.65 -7.72
C MET C 21 -22.71 -36.97 -9.00
N PHE C 22 -22.37 -37.57 -10.13
CA PHE C 22 -22.80 -37.12 -11.46
C PHE C 22 -22.19 -35.78 -11.88
N ALA C 23 -21.00 -35.49 -11.37
CA ALA C 23 -20.31 -34.24 -11.66
C ALA C 23 -19.15 -34.44 -12.63
N GLY C 24 -18.76 -35.70 -12.82
CA GLY C 24 -17.69 -36.05 -13.76
C GLY C 24 -16.31 -36.09 -13.10
N LYS C 25 -16.27 -36.29 -11.78
CA LYS C 25 -14.99 -36.32 -11.05
C LYS C 25 -14.06 -37.37 -11.62
N THR C 26 -14.56 -38.56 -11.76
CA THR C 26 -13.78 -39.65 -12.33
C THR C 26 -13.31 -39.22 -13.73
N THR C 27 -14.24 -38.69 -14.54
CA THR C 27 -13.90 -38.20 -15.88
C THR C 27 -12.67 -37.27 -15.79
N GLU C 28 -12.76 -36.29 -14.92
CA GLU C 28 -11.70 -35.30 -14.76
C GLU C 28 -10.39 -35.98 -14.29
N LEU C 29 -10.48 -36.94 -13.39
CA LEU C 29 -9.31 -37.66 -12.94
C LEU C 29 -8.60 -38.28 -14.15
N MET C 30 -9.38 -38.88 -15.04
CA MET C 30 -8.80 -39.62 -16.16
C MET C 30 -8.29 -38.69 -17.24
N ARG C 31 -8.91 -37.51 -17.34
CA ARG C 31 -8.40 -36.45 -18.25
C ARG C 31 -6.97 -36.07 -17.89
N ARG C 32 -6.76 -35.89 -16.60
CA ARG C 32 -5.45 -35.59 -16.09
C ARG C 32 -4.48 -36.76 -16.29
N VAL C 33 -4.96 -37.97 -16.10
CA VAL C 33 -4.14 -39.15 -16.37
C VAL C 33 -3.67 -39.21 -17.83
N LYS C 34 -4.59 -39.08 -18.78
CA LYS C 34 -4.23 -39.17 -20.22
C LYS C 34 -3.22 -38.07 -20.61
N ARG C 35 -3.42 -36.87 -20.04
CA ARG C 35 -2.43 -35.78 -20.14
C ARG C 35 -1.02 -36.22 -19.85
N GLU C 36 -0.85 -36.91 -18.72
CA GLU C 36 0.46 -37.33 -18.24
C GLU C 36 1.04 -38.39 -19.13
N ILE C 37 0.18 -39.29 -19.57
CA ILE C 37 0.60 -40.38 -20.45
C ILE C 37 1.16 -39.85 -21.77
N HIS C 38 0.50 -38.87 -22.38
CA HIS C 38 0.99 -38.24 -23.61
C HIS C 38 2.40 -37.68 -23.43
N ALA C 39 2.78 -37.37 -22.20
CA ALA C 39 4.12 -36.91 -21.91
C ALA C 39 4.98 -38.06 -21.43
N ARG C 40 4.55 -39.27 -21.77
CA ARG C 40 5.32 -40.48 -21.47
C ARG C 40 5.62 -40.59 -19.99
N ARG C 41 4.70 -40.15 -19.14
CA ARG C 41 4.89 -40.34 -17.70
C ARG C 41 4.03 -41.48 -17.23
N SER C 42 4.56 -42.28 -16.33
CA SER C 42 3.93 -43.55 -15.97
C SER C 42 2.88 -43.32 -14.90
N CYS C 43 1.68 -43.88 -15.11
CA CYS C 43 0.56 -43.70 -14.21
C CYS C 43 0.01 -45.03 -13.67
N PHE C 44 -0.43 -44.96 -12.42
CA PHE C 44 -0.95 -46.09 -11.70
C PHE C 44 -2.30 -45.70 -11.12
N VAL C 45 -3.37 -46.23 -11.71
CA VAL C 45 -4.73 -45.89 -11.37
C VAL C 45 -5.24 -46.87 -10.35
N ILE C 46 -5.71 -46.36 -9.22
CA ILE C 46 -6.14 -47.21 -8.13
C ILE C 46 -7.64 -46.96 -7.86
N LYS C 47 -8.44 -48.00 -8.09
CA LYS C 47 -9.88 -47.94 -7.83
C LYS C 47 -10.18 -48.73 -6.56
N TYR C 48 -11.43 -48.64 -6.10
CA TYR C 48 -11.87 -49.30 -4.86
C TYR C 48 -12.71 -50.55 -5.12
N SER C 49 -12.62 -51.52 -4.23
CA SER C 49 -13.44 -52.73 -4.30
C SER C 49 -13.35 -53.47 -2.97
N LYS C 50 -14.51 -53.79 -2.39
CA LYS C 50 -14.53 -54.34 -1.04
C LYS C 50 -14.07 -55.80 -1.01
N ASP C 51 -14.71 -56.61 -1.86
CA ASP C 51 -14.57 -58.05 -1.92
C ASP C 51 -13.57 -58.57 -3.01
N THR C 52 -13.78 -58.16 -4.26
CA THR C 52 -12.84 -58.47 -5.36
C THR C 52 -11.55 -57.63 -5.24
N ARG C 53 -10.42 -58.19 -5.67
CA ARG C 53 -9.13 -57.50 -5.71
C ARG C 53 -8.39 -57.78 -7.03
N TYR C 54 -8.43 -56.83 -7.99
CA TYR C 54 -7.79 -56.95 -9.31
C TYR C 54 -6.51 -56.12 -9.38
N ASP C 55 -5.58 -56.54 -10.23
CA ASP C 55 -4.22 -55.94 -10.28
C ASP C 55 -3.60 -56.18 -11.66
N GLU C 56 -3.12 -55.18 -12.38
CA GLU C 56 -2.70 -55.41 -13.77
C GLU C 56 -1.63 -54.43 -14.24
N HIS C 57 -0.54 -54.93 -14.84
CA HIS C 57 0.55 -54.09 -15.32
C HIS C 57 0.87 -54.45 -16.78
N ASN C 58 0.92 -53.48 -17.70
CA ASN C 58 1.32 -53.70 -19.10
C ASN C 58 2.56 -52.84 -19.33
N VAL C 59 3.03 -52.79 -20.57
CA VAL C 59 4.10 -51.85 -20.97
C VAL C 59 3.71 -50.99 -22.18
N ALA C 60 4.41 -49.86 -22.39
CA ALA C 60 4.27 -49.02 -23.60
C ALA C 60 5.31 -49.39 -24.67
N LEU C 67 4.98 -48.77 -16.95
CA LEU C 67 4.24 -47.92 -17.89
C LEU C 67 2.80 -47.46 -17.45
N ARG C 68 1.77 -48.32 -17.52
CA ARG C 68 0.40 -47.92 -17.06
C ARG C 68 -0.22 -49.10 -16.36
N ALA C 69 -0.70 -48.85 -15.14
CA ALA C 69 -1.20 -49.89 -14.27
C ALA C 69 -2.51 -49.52 -13.62
N GLN C 70 -3.27 -50.55 -13.22
CA GLN C 70 -4.62 -50.37 -12.76
C GLN C 70 -4.92 -51.43 -11.71
N ALA C 71 -5.05 -50.99 -10.46
CA ALA C 71 -5.37 -51.90 -9.36
C ALA C 71 -6.77 -51.62 -8.83
N ALA C 72 -7.34 -52.61 -8.16
CA ALA C 72 -8.62 -52.48 -7.46
C ALA C 72 -8.46 -53.16 -6.11
N VAL C 73 -8.68 -52.39 -5.05
CA VAL C 73 -8.16 -52.71 -3.75
C VAL C 73 -9.10 -52.20 -2.66
N SER C 74 -9.06 -52.79 -1.46
CA SER C 74 -9.90 -52.33 -0.33
C SER C 74 -9.17 -51.38 0.61
N GLN C 75 -7.85 -51.54 0.71
CA GLN C 75 -6.99 -50.70 1.54
C GLN C 75 -5.71 -50.49 0.77
N LEU C 76 -5.17 -49.28 0.82
CA LEU C 76 -4.03 -48.91 -0.03
C LEU C 76 -2.71 -49.62 0.35
N THR C 77 -2.67 -50.16 1.57
CA THR C 77 -1.59 -51.05 1.99
C THR C 77 -1.42 -52.25 1.04
N GLU C 78 -2.53 -52.67 0.44
CA GLU C 78 -2.57 -53.80 -0.49
C GLU C 78 -1.80 -53.59 -1.81
N VAL C 79 -1.27 -52.38 -2.00
CA VAL C 79 -0.47 -52.04 -3.16
C VAL C 79 1.01 -52.18 -2.82
N ARG C 80 1.30 -52.31 -1.53
CA ARG C 80 2.67 -52.51 -1.04
C ARG C 80 3.60 -51.36 -1.54
N ASP C 81 4.64 -51.70 -2.30
CA ASP C 81 5.60 -50.73 -2.81
C ASP C 81 5.45 -50.49 -4.29
N THR C 82 4.40 -51.03 -4.88
CA THR C 82 4.24 -50.99 -6.32
C THR C 82 4.33 -49.57 -6.86
N TRP C 83 3.69 -48.64 -6.14
CA TRP C 83 3.61 -47.25 -6.52
C TRP C 83 4.94 -46.54 -6.70
N LYS C 84 5.98 -47.03 -6.03
CA LYS C 84 7.31 -46.41 -6.12
C LYS C 84 7.85 -46.35 -7.53
N ARG C 85 7.45 -47.31 -8.36
CA ARG C 85 7.89 -47.34 -9.77
C ARG C 85 7.20 -46.26 -10.63
N PHE C 86 6.16 -45.61 -10.10
CA PHE C 86 5.30 -44.79 -10.93
C PHE C 86 5.47 -43.32 -10.72
N ASP C 87 5.20 -42.55 -11.78
CA ASP C 87 5.32 -41.10 -11.75
C ASP C 87 4.10 -40.46 -11.11
N VAL C 88 2.94 -41.04 -11.38
CA VAL C 88 1.67 -40.41 -11.13
C VAL C 88 0.71 -41.43 -10.52
N LEU C 89 0.13 -41.11 -9.36
CA LEU C 89 -0.86 -41.97 -8.75
C LEU C 89 -2.23 -41.34 -8.85
N ALA C 90 -3.17 -42.07 -9.42
CA ALA C 90 -4.56 -41.61 -9.52
C ALA C 90 -5.42 -42.53 -8.67
N ILE C 91 -6.08 -41.98 -7.68
CA ILE C 91 -6.90 -42.76 -6.78
C ILE C 91 -8.33 -42.30 -6.96
N ASP C 92 -9.18 -43.20 -7.48
CA ASP C 92 -10.60 -42.92 -7.67
C ASP C 92 -11.39 -43.48 -6.50
N GLU C 93 -12.50 -42.82 -6.18
CA GLU C 93 -13.35 -43.15 -5.02
C GLU C 93 -12.55 -43.11 -3.68
N GLY C 94 -11.65 -42.13 -3.55
CA GLY C 94 -10.73 -42.06 -2.42
C GLY C 94 -11.36 -42.12 -1.04
N GLN C 95 -12.61 -41.74 -0.99
CA GLN C 95 -13.34 -41.68 0.26
C GLN C 95 -13.42 -43.02 1.00
N PHE C 96 -13.33 -44.13 0.27
CA PHE C 96 -13.47 -45.44 0.86
C PHE C 96 -12.19 -46.01 1.47
N PHE C 97 -11.05 -45.33 1.27
CA PHE C 97 -9.76 -45.84 1.76
C PHE C 97 -9.40 -45.20 3.10
N SER C 98 -9.34 -46.00 4.15
CA SER C 98 -9.10 -45.48 5.50
C SER C 98 -7.67 -44.99 5.72
N ASP C 99 -6.73 -45.40 4.86
CA ASP C 99 -5.30 -45.01 4.99
C ASP C 99 -4.90 -43.94 3.96
N LEU C 100 -5.88 -43.17 3.50
CA LEU C 100 -5.73 -42.26 2.36
C LEU C 100 -4.66 -41.20 2.62
N VAL C 101 -4.78 -40.50 3.74
CA VAL C 101 -3.96 -39.33 4.03
C VAL C 101 -2.49 -39.72 4.07
N ASP C 102 -2.15 -40.62 5.01
CA ASP C 102 -0.77 -41.09 5.19
C ASP C 102 -0.19 -41.64 3.88
N PHE C 103 -1.03 -42.31 3.09
CA PHE C 103 -0.58 -42.89 1.83
C PHE C 103 -0.24 -41.83 0.79
N CYS C 104 -1.17 -40.88 0.59
CA CYS C 104 -0.98 -39.82 -0.40
C CYS C 104 0.22 -38.98 -0.03
N ASN C 105 0.32 -38.65 1.26
CA ASN C 105 1.46 -37.88 1.78
C ASN C 105 2.82 -38.55 1.61
N THR C 106 2.94 -39.79 2.09
CA THR C 106 4.15 -40.59 1.91
C THR C 106 4.59 -40.56 0.45
N ALA C 107 3.62 -40.72 -0.45
CA ALA C 107 3.89 -40.75 -1.90
C ALA C 107 4.26 -39.39 -2.49
N ALA C 108 3.49 -38.37 -2.12
CA ALA C 108 3.75 -37.01 -2.56
C ALA C 108 5.12 -36.55 -2.09
N ASP C 109 5.45 -36.90 -0.84
CA ASP C 109 6.76 -36.58 -0.26
C ASP C 109 7.89 -37.28 -1.01
N ALA C 110 7.62 -38.47 -1.53
CA ALA C 110 8.58 -39.17 -2.38
C ALA C 110 8.73 -38.53 -3.77
N GLY C 111 7.89 -37.55 -4.08
CA GLY C 111 8.00 -36.80 -5.33
C GLY C 111 6.96 -37.19 -6.35
N LYS C 112 5.92 -37.89 -5.90
CA LYS C 112 4.88 -38.42 -6.78
C LYS C 112 3.77 -37.40 -6.98
N VAL C 113 3.23 -37.35 -8.20
CA VAL C 113 1.99 -36.65 -8.42
C VAL C 113 0.79 -37.52 -8.04
N VAL C 114 0.21 -37.24 -6.88
CA VAL C 114 -0.95 -37.99 -6.39
C VAL C 114 -2.21 -37.20 -6.68
N MET C 115 -3.17 -37.85 -7.32
CA MET C 115 -4.44 -37.22 -7.66
C MET C 115 -5.55 -38.08 -7.12
N VAL C 116 -6.57 -37.44 -6.53
CA VAL C 116 -7.63 -38.15 -5.84
C VAL C 116 -8.99 -37.60 -6.23
N SER C 117 -9.85 -38.48 -6.73
CA SER C 117 -11.25 -38.12 -7.03
C SER C 117 -12.11 -38.73 -5.97
N ALA C 118 -13.01 -37.95 -5.38
CA ALA C 118 -13.81 -38.41 -4.25
C ALA C 118 -15.05 -37.59 -3.98
N LEU C 119 -15.99 -38.19 -3.26
CA LEU C 119 -17.10 -37.47 -2.68
C LEU C 119 -16.55 -36.83 -1.42
N ASP C 120 -16.73 -35.53 -1.33
CA ASP C 120 -16.34 -34.81 -0.10
C ASP C 120 -17.33 -35.07 1.02
N GLY C 121 -18.61 -35.21 0.65
CA GLY C 121 -19.68 -35.52 1.61
C GLY C 121 -20.59 -36.64 1.16
N ASP C 122 -21.15 -37.37 2.13
CA ASP C 122 -22.10 -38.45 1.87
C ASP C 122 -23.51 -37.95 1.63
N TYR C 123 -24.47 -38.86 1.65
CA TYR C 123 -25.85 -38.56 1.29
C TYR C 123 -26.53 -37.71 2.35
N ARG C 124 -26.01 -37.74 3.57
CA ARG C 124 -26.46 -36.83 4.65
C ARG C 124 -25.55 -35.62 4.83
N ARG C 125 -24.66 -35.37 3.88
CA ARG C 125 -23.69 -34.28 3.95
C ARG C 125 -22.64 -34.36 5.06
N LYS C 126 -22.45 -35.53 5.65
CA LYS C 126 -21.38 -35.67 6.65
C LYS C 126 -20.09 -35.94 5.89
N PRO C 127 -18.92 -35.54 6.44
CA PRO C 127 -17.63 -35.78 5.79
C PRO C 127 -17.44 -37.24 5.47
N PHE C 128 -17.13 -37.54 4.22
CA PHE C 128 -17.05 -38.90 3.78
C PHE C 128 -15.61 -39.39 3.85
N GLY C 129 -15.37 -40.36 4.71
CA GLY C 129 -14.04 -40.93 4.87
C GLY C 129 -13.05 -39.90 5.38
N GLN C 130 -11.82 -40.02 4.91
CA GLN C 130 -10.74 -39.09 5.28
C GLN C 130 -10.58 -37.90 4.29
N ILE C 131 -11.62 -37.58 3.52
CA ILE C 131 -11.47 -36.61 2.44
C ILE C 131 -11.33 -35.20 2.96
N CYS C 132 -12.25 -34.78 3.80
CA CYS C 132 -12.15 -33.46 4.41
C CYS C 132 -10.82 -33.31 5.19
N GLU C 133 -10.40 -34.36 5.90
CA GLU C 133 -9.09 -34.37 6.61
C GLU C 133 -7.87 -34.29 5.67
N LEU C 134 -8.04 -34.65 4.40
CA LEU C 134 -6.97 -34.61 3.40
C LEU C 134 -6.74 -33.22 2.84
N VAL C 135 -7.76 -32.38 2.95
CA VAL C 135 -7.75 -31.06 2.31
C VAL C 135 -6.53 -30.19 2.73
N PRO C 136 -6.28 -30.05 4.03
CA PRO C 136 -5.09 -29.34 4.44
C PRO C 136 -3.76 -29.76 3.79
N TYR C 137 -3.67 -31.00 3.32
CA TYR C 137 -2.44 -31.53 2.69
C TYR C 137 -2.37 -31.30 1.19
N CYS C 138 -3.43 -30.73 0.60
CA CYS C 138 -3.54 -30.67 -0.86
C CYS C 138 -3.00 -29.39 -1.44
N GLU C 139 -2.22 -29.51 -2.50
CA GLU C 139 -1.77 -28.35 -3.25
C GLU C 139 -2.87 -27.81 -4.13
N ALA C 140 -3.90 -28.59 -4.38
CA ALA C 140 -5.03 -28.12 -5.19
C ALA C 140 -6.30 -28.87 -4.84
N VAL C 141 -7.42 -28.14 -4.86
CA VAL C 141 -8.73 -28.72 -4.61
C VAL C 141 -9.72 -28.14 -5.59
N ASP C 142 -10.21 -28.97 -6.49
CA ASP C 142 -11.27 -28.57 -7.40
C ASP C 142 -12.56 -29.27 -7.03
N LYS C 143 -13.63 -28.49 -6.82
CA LYS C 143 -14.95 -29.05 -6.56
C LYS C 143 -15.79 -28.92 -7.80
N LEU C 144 -16.23 -30.06 -8.34
CA LEU C 144 -17.02 -30.05 -9.54
C LEU C 144 -18.50 -30.00 -9.14
N THR C 145 -19.33 -29.53 -10.06
CA THR C 145 -20.77 -29.47 -9.82
C THR C 145 -21.48 -30.29 -10.87
N ALA C 146 -22.56 -30.95 -10.45
CA ALA C 146 -23.42 -31.72 -11.34
C ALA C 146 -24.55 -30.79 -11.77
N VAL C 147 -25.56 -31.32 -12.46
CA VAL C 147 -26.78 -30.54 -12.70
C VAL C 147 -27.82 -31.15 -11.79
N CYS C 148 -28.73 -30.32 -11.29
CA CYS C 148 -29.72 -30.81 -10.34
C CYS C 148 -30.70 -31.67 -11.09
N MET C 149 -30.85 -32.89 -10.60
CA MET C 149 -31.66 -33.91 -11.27
C MET C 149 -33.12 -33.89 -10.80
N MET C 150 -33.44 -33.01 -9.86
CA MET C 150 -34.82 -32.70 -9.50
C MET C 150 -35.33 -31.53 -10.34
N CYS C 151 -34.79 -30.33 -10.15
CA CYS C 151 -35.31 -29.15 -10.83
C CYS C 151 -34.70 -28.86 -12.22
N HIS C 152 -33.67 -29.60 -12.60
CA HIS C 152 -33.07 -29.51 -13.94
C HIS C 152 -32.63 -28.08 -14.39
N GLU C 153 -32.67 -27.10 -13.48
CA GLU C 153 -32.41 -25.70 -13.84
C GLU C 153 -31.54 -24.97 -12.80
N GLN C 154 -30.58 -25.69 -12.24
CA GLN C 154 -29.64 -25.12 -11.29
C GLN C 154 -28.47 -26.12 -11.10
N PRO C 155 -27.25 -25.63 -10.83
CA PRO C 155 -26.15 -26.56 -10.61
C PRO C 155 -26.37 -27.35 -9.35
N ALA C 156 -25.69 -28.47 -9.23
CA ALA C 156 -25.88 -29.36 -8.10
C ALA C 156 -24.57 -29.61 -7.39
N CYS C 157 -24.59 -29.48 -6.07
CA CYS C 157 -23.40 -29.66 -5.25
C CYS C 157 -23.56 -30.74 -4.18
N PHE C 158 -24.76 -31.29 -4.01
CA PHE C 158 -25.04 -32.36 -3.03
C PHE C 158 -25.58 -33.64 -3.67
N THR C 159 -25.44 -34.75 -2.94
CA THR C 159 -25.98 -36.04 -3.37
C THR C 159 -27.07 -36.54 -2.44
N ARG C 160 -28.26 -36.78 -2.99
CA ARG C 160 -29.39 -37.30 -2.23
C ARG C 160 -29.57 -38.79 -2.50
N ARG C 161 -29.90 -39.57 -1.47
CA ARG C 161 -30.13 -41.02 -1.64
C ARG C 161 -31.63 -41.30 -1.81
N THR C 162 -31.97 -42.02 -2.88
CA THR C 162 -33.36 -42.26 -3.23
C THR C 162 -33.94 -43.57 -2.63
N VAL C 163 -33.09 -44.51 -2.26
CA VAL C 163 -33.55 -45.70 -1.53
C VAL C 163 -33.47 -45.50 -0.03
N ASN C 164 -34.18 -46.33 0.72
CA ASN C 164 -34.17 -46.28 2.17
C ASN C 164 -33.18 -47.28 2.76
N VAL C 165 -31.91 -46.93 2.67
CA VAL C 165 -30.85 -47.59 3.42
C VAL C 165 -30.15 -46.55 4.30
N GLU C 166 -29.81 -46.91 5.54
CA GLU C 166 -29.17 -45.97 6.48
C GLU C 166 -27.65 -46.06 6.36
N GLN C 167 -27.14 -47.25 6.13
CA GLN C 167 -25.71 -47.48 6.00
C GLN C 167 -25.00 -46.42 5.12
N GLN C 168 -23.82 -45.98 5.56
CA GLN C 168 -23.11 -44.95 4.82
C GLN C 168 -22.54 -45.52 3.51
N GLU C 169 -21.82 -46.64 3.61
CA GLU C 169 -21.31 -47.30 2.41
C GLU C 169 -22.40 -48.10 1.71
N LEU C 170 -22.86 -47.60 0.58
CA LEU C 170 -23.75 -48.32 -0.31
C LEU C 170 -23.37 -47.99 -1.74
N ILE C 171 -22.66 -48.92 -2.38
CA ILE C 171 -22.16 -48.70 -3.75
C ILE C 171 -23.29 -48.80 -4.77
N GLY C 172 -23.27 -47.90 -5.74
CA GLY C 172 -24.36 -47.79 -6.71
C GLY C 172 -24.39 -46.49 -7.46
N GLY C 173 -25.38 -46.35 -8.33
CA GLY C 173 -25.49 -45.19 -9.21
C GLY C 173 -26.87 -44.56 -9.28
N ALA C 174 -27.32 -44.28 -10.49
CA ALA C 174 -28.52 -43.45 -10.74
C ALA C 174 -29.82 -44.00 -10.20
N ASP C 175 -29.89 -45.31 -10.05
CA ASP C 175 -31.05 -45.99 -9.44
C ASP C 175 -31.13 -45.84 -7.89
N MET C 176 -30.07 -45.35 -7.26
CA MET C 176 -30.03 -45.18 -5.82
C MET C 176 -29.62 -43.79 -5.32
N TYR C 177 -29.19 -42.92 -6.23
CA TYR C 177 -28.75 -41.57 -5.85
C TYR C 177 -29.12 -40.53 -6.89
N ILE C 178 -29.28 -39.30 -6.44
CA ILE C 178 -29.51 -38.15 -7.32
C ILE C 178 -28.73 -36.95 -6.85
N ALA C 179 -28.22 -36.21 -7.82
CA ALA C 179 -27.49 -34.99 -7.53
C ALA C 179 -28.47 -33.86 -7.45
N THR C 180 -28.28 -32.99 -6.45
CA THR C 180 -29.23 -31.91 -6.20
C THR C 180 -28.60 -30.57 -5.85
N CYS C 181 -29.40 -29.53 -6.00
CA CYS C 181 -29.06 -28.21 -5.50
C CYS C 181 -29.46 -28.10 -4.03
N ARG C 182 -29.35 -26.92 -3.46
CA ARG C 182 -29.67 -26.71 -2.03
C ARG C 182 -31.17 -26.83 -1.72
N GLU C 183 -31.96 -25.99 -2.38
CA GLU C 183 -33.41 -26.04 -2.21
C GLU C 183 -33.91 -27.48 -2.36
N CYS C 184 -33.54 -28.14 -3.45
CA CYS C 184 -34.04 -29.46 -3.79
C CYS C 184 -33.67 -30.53 -2.77
N TYR C 185 -32.49 -30.38 -2.17
CA TYR C 185 -31.97 -31.37 -1.23
C TYR C 185 -32.91 -31.60 -0.03
N SER C 186 -33.60 -30.56 0.39
CA SER C 186 -34.58 -30.64 1.48
C SER C 186 -36.04 -30.96 1.04
N LYS C 187 -36.33 -30.86 -0.26
CA LYS C 187 -37.65 -31.18 -0.84
C LYS C 187 -37.84 -32.70 -1.06
N ARG D 11 -29.82 -19.27 -6.01
CA ARG D 11 -30.53 -18.89 -4.75
C ARG D 11 -29.52 -18.51 -3.64
N GLY D 12 -29.67 -19.17 -2.50
CA GLY D 12 -28.74 -19.06 -1.40
C GLY D 12 -27.66 -20.12 -1.53
N ARG D 13 -26.52 -19.87 -0.90
CA ARG D 13 -25.37 -20.75 -1.01
C ARG D 13 -24.27 -20.41 -0.05
N ILE D 14 -23.29 -21.32 0.02
CA ILE D 14 -22.06 -21.11 0.79
C ILE D 14 -20.86 -21.22 -0.15
N GLU D 15 -19.97 -20.22 -0.10
CA GLU D 15 -18.72 -20.23 -0.86
C GLU D 15 -17.56 -20.17 0.10
N LEU D 16 -16.55 -21.00 -0.16
CA LEU D 16 -15.43 -21.11 0.76
C LEU D 16 -14.16 -20.72 0.03
N ILE D 17 -13.35 -19.90 0.70
CA ILE D 17 -12.07 -19.44 0.20
C ILE D 17 -11.03 -19.88 1.22
N ILE D 18 -10.16 -20.76 0.80
CA ILE D 18 -9.17 -21.34 1.69
C ILE D 18 -7.79 -21.26 1.06
N GLY D 19 -6.81 -21.77 1.79
CA GLY D 19 -5.42 -21.74 1.37
C GLY D 19 -4.61 -21.39 2.59
N PRO D 20 -3.30 -21.30 2.43
CA PRO D 20 -2.42 -20.98 3.53
C PRO D 20 -2.43 -19.49 3.79
N MET D 21 -1.61 -19.05 4.73
CA MET D 21 -1.42 -17.64 4.96
C MET D 21 -0.72 -17.01 3.75
N PHE D 22 -0.91 -15.70 3.58
CA PHE D 22 -0.24 -14.92 2.54
C PHE D 22 -0.67 -15.26 1.12
N ALA D 23 -1.92 -15.73 0.98
CA ALA D 23 -2.46 -16.13 -0.31
C ALA D 23 -3.47 -15.12 -0.85
N GLY D 24 -3.92 -14.21 0.01
CA GLY D 24 -4.86 -13.16 -0.39
C GLY D 24 -6.31 -13.56 -0.24
N LYS D 25 -6.57 -14.51 0.65
CA LYS D 25 -7.93 -14.98 0.89
C LYS D 25 -8.84 -13.82 1.27
N THR D 26 -8.44 -13.07 2.28
CA THR D 26 -9.22 -11.94 2.72
C THR D 26 -9.44 -10.99 1.54
N THR D 27 -8.37 -10.68 0.82
CA THR D 27 -8.45 -9.88 -0.40
C THR D 27 -9.59 -10.38 -1.32
N GLU D 28 -9.56 -11.67 -1.63
CA GLU D 28 -10.55 -12.29 -2.52
C GLU D 28 -11.95 -12.19 -1.95
N LEU D 29 -12.08 -12.39 -0.63
CA LEU D 29 -13.37 -12.21 0.03
C LEU D 29 -13.94 -10.82 -0.24
N MET D 30 -13.09 -9.81 -0.13
CA MET D 30 -13.54 -8.43 -0.26
C MET D 30 -13.79 -8.05 -1.70
N ARG D 31 -13.07 -8.68 -2.62
CA ARG D 31 -13.34 -8.48 -4.03
C ARG D 31 -14.77 -8.85 -4.34
N ARG D 32 -15.17 -10.01 -3.81
CA ARG D 32 -16.50 -10.54 -4.04
C ARG D 32 -17.51 -9.64 -3.38
N VAL D 33 -17.18 -9.12 -2.20
CA VAL D 33 -18.05 -8.18 -1.52
C VAL D 33 -18.29 -6.93 -2.36
N LYS D 34 -17.22 -6.30 -2.85
CA LYS D 34 -17.34 -5.08 -3.62
C LYS D 34 -18.18 -5.29 -4.89
N ARG D 35 -17.97 -6.44 -5.49
CA ARG D 35 -18.73 -6.91 -6.64
C ARG D 35 -20.24 -6.84 -6.38
N GLU D 36 -20.67 -7.32 -5.22
CA GLU D 36 -22.08 -7.37 -4.83
C GLU D 36 -22.63 -5.99 -4.54
N ILE D 37 -21.80 -5.17 -3.90
CA ILE D 37 -22.18 -3.79 -3.58
C ILE D 37 -22.46 -2.96 -4.82
N HIS D 38 -21.62 -3.07 -5.83
CA HIS D 38 -21.89 -2.37 -7.10
C HIS D 38 -23.20 -2.74 -7.71
N ALA D 39 -23.74 -3.91 -7.37
CA ALA D 39 -25.04 -4.31 -7.84
C ALA D 39 -26.09 -3.96 -6.80
N ARG D 40 -25.75 -3.02 -5.92
CA ARG D 40 -26.66 -2.54 -4.90
C ARG D 40 -27.22 -3.69 -4.04
N ARG D 41 -26.39 -4.69 -3.76
CA ARG D 41 -26.78 -5.80 -2.89
C ARG D 41 -26.13 -5.59 -1.51
N SER D 42 -26.89 -5.78 -0.43
CA SER D 42 -26.44 -5.38 0.92
C SER D 42 -25.56 -6.47 1.53
N CYS D 43 -24.40 -6.07 2.07
CA CYS D 43 -23.43 -7.01 2.61
C CYS D 43 -23.08 -6.73 4.06
N PHE D 44 -22.83 -7.81 4.79
CA PHE D 44 -22.53 -7.78 6.20
C PHE D 44 -21.27 -8.59 6.43
N VAL D 45 -20.19 -7.87 6.70
CA VAL D 45 -18.87 -8.45 6.84
C VAL D 45 -18.59 -8.76 8.30
N ILE D 46 -18.28 -10.01 8.60
CA ILE D 46 -18.08 -10.46 9.97
C ILE D 46 -16.63 -10.93 10.17
N LYS D 47 -15.91 -10.21 11.01
CA LYS D 47 -14.53 -10.57 11.33
C LYS D 47 -14.46 -11.18 12.73
N TYR D 48 -13.29 -11.70 13.11
CA TYR D 48 -13.11 -12.36 14.40
C TYR D 48 -12.36 -11.47 15.39
N LEU D 67 -26.63 -0.97 3.55
CA LEU D 67 -25.84 -1.31 2.36
C LEU D 67 -24.56 -2.05 2.71
N ARG D 68 -23.82 -1.60 3.73
CA ARG D 68 -22.64 -2.34 4.21
C ARG D 68 -22.51 -2.25 5.75
N ALA D 69 -22.36 -3.41 6.38
CA ALA D 69 -22.18 -3.52 7.84
C ALA D 69 -20.95 -4.36 8.14
N GLN D 70 -20.38 -4.14 9.31
CA GLN D 70 -19.13 -4.76 9.68
C GLN D 70 -19.11 -5.01 11.17
N ALA D 71 -19.12 -6.28 11.54
CA ALA D 71 -19.06 -6.68 12.94
C ALA D 71 -17.74 -7.37 13.26
N ALA D 72 -17.38 -7.38 14.53
CA ALA D 72 -16.23 -8.14 15.03
C ALA D 72 -16.68 -8.85 16.30
N VAL D 73 -16.56 -10.18 16.30
CA VAL D 73 -17.24 -11.02 17.28
C VAL D 73 -16.41 -12.24 17.58
N SER D 74 -16.68 -12.88 18.72
CA SER D 74 -15.98 -14.10 19.13
C SER D 74 -16.76 -15.37 18.77
N GLN D 75 -18.08 -15.27 18.75
CA GLN D 75 -18.99 -16.36 18.37
C GLN D 75 -20.13 -15.76 17.57
N LEU D 76 -20.55 -16.44 16.51
CA LEU D 76 -21.51 -15.88 15.54
C LEU D 76 -22.91 -15.65 16.13
N THR D 77 -23.19 -16.31 17.25
CA THR D 77 -24.41 -16.05 18.02
C THR D 77 -24.50 -14.58 18.42
N GLU D 78 -23.35 -13.93 18.61
CA GLU D 78 -23.27 -12.51 18.98
C GLU D 78 -23.80 -11.53 17.94
N VAL D 79 -24.19 -12.03 16.79
CA VAL D 79 -24.78 -11.22 15.72
C VAL D 79 -26.32 -11.29 15.81
N ARG D 80 -26.81 -12.23 16.60
CA ARG D 80 -28.25 -12.42 16.81
C ARG D 80 -29.00 -12.62 15.48
N ASP D 81 -29.93 -11.72 15.16
CA ASP D 81 -30.74 -11.81 13.94
C ASP D 81 -30.35 -10.72 12.93
N THR D 82 -29.26 -10.01 13.20
CA THR D 82 -28.85 -8.86 12.39
C THR D 82 -28.71 -9.25 10.91
N TRP D 83 -28.15 -10.43 10.66
CA TRP D 83 -27.92 -10.95 9.31
C TRP D 83 -29.16 -11.08 8.43
N LYS D 84 -30.32 -11.23 9.04
CA LYS D 84 -31.57 -11.43 8.30
C LYS D 84 -31.87 -10.26 7.37
N ARG D 85 -31.41 -9.08 7.73
CA ARG D 85 -31.61 -7.88 6.90
C ARG D 85 -30.70 -7.85 5.66
N PHE D 86 -29.73 -8.76 5.58
CA PHE D 86 -28.67 -8.65 4.56
C PHE D 86 -28.76 -9.67 3.44
N ASP D 87 -28.28 -9.26 2.26
CA ASP D 87 -28.25 -10.12 1.06
C ASP D 87 -27.09 -11.09 1.09
N VAL D 88 -25.95 -10.62 1.61
CA VAL D 88 -24.68 -11.29 1.46
C VAL D 88 -23.92 -11.28 2.78
N LEU D 89 -23.51 -12.44 3.25
CA LEU D 89 -22.71 -12.53 4.47
C LEU D 89 -21.29 -12.93 4.13
N ALA D 90 -20.33 -12.11 4.56
CA ALA D 90 -18.92 -12.39 4.36
C ALA D 90 -18.30 -12.62 5.71
N ILE D 91 -17.76 -13.80 5.94
CA ILE D 91 -17.15 -14.14 7.21
C ILE D 91 -15.68 -14.37 6.99
N ASP D 92 -14.86 -13.52 7.57
CA ASP D 92 -13.40 -13.64 7.46
C ASP D 92 -12.87 -14.37 8.67
N GLU D 93 -11.78 -15.12 8.50
CA GLU D 93 -11.16 -15.92 9.55
C GLU D 93 -12.12 -16.93 10.13
N GLY D 94 -12.94 -17.51 9.27
CA GLY D 94 -14.01 -18.42 9.69
C GLY D 94 -13.60 -19.60 10.57
N GLN D 95 -12.33 -19.95 10.48
CA GLN D 95 -11.82 -21.05 11.26
C GLN D 95 -11.96 -20.89 12.79
N PHE D 96 -12.03 -19.65 13.26
CA PHE D 96 -12.08 -19.38 14.69
C PHE D 96 -13.49 -19.40 15.28
N PHE D 97 -14.52 -19.56 14.45
CA PHE D 97 -15.90 -19.57 14.94
C PHE D 97 -16.44 -20.99 15.12
N SER D 98 -16.74 -21.38 16.36
CA SER D 98 -17.16 -22.75 16.67
C SER D 98 -18.55 -23.11 16.17
N ASP D 99 -19.37 -22.09 15.87
CA ASP D 99 -20.74 -22.30 15.38
C ASP D 99 -20.88 -22.05 13.87
N LEU D 100 -19.78 -22.21 13.14
CA LEU D 100 -19.69 -21.80 11.73
C LEU D 100 -20.68 -22.53 10.84
N VAL D 101 -20.68 -23.85 10.93
CA VAL D 101 -21.44 -24.70 10.01
C VAL D 101 -22.94 -24.41 10.11
N ASP D 102 -23.49 -24.62 11.31
CA ASP D 102 -24.92 -24.35 11.58
C ASP D 102 -25.31 -22.93 11.16
N PHE D 103 -24.42 -21.98 11.40
CA PHE D 103 -24.72 -20.58 11.11
C PHE D 103 -24.80 -20.31 9.62
N CYS D 104 -23.78 -20.75 8.90
CA CYS D 104 -23.73 -20.55 7.46
C CYS D 104 -24.91 -21.25 6.78
N ASN D 105 -25.18 -22.48 7.21
CA ASN D 105 -26.31 -23.27 6.70
C ASN D 105 -27.66 -22.62 6.92
N THR D 106 -27.97 -22.30 8.18
CA THR D 106 -29.23 -21.67 8.52
C THR D 106 -29.44 -20.40 7.65
N ALA D 107 -28.35 -19.64 7.41
CA ALA D 107 -28.38 -18.43 6.59
C ALA D 107 -28.56 -18.74 5.11
N ALA D 108 -27.77 -19.68 4.61
CA ALA D 108 -27.82 -20.08 3.20
C ALA D 108 -29.19 -20.62 2.84
N ASP D 109 -29.74 -21.41 3.75
CA ASP D 109 -31.09 -21.94 3.60
C ASP D 109 -32.16 -20.83 3.58
N ALA D 110 -31.92 -19.74 4.33
CA ALA D 110 -32.78 -18.56 4.27
C ALA D 110 -32.67 -17.80 2.95
N GLY D 111 -31.71 -18.17 2.11
CA GLY D 111 -31.55 -17.56 0.79
C GLY D 111 -30.40 -16.57 0.72
N LYS D 112 -29.52 -16.63 1.72
CA LYS D 112 -28.40 -15.70 1.82
C LYS D 112 -27.14 -16.21 1.10
N VAL D 113 -26.41 -15.30 0.46
CA VAL D 113 -25.11 -15.63 -0.10
C VAL D 113 -24.06 -15.53 1.00
N VAL D 114 -23.66 -16.68 1.52
CA VAL D 114 -22.67 -16.74 2.59
C VAL D 114 -21.30 -17.04 1.98
N MET D 115 -20.32 -16.21 2.30
CA MET D 115 -18.95 -16.39 1.80
C MET D 115 -18.00 -16.42 2.99
N VAL D 116 -17.06 -17.35 2.96
CA VAL D 116 -16.19 -17.61 4.10
C VAL D 116 -14.74 -17.70 3.66
N SER D 117 -13.88 -16.87 4.24
CA SER D 117 -12.47 -16.94 3.99
C SER D 117 -11.85 -17.55 5.23
N ALA D 118 -10.97 -18.54 5.04
CA ALA D 118 -10.38 -19.26 6.18
C ALA D 118 -9.11 -20.01 5.86
N LEU D 119 -8.35 -20.34 6.89
CA LEU D 119 -7.30 -21.36 6.78
C LEU D 119 -7.99 -22.72 6.87
N ASP D 120 -7.75 -23.56 5.87
CA ASP D 120 -8.26 -24.92 5.90
C ASP D 120 -7.49 -25.79 6.88
N GLY D 121 -6.18 -25.54 6.97
CA GLY D 121 -5.32 -26.26 7.90
C GLY D 121 -4.41 -25.34 8.71
N ASP D 122 -4.06 -25.79 9.91
CA ASP D 122 -3.18 -25.03 10.79
C ASP D 122 -1.70 -25.24 10.42
N TYR D 123 -0.82 -24.85 11.34
CA TYR D 123 0.62 -24.89 11.09
C TYR D 123 1.16 -26.31 11.05
N ARG D 124 0.44 -27.24 11.68
CA ARG D 124 0.79 -28.66 11.64
C ARG D 124 -0.06 -29.40 10.60
N ARG D 125 -0.77 -28.68 9.75
CA ARG D 125 -1.65 -29.24 8.72
C ARG D 125 -2.86 -30.01 9.25
N LYS D 126 -3.22 -29.82 10.51
CA LYS D 126 -4.44 -30.46 11.03
C LYS D 126 -5.62 -29.56 10.67
N PRO D 127 -6.82 -30.13 10.46
CA PRO D 127 -8.02 -29.35 10.13
C PRO D 127 -8.25 -28.24 11.13
N PHE D 128 -8.40 -27.02 10.64
CA PHE D 128 -8.50 -25.86 11.51
C PHE D 128 -9.95 -25.48 11.74
N GLY D 129 -10.40 -25.59 12.97
CA GLY D 129 -11.78 -25.30 13.32
C GLY D 129 -12.76 -26.20 12.62
N GLN D 130 -13.90 -25.64 12.25
CA GLN D 130 -14.95 -26.37 11.55
C GLN D 130 -14.85 -26.23 10.01
N ILE D 131 -13.69 -25.89 9.48
CA ILE D 131 -13.59 -25.56 8.06
C ILE D 131 -13.71 -26.78 7.19
N CYS D 132 -12.90 -27.79 7.46
CA CYS D 132 -12.98 -29.04 6.69
C CYS D 132 -14.39 -29.66 6.80
N GLU D 133 -14.98 -29.58 7.99
CA GLU D 133 -16.36 -30.02 8.21
C GLU D 133 -17.42 -29.24 7.40
N LEU D 134 -17.09 -28.00 7.02
CA LEU D 134 -18.00 -27.12 6.27
C LEU D 134 -18.02 -27.43 4.78
N VAL D 135 -16.97 -28.08 4.31
CA VAL D 135 -16.78 -28.33 2.88
C VAL D 135 -17.97 -29.06 2.22
N PRO D 136 -18.43 -30.16 2.83
CA PRO D 136 -19.59 -30.85 2.26
C PRO D 136 -20.82 -29.96 2.04
N TYR D 137 -20.95 -28.87 2.77
CA TYR D 137 -22.09 -27.96 2.65
C TYR D 137 -21.90 -26.84 1.63
N CYS D 138 -20.71 -26.76 1.02
CA CYS D 138 -20.37 -25.62 0.15
C CYS D 138 -20.70 -25.85 -1.31
N GLU D 139 -21.31 -24.85 -1.93
CA GLU D 139 -21.56 -24.90 -3.36
C GLU D 139 -20.29 -24.60 -4.13
N ALA D 140 -19.30 -24.04 -3.47
CA ALA D 140 -18.03 -23.73 -4.11
C ALA D 140 -16.92 -23.69 -3.11
N VAL D 141 -15.75 -24.16 -3.55
CA VAL D 141 -14.56 -24.11 -2.74
C VAL D 141 -13.39 -23.69 -3.62
N ASP D 142 -12.81 -22.52 -3.34
CA ASP D 142 -11.60 -22.09 -4.02
C ASP D 142 -10.44 -22.09 -3.03
N LYS D 143 -9.38 -22.80 -3.39
CA LYS D 143 -8.17 -22.78 -2.58
C LYS D 143 -7.15 -21.89 -3.26
N LEU D 144 -6.72 -20.85 -2.56
CA LEU D 144 -5.72 -19.94 -3.10
C LEU D 144 -4.34 -20.42 -2.69
N THR D 145 -3.35 -20.03 -3.46
CA THR D 145 -1.97 -20.40 -3.16
C THR D 145 -1.15 -19.12 -2.95
N ALA D 146 -0.20 -19.20 -2.03
CA ALA D 146 0.72 -18.13 -1.78
C ALA D 146 1.96 -18.39 -2.63
N VAL D 147 3.03 -17.62 -2.43
CA VAL D 147 4.32 -17.99 -3.01
C VAL D 147 5.17 -18.50 -1.86
N CYS D 148 6.03 -19.47 -2.14
CA CYS D 148 6.83 -20.04 -1.08
C CYS D 148 7.86 -19.04 -0.63
N MET D 149 7.84 -18.77 0.66
CA MET D 149 8.68 -17.74 1.26
C MET D 149 10.05 -18.28 1.70
N MET D 150 10.27 -19.59 1.55
CA MET D 150 11.59 -20.19 1.70
C MET D 150 12.32 -20.23 0.36
N CYS D 151 11.82 -20.99 -0.61
CA CYS D 151 12.52 -21.14 -1.90
C CYS D 151 12.16 -20.12 -3.00
N HIS D 152 11.15 -19.27 -2.74
CA HIS D 152 10.79 -18.18 -3.65
C HIS D 152 10.54 -18.57 -5.13
N GLU D 153 10.53 -19.86 -5.46
CA GLU D 153 10.37 -20.32 -6.86
C GLU D 153 9.39 -21.49 -6.98
N GLN D 154 8.31 -21.46 -6.20
CA GLN D 154 7.27 -22.48 -6.28
C GLN D 154 6.03 -21.96 -5.53
N PRO D 155 4.81 -22.36 -5.96
CA PRO D 155 3.64 -21.91 -5.24
C PRO D 155 3.58 -22.54 -3.86
N ALA D 156 2.82 -21.92 -2.97
CA ALA D 156 2.79 -22.35 -1.58
C ALA D 156 1.37 -22.64 -1.16
N CYS D 157 1.19 -23.79 -0.55
CA CYS D 157 -0.13 -24.26 -0.13
C CYS D 157 -0.22 -24.55 1.37
N PHE D 158 0.92 -24.53 2.09
CA PHE D 158 0.95 -24.75 3.52
C PHE D 158 1.51 -23.57 4.31
N THR D 159 1.18 -23.52 5.60
CA THR D 159 1.67 -22.49 6.51
C THR D 159 2.56 -23.09 7.59
N ARG D 160 3.81 -22.62 7.66
CA ARG D 160 4.76 -23.07 8.68
C ARG D 160 4.86 -22.05 9.78
N ARG D 161 4.98 -22.50 11.03
CA ARG D 161 5.14 -21.58 12.16
C ARG D 161 6.62 -21.41 12.52
N THR D 162 7.08 -20.16 12.56
CA THR D 162 8.49 -19.86 12.78
C THR D 162 8.88 -19.69 14.26
N VAL D 163 7.92 -19.38 15.13
CA VAL D 163 8.17 -19.38 16.60
C VAL D 163 7.86 -20.74 17.22
N ASN D 164 8.40 -20.97 18.43
CA ASN D 164 8.17 -22.22 19.15
C ASN D 164 7.04 -22.11 20.17
N VAL D 165 5.81 -22.06 19.68
CA VAL D 165 4.63 -22.23 20.52
C VAL D 165 3.83 -23.43 20.00
N GLU D 166 3.27 -24.22 20.89
CA GLU D 166 2.51 -25.44 20.51
C GLU D 166 1.03 -25.14 20.29
N GLN D 167 0.48 -24.23 21.09
CA GLN D 167 -0.93 -23.83 20.99
C GLN D 167 -1.40 -23.67 19.53
N GLN D 168 -2.60 -24.16 19.21
CA GLN D 168 -3.12 -24.02 17.86
C GLN D 168 -3.50 -22.56 17.57
N GLU D 169 -4.29 -21.95 18.45
CA GLU D 169 -4.65 -20.54 18.29
C GLU D 169 -3.51 -19.65 18.74
N LEU D 170 -2.83 -19.03 17.78
CA LEU D 170 -1.84 -18.00 18.04
C LEU D 170 -1.97 -16.92 16.96
N ILE D 171 -2.62 -15.81 17.29
CA ILE D 171 -2.90 -14.73 16.33
C ILE D 171 -1.62 -13.97 16.00
N GLY D 172 -1.42 -13.68 14.71
CA GLY D 172 -0.16 -13.07 14.24
C GLY D 172 0.07 -13.19 12.75
N GLY D 173 1.19 -12.64 12.29
CA GLY D 173 1.51 -12.54 10.88
C GLY D 173 2.92 -12.97 10.51
N ALA D 174 3.56 -12.17 9.66
CA ALA D 174 4.83 -12.54 9.01
C ALA D 174 5.97 -12.84 9.98
N ASP D 175 5.93 -12.24 11.16
CA ASP D 175 6.94 -12.46 12.21
C ASP D 175 6.80 -13.84 12.91
N MET D 176 5.68 -14.51 12.70
CA MET D 176 5.40 -15.80 13.35
C MET D 176 5.01 -16.95 12.41
N TYR D 177 4.79 -16.65 11.13
CA TYR D 177 4.39 -17.66 10.16
C TYR D 177 5.00 -17.43 8.79
N ILE D 178 5.18 -18.51 8.06
CA ILE D 178 5.68 -18.44 6.69
C ILE D 178 4.90 -19.42 5.79
N ALA D 179 4.59 -18.99 4.57
CA ALA D 179 3.90 -19.82 3.61
C ALA D 179 4.92 -20.61 2.85
N THR D 180 4.64 -21.89 2.66
CA THR D 180 5.61 -22.80 2.04
C THR D 180 5.03 -23.78 1.05
N CYS D 181 5.92 -24.31 0.22
CA CYS D 181 5.59 -25.42 -0.65
C CYS D 181 5.77 -26.73 0.13
N ARG D 182 5.64 -27.86 -0.55
CA ARG D 182 5.74 -29.16 0.10
C ARG D 182 7.15 -29.47 0.57
N GLU D 183 8.11 -29.48 -0.36
CA GLU D 183 9.51 -29.74 -0.03
C GLU D 183 9.94 -28.88 1.14
N CYS D 184 9.69 -27.57 1.05
CA CYS D 184 10.13 -26.60 2.05
C CYS D 184 9.53 -26.80 3.43
N TYR D 185 8.30 -27.27 3.46
CA TYR D 185 7.58 -27.43 4.72
C TYR D 185 8.33 -28.36 5.69
N SER D 186 9.03 -29.36 5.14
CA SER D 186 9.81 -30.31 5.95
C SER D 186 11.28 -29.96 6.14
N LYS D 187 11.80 -29.02 5.35
CA LYS D 187 13.23 -28.69 5.35
C LYS D 187 13.66 -28.09 6.68
N ARG E 11 36.97 5.67 21.70
CA ARG E 11 37.05 6.20 20.31
C ARG E 11 35.88 5.85 19.37
N GLY E 12 34.58 5.95 19.74
CA GLY E 12 33.49 5.59 18.82
C GLY E 12 32.99 6.80 18.09
N ARG E 13 32.37 6.59 16.93
CA ARG E 13 31.95 7.69 16.08
C ARG E 13 31.09 7.26 14.90
N ILE E 14 30.52 8.26 14.22
CA ILE E 14 29.77 8.06 12.99
C ILE E 14 30.42 8.87 11.87
N GLU E 15 30.68 8.23 10.75
CA GLU E 15 31.17 8.90 9.54
C GLU E 15 30.17 8.72 8.40
N LEU E 16 29.89 9.81 7.68
CA LEU E 16 28.87 9.80 6.65
C LEU E 16 29.49 10.15 5.30
N ILE E 17 29.13 9.35 4.29
CA ILE E 17 29.63 9.50 2.92
C ILE E 17 28.42 9.67 2.03
N ILE E 18 28.31 10.84 1.43
CA ILE E 18 27.17 11.19 0.65
C ILE E 18 27.52 11.77 -0.66
N GLY E 19 26.51 12.16 -1.41
CA GLY E 19 26.68 12.68 -2.75
C GLY E 19 25.60 12.06 -3.61
N PRO E 20 25.58 12.42 -4.91
CA PRO E 20 24.67 11.82 -5.83
C PRO E 20 25.08 10.39 -6.25
N MET E 21 24.31 9.80 -7.14
CA MET E 21 24.69 8.55 -7.72
C MET E 21 25.95 8.73 -8.57
N PHE E 22 26.69 7.65 -8.75
CA PHE E 22 27.86 7.60 -9.65
C PHE E 22 29.02 8.42 -9.16
N ALA E 23 29.12 8.56 -7.83
CA ALA E 23 30.18 9.35 -7.22
C ALA E 23 31.24 8.46 -6.56
N GLY E 24 30.94 7.19 -6.38
CA GLY E 24 31.89 6.26 -5.78
C GLY E 24 31.79 6.20 -4.27
N LYS E 25 30.63 6.56 -3.74
CA LYS E 25 30.39 6.46 -2.29
C LYS E 25 30.67 5.05 -1.76
N THR E 26 30.04 4.07 -2.37
CA THR E 26 30.22 2.70 -1.95
C THR E 26 31.71 2.32 -2.01
N THR E 27 32.34 2.65 -3.15
CA THR E 27 33.78 2.47 -3.28
C THR E 27 34.52 3.02 -2.04
N GLU E 28 34.23 4.28 -1.70
CA GLU E 28 34.92 4.96 -0.60
C GLU E 28 34.65 4.23 0.72
N LEU E 29 33.41 3.78 0.91
CA LEU E 29 33.06 3.03 2.12
C LEU E 29 33.97 1.83 2.25
N MET E 30 34.18 1.14 1.13
CA MET E 30 34.95 -0.12 1.18
C MET E 30 36.44 0.12 1.31
N ARG E 31 36.90 1.24 0.78
CA ARG E 31 38.29 1.69 0.97
C ARG E 31 38.61 1.81 2.45
N ARG E 32 37.71 2.48 3.17
CA ARG E 32 37.82 2.64 4.60
C ARG E 32 37.74 1.29 5.31
N VAL E 33 36.85 0.41 4.85
CA VAL E 33 36.75 -0.96 5.39
C VAL E 33 38.07 -1.75 5.26
N LYS E 34 38.64 -1.78 4.05
CA LYS E 34 39.90 -2.53 3.83
C LYS E 34 41.02 -1.98 4.69
N ARG E 35 41.05 -0.65 4.81
CA ARG E 35 41.97 0.06 5.69
C ARG E 35 41.98 -0.49 7.12
N GLU E 36 40.79 -0.68 7.67
CA GLU E 36 40.60 -1.21 9.03
C GLU E 36 41.01 -2.68 9.14
N ILE E 37 40.67 -3.46 8.10
CA ILE E 37 41.01 -4.87 8.06
C ILE E 37 42.53 -5.10 8.10
N HIS E 38 43.28 -4.31 7.33
CA HIS E 38 44.74 -4.40 7.35
C HIS E 38 45.30 -4.21 8.75
N ALA E 39 44.55 -3.50 9.60
CA ALA E 39 44.96 -3.30 10.96
C ALA E 39 44.32 -4.33 11.86
N ARG E 40 43.91 -5.46 11.25
CA ARG E 40 43.32 -6.56 12.00
C ARG E 40 42.14 -6.09 12.87
N ARG E 41 41.35 -5.14 12.36
CA ARG E 41 40.15 -4.67 13.04
C ARG E 41 38.92 -5.29 12.38
N SER E 42 37.97 -5.79 13.16
CA SER E 42 36.90 -6.58 12.59
C SER E 42 35.79 -5.68 12.08
N CYS E 43 35.32 -5.98 10.87
CA CYS E 43 34.29 -5.18 10.22
C CYS E 43 33.06 -6.00 9.82
N PHE E 44 31.91 -5.32 9.91
CA PHE E 44 30.61 -5.90 9.61
C PHE E 44 29.90 -4.96 8.63
N VAL E 45 29.84 -5.40 7.38
CA VAL E 45 29.29 -4.62 6.29
C VAL E 45 27.82 -4.95 6.12
N ILE E 46 26.98 -3.92 6.19
CA ILE E 46 25.54 -4.11 6.14
C ILE E 46 24.97 -3.43 4.91
N LYS E 47 24.45 -4.24 4.00
CA LYS E 47 23.91 -3.73 2.75
C LYS E 47 22.38 -3.91 2.80
N TYR E 48 21.69 -3.44 1.76
CA TYR E 48 20.23 -3.27 1.90
C TYR E 48 19.06 -4.20 1.57
N SER E 49 18.92 -4.90 0.46
CA SER E 49 17.54 -5.41 0.21
C SER E 49 17.35 -6.90 0.13
N LYS E 50 16.46 -7.42 0.99
CA LYS E 50 15.80 -8.74 0.80
C LYS E 50 16.74 -9.99 0.68
N ASP E 51 17.66 -10.23 1.64
CA ASP E 51 18.79 -11.22 1.46
C ASP E 51 19.58 -11.73 2.74
N THR E 52 20.81 -12.20 2.48
CA THR E 52 21.59 -13.07 3.38
C THR E 52 22.31 -12.50 4.64
N ARG E 53 22.87 -13.44 5.40
CA ARG E 53 23.85 -13.17 6.46
C ARG E 53 25.09 -14.07 6.33
N TYR E 54 26.23 -13.59 6.85
CA TYR E 54 27.47 -14.41 6.92
C TYR E 54 28.43 -14.04 8.07
N ASP E 55 29.02 -15.05 8.72
CA ASP E 55 29.96 -14.85 9.84
C ASP E 55 31.05 -15.93 9.75
N GLU E 56 31.63 -15.97 8.56
CA GLU E 56 32.74 -16.87 8.22
C GLU E 56 33.89 -15.98 7.77
N HIS E 57 35.09 -16.56 7.77
CA HIS E 57 36.29 -15.73 7.70
C HIS E 57 36.38 -14.94 8.99
N ASN E 58 36.37 -15.67 10.11
CA ASN E 58 36.05 -15.18 11.45
C ASN E 58 37.30 -15.30 12.35
N VAL E 59 38.38 -14.72 11.86
CA VAL E 59 39.73 -15.11 12.31
C VAL E 59 40.08 -14.59 13.70
N ALA E 60 40.99 -15.29 14.38
CA ALA E 60 41.52 -14.94 15.68
C ALA E 60 42.97 -14.47 15.54
N SER E 61 43.77 -15.20 14.77
CA SER E 61 45.17 -14.91 14.54
C SER E 61 46.00 -14.78 15.82
N ALA E 69 32.28 -9.76 8.22
CA ALA E 69 30.92 -10.21 8.05
C ALA E 69 30.14 -9.30 7.11
N GLN E 70 29.11 -9.86 6.47
CA GLN E 70 28.39 -9.18 5.44
C GLN E 70 26.94 -9.60 5.51
N ALA E 71 26.06 -8.69 5.91
CA ALA E 71 24.64 -8.94 5.97
C ALA E 71 23.89 -8.14 4.89
N ALA E 72 22.70 -8.62 4.52
CA ALA E 72 21.80 -7.90 3.62
C ALA E 72 20.40 -8.00 4.22
N VAL E 73 19.78 -6.86 4.48
CA VAL E 73 18.60 -6.84 5.32
C VAL E 73 17.75 -5.63 4.97
N SER E 74 16.53 -5.64 5.49
CA SER E 74 15.53 -4.63 5.21
C SER E 74 15.41 -3.58 6.32
N GLN E 75 15.67 -4.00 7.56
CA GLN E 75 15.67 -3.10 8.71
C GLN E 75 16.79 -3.53 9.63
N LEU E 76 17.49 -2.57 10.23
CA LEU E 76 18.69 -2.89 11.00
C LEU E 76 18.44 -3.70 12.29
N THR E 77 17.19 -3.70 12.75
CA THR E 77 16.76 -4.56 13.85
C THR E 77 17.04 -6.03 13.53
N GLU E 78 17.00 -6.37 12.24
CA GLU E 78 17.25 -7.74 11.77
C GLU E 78 18.67 -8.29 12.02
N VAL E 79 19.54 -7.45 12.54
CA VAL E 79 20.91 -7.79 12.85
C VAL E 79 21.03 -8.12 14.33
N ARG E 80 19.98 -7.77 15.08
CA ARG E 80 19.91 -8.05 16.52
C ARG E 80 21.14 -7.47 17.26
N ASP E 81 21.93 -8.32 17.90
CA ASP E 81 23.10 -7.90 18.67
C ASP E 81 24.41 -8.27 17.98
N THR E 82 24.31 -8.74 16.74
CA THR E 82 25.47 -9.27 16.05
C THR E 82 26.61 -8.28 16.04
N TRP E 83 26.26 -7.02 15.81
CA TRP E 83 27.21 -5.92 15.71
C TRP E 83 28.11 -5.72 16.92
N LYS E 84 27.64 -6.15 18.09
CA LYS E 84 28.40 -5.96 19.34
C LYS E 84 29.77 -6.61 19.29
N ARG E 85 29.89 -7.70 18.53
CA ARG E 85 31.16 -8.40 18.40
C ARG E 85 32.16 -7.66 17.50
N PHE E 86 31.70 -6.63 16.78
CA PHE E 86 32.52 -6.02 15.74
C PHE E 86 33.13 -4.67 16.11
N ASP E 87 34.28 -4.37 15.52
CA ASP E 87 34.98 -3.13 15.75
C ASP E 87 34.38 -1.98 14.92
N VAL E 88 33.96 -2.31 13.70
CA VAL E 88 33.64 -1.36 12.69
C VAL E 88 32.36 -1.76 11.98
N LEU E 89 31.39 -0.86 11.94
CA LEU E 89 30.17 -1.09 11.17
C LEU E 89 30.15 -0.20 9.91
N ALA E 90 30.00 -0.84 8.75
CA ALA E 90 29.86 -0.15 7.48
C ALA E 90 28.46 -0.41 6.95
N ILE E 91 27.68 0.65 6.78
CA ILE E 91 26.31 0.53 6.30
C ILE E 91 26.22 1.20 4.96
N ASP E 92 25.97 0.41 3.92
CA ASP E 92 25.83 0.96 2.57
C ASP E 92 24.35 1.17 2.28
N GLU E 93 24.05 2.17 1.45
CA GLU E 93 22.68 2.55 1.11
C GLU E 93 21.85 2.88 2.34
N GLY E 94 22.49 3.55 3.29
CA GLY E 94 21.85 3.86 4.58
C GLY E 94 20.50 4.57 4.51
N GLN E 95 20.24 5.23 3.40
CA GLN E 95 19.02 5.98 3.24
C GLN E 95 17.75 5.13 3.35
N PHE E 96 17.87 3.84 3.04
CA PHE E 96 16.71 2.95 3.03
C PHE E 96 16.35 2.37 4.38
N PHE E 97 17.17 2.61 5.41
CA PHE E 97 16.93 2.03 6.73
C PHE E 97 16.24 3.02 7.65
N SER E 98 15.01 2.74 8.03
CA SER E 98 14.21 3.66 8.82
C SER E 98 14.70 3.83 10.28
N ASP E 99 15.50 2.88 10.76
CA ASP E 99 16.02 2.92 12.14
C ASP E 99 17.50 3.32 12.19
N LEU E 100 17.94 4.04 11.17
CA LEU E 100 19.36 4.38 10.98
C LEU E 100 19.98 5.16 12.14
N VAL E 101 19.34 6.26 12.51
CA VAL E 101 19.89 7.18 13.49
C VAL E 101 20.12 6.50 14.84
N ASP E 102 19.04 6.02 15.44
CA ASP E 102 19.09 5.32 16.73
C ASP E 102 20.12 4.18 16.69
N PHE E 103 20.19 3.48 15.56
CA PHE E 103 21.09 2.32 15.44
C PHE E 103 22.55 2.74 15.43
N CYS E 104 22.88 3.71 14.57
CA CYS E 104 24.25 4.20 14.47
C CYS E 104 24.72 4.81 15.78
N ASN E 105 23.84 5.59 16.40
CA ASN E 105 24.09 6.18 17.73
C ASN E 105 24.34 5.17 18.84
N THR E 106 23.39 4.24 19.05
CA THR E 106 23.55 3.19 20.08
C THR E 106 24.91 2.51 19.89
N ALA E 107 25.28 2.25 18.64
CA ALA E 107 26.54 1.57 18.32
C ALA E 107 27.75 2.45 18.57
N ALA E 108 27.71 3.67 18.06
CA ALA E 108 28.80 4.61 18.22
C ALA E 108 29.06 4.87 19.71
N ASP E 109 27.98 5.00 20.46
CA ASP E 109 28.07 5.19 21.91
C ASP E 109 28.72 3.98 22.60
N ALA E 110 28.49 2.79 22.06
CA ALA E 110 29.15 1.58 22.56
C ALA E 110 30.65 1.54 22.22
N GLY E 111 31.11 2.49 21.41
CA GLY E 111 32.52 2.60 21.05
C GLY E 111 32.85 2.10 19.65
N LYS E 112 31.82 1.91 18.83
CA LYS E 112 31.98 1.32 17.50
C LYS E 112 32.24 2.41 16.44
N VAL E 113 33.10 2.10 15.48
CA VAL E 113 33.28 2.97 14.33
C VAL E 113 32.19 2.67 13.30
N VAL E 114 31.19 3.55 13.26
CA VAL E 114 30.08 3.39 12.32
C VAL E 114 30.31 4.28 11.10
N MET E 115 30.25 3.68 9.91
CA MET E 115 30.44 4.40 8.66
C MET E 115 29.24 4.14 7.77
N VAL E 116 28.74 5.19 7.13
CA VAL E 116 27.50 5.13 6.38
C VAL E 116 27.66 5.79 5.03
N SER E 117 27.39 5.03 3.98
CA SER E 117 27.37 5.58 2.62
C SER E 117 25.91 5.72 2.22
N ALA E 118 25.54 6.88 1.69
CA ALA E 118 24.14 7.13 1.34
C ALA E 118 23.93 8.26 0.36
N LEU E 119 22.75 8.27 -0.26
CA LEU E 119 22.26 9.43 -0.99
C LEU E 119 21.70 10.36 0.05
N ASP E 120 22.19 11.59 0.04
CA ASP E 120 21.65 12.63 0.93
C ASP E 120 20.30 13.12 0.45
N GLY E 121 20.14 13.18 -0.88
CA GLY E 121 18.89 13.60 -1.48
C GLY E 121 18.43 12.66 -2.59
N ASP E 122 17.13 12.60 -2.78
CA ASP E 122 16.53 11.80 -3.86
C ASP E 122 16.55 12.53 -5.21
N TYR E 123 15.78 12.00 -6.16
CA TYR E 123 15.79 12.51 -7.53
C TYR E 123 15.13 13.87 -7.66
N ARG E 124 14.27 14.21 -6.70
CA ARG E 124 13.66 15.53 -6.61
C ARG E 124 14.41 16.44 -5.61
N ARG E 125 15.59 16.03 -5.16
CA ARG E 125 16.38 16.76 -4.14
C ARG E 125 15.74 16.88 -2.75
N LYS E 126 14.75 16.06 -2.44
CA LYS E 126 14.20 16.06 -1.09
C LYS E 126 15.07 15.15 -0.23
N PRO E 127 15.18 15.45 1.08
CA PRO E 127 15.97 14.59 1.99
C PRO E 127 15.57 13.13 1.88
N PHE E 128 16.55 12.27 1.67
CA PHE E 128 16.30 10.84 1.46
C PHE E 128 16.45 10.02 2.75
N GLY E 129 15.35 9.47 3.23
CA GLY E 129 15.34 8.71 4.47
C GLY E 129 15.71 9.56 5.67
N GLN E 130 16.45 8.96 6.59
CA GLN E 130 16.91 9.64 7.80
C GLN E 130 18.33 10.21 7.65
N ILE E 131 18.80 10.44 6.42
CA ILE E 131 20.20 10.83 6.23
C ILE E 131 20.48 12.25 6.70
N CYS E 132 19.71 13.20 6.22
CA CYS E 132 19.87 14.58 6.66
C CYS E 132 19.72 14.69 8.19
N GLU E 133 18.77 13.94 8.75
CA GLU E 133 18.57 13.88 10.21
C GLU E 133 19.77 13.28 10.97
N LEU E 134 20.58 12.49 10.29
CA LEU E 134 21.75 11.83 10.90
C LEU E 134 22.94 12.75 11.00
N VAL E 135 22.94 13.79 10.18
CA VAL E 135 24.11 14.68 10.06
C VAL E 135 24.54 15.27 11.41
N PRO E 136 23.60 15.82 12.19
CA PRO E 136 23.98 16.37 13.48
C PRO E 136 24.71 15.43 14.42
N TYR E 137 24.52 14.13 14.22
CA TYR E 137 25.17 13.09 15.03
C TYR E 137 26.55 12.64 14.52
N CYS E 138 26.97 13.16 13.37
CA CYS E 138 28.18 12.67 12.70
C CYS E 138 29.43 13.44 13.09
N GLU E 139 30.49 12.70 13.37
CA GLU E 139 31.79 13.29 13.60
C GLU E 139 32.46 13.67 12.29
N ALA E 140 31.98 13.17 11.18
CA ALA E 140 32.51 13.53 9.86
C ALA E 140 31.48 13.32 8.77
N VAL E 141 31.50 14.22 7.80
CA VAL E 141 30.63 14.14 6.65
C VAL E 141 31.41 14.49 5.41
N ASP E 142 31.58 13.52 4.54
CA ASP E 142 32.18 13.77 3.24
C ASP E 142 31.13 13.64 2.15
N LYS E 143 31.01 14.67 1.31
CA LYS E 143 30.14 14.61 0.16
C LYS E 143 30.98 14.43 -1.09
N LEU E 144 30.75 13.34 -1.81
CA LEU E 144 31.49 13.07 -3.02
C LEU E 144 30.74 13.66 -4.20
N THR E 145 31.46 13.91 -5.28
CA THR E 145 30.84 14.42 -6.50
C THR E 145 31.08 13.46 -7.64
N ALA E 146 30.09 13.35 -8.53
CA ALA E 146 30.20 12.53 -9.72
C ALA E 146 30.67 13.44 -10.85
N VAL E 147 30.68 12.95 -12.08
CA VAL E 147 30.85 13.84 -13.23
C VAL E 147 29.49 13.97 -13.88
N CYS E 148 29.19 15.12 -14.44
CA CYS E 148 27.89 15.34 -15.03
C CYS E 148 27.77 14.52 -16.30
N MET E 149 26.73 13.69 -16.34
CA MET E 149 26.55 12.73 -17.43
C MET E 149 25.71 13.32 -18.57
N MET E 150 25.26 14.56 -18.41
CA MET E 150 24.70 15.33 -19.51
C MET E 150 25.77 16.14 -20.23
N CYS E 151 26.38 17.12 -19.55
CA CYS E 151 27.36 18.01 -20.21
C CYS E 151 28.81 17.53 -20.16
N HIS E 152 29.09 16.48 -19.42
CA HIS E 152 30.43 15.85 -19.40
C HIS E 152 31.62 16.77 -19.06
N GLU E 153 31.36 18.02 -18.68
CA GLU E 153 32.41 19.02 -18.45
C GLU E 153 32.16 19.86 -17.19
N GLN E 154 31.64 19.22 -16.15
CA GLN E 154 31.42 19.87 -14.86
C GLN E 154 31.14 18.80 -13.81
N PRO E 155 31.53 19.04 -12.54
CA PRO E 155 31.25 18.03 -11.52
C PRO E 155 29.76 17.92 -11.26
N ALA E 156 29.34 16.80 -10.70
CA ALA E 156 27.92 16.54 -10.51
C ALA E 156 27.61 16.23 -9.05
N CYS E 157 26.58 16.91 -8.53
CA CYS E 157 26.20 16.81 -7.14
C CYS E 157 24.76 16.38 -6.94
N PHE E 158 24.00 16.32 -8.03
CA PHE E 158 22.58 15.88 -7.99
C PHE E 158 22.31 14.63 -8.85
N THR E 159 21.23 13.93 -8.52
CA THR E 159 20.79 12.76 -9.28
C THR E 159 19.43 13.01 -9.97
N ARG E 160 19.40 12.87 -11.30
CA ARG E 160 18.16 13.06 -12.07
C ARG E 160 17.61 11.69 -12.43
N ARG E 161 16.29 11.55 -12.39
CA ARG E 161 15.63 10.28 -12.79
C ARG E 161 15.16 10.32 -14.25
N THR E 162 15.56 9.33 -15.04
CA THR E 162 15.30 9.33 -16.48
C THR E 162 14.01 8.62 -16.87
N VAL E 163 13.52 7.71 -16.02
CA VAL E 163 12.19 7.10 -16.23
C VAL E 163 11.08 7.87 -15.52
N ASN E 164 9.84 7.65 -15.95
CA ASN E 164 8.69 8.35 -15.37
C ASN E 164 8.01 7.52 -14.30
N VAL E 165 8.66 7.46 -13.14
CA VAL E 165 8.06 6.94 -11.94
C VAL E 165 8.06 8.05 -10.90
N GLU E 166 6.98 8.18 -10.14
CA GLU E 166 6.88 9.21 -9.10
C GLU E 166 7.40 8.71 -7.75
N GLN E 167 7.17 7.43 -7.48
CA GLN E 167 7.66 6.80 -6.24
C GLN E 167 9.05 7.26 -5.85
N GLN E 168 9.27 7.51 -4.57
CA GLN E 168 10.61 7.85 -4.12
C GLN E 168 11.55 6.63 -4.16
N GLU E 169 11.13 5.52 -3.56
CA GLU E 169 11.94 4.31 -3.61
C GLU E 169 11.76 3.60 -4.94
N LEU E 170 12.80 3.67 -5.76
CA LEU E 170 12.91 2.88 -6.99
C LEU E 170 14.37 2.43 -7.16
N ILE E 171 14.65 1.16 -6.84
CA ILE E 171 16.00 0.63 -6.90
C ILE E 171 16.43 0.44 -8.36
N GLY E 172 17.68 0.81 -8.66
CA GLY E 172 18.19 0.78 -10.02
C GLY E 172 19.44 1.61 -10.25
N GLY E 173 19.92 1.60 -11.49
CA GLY E 173 21.20 2.23 -11.84
C GLY E 173 21.15 3.11 -13.07
N ALA E 174 22.16 2.96 -13.94
CA ALA E 174 22.39 3.86 -15.07
C ALA E 174 21.24 3.95 -16.07
N ASP E 175 20.44 2.88 -16.16
CA ASP E 175 19.26 2.84 -17.04
C ASP E 175 18.07 3.68 -16.52
N MET E 176 18.13 4.10 -15.26
CA MET E 176 17.03 4.85 -14.63
C MET E 176 17.44 6.16 -13.98
N TYR E 177 18.74 6.42 -13.88
CA TYR E 177 19.23 7.64 -13.22
C TYR E 177 20.48 8.18 -13.90
N ILE E 178 20.65 9.49 -13.75
CA ILE E 178 21.84 10.17 -14.27
C ILE E 178 22.31 11.22 -13.25
N ALA E 179 23.63 11.30 -13.10
CA ALA E 179 24.25 12.29 -12.21
C ALA E 179 24.43 13.57 -12.99
N THR E 180 24.09 14.69 -12.35
CA THR E 180 24.12 15.97 -13.03
C THR E 180 24.69 17.12 -12.21
N CYS E 181 25.08 18.17 -12.92
CA CYS E 181 25.40 19.45 -12.32
C CYS E 181 24.11 20.26 -12.12
N ARG E 182 24.24 21.51 -11.69
CA ARG E 182 23.09 22.34 -11.40
C ARG E 182 22.32 22.74 -12.65
N GLU E 183 23.02 23.40 -13.58
CA GLU E 183 22.42 23.82 -14.85
C GLU E 183 21.67 22.64 -15.48
N CYS E 184 22.36 21.51 -15.61
CA CYS E 184 21.81 20.34 -16.30
C CYS E 184 20.59 19.73 -15.65
N TYR E 185 20.53 19.82 -14.32
CA TYR E 185 19.45 19.23 -13.55
C TYR E 185 18.07 19.76 -13.96
N SER E 186 18.02 21.04 -14.36
CA SER E 186 16.78 21.69 -14.81
C SER E 186 16.56 21.69 -16.35
N LYS E 187 17.57 21.29 -17.12
CA LYS E 187 17.47 21.14 -18.58
C LYS E 187 16.74 19.82 -18.90
N ARG F 11 29.86 28.27 -12.99
CA ARG F 11 28.63 29.05 -12.70
C ARG F 11 28.30 29.13 -11.20
N GLY F 12 27.04 28.88 -10.92
CA GLY F 12 26.49 29.11 -9.61
C GLY F 12 26.41 27.86 -8.77
N ARG F 13 26.34 28.05 -7.45
CA ARG F 13 26.37 26.94 -6.52
C ARG F 13 26.06 27.35 -5.10
N ILE F 14 25.86 26.34 -4.25
CA ILE F 14 25.72 26.52 -2.80
C ILE F 14 26.82 25.72 -2.07
N GLU F 15 27.53 26.39 -1.16
CA GLU F 15 28.52 25.74 -0.31
C GLU F 15 28.10 25.86 1.13
N LEU F 16 28.22 24.78 1.89
CA LEU F 16 27.77 24.76 3.28
C LEU F 16 28.93 24.45 4.22
N ILE F 17 29.01 25.23 5.28
CA ILE F 17 30.06 25.12 6.30
C ILE F 17 29.35 24.90 7.61
N ILE F 18 29.56 23.73 8.18
CA ILE F 18 28.82 23.31 9.37
C ILE F 18 29.79 22.76 10.39
N GLY F 19 29.25 22.37 11.52
CA GLY F 19 30.03 21.87 12.64
C GLY F 19 29.45 22.49 13.89
N PRO F 20 30.05 22.17 15.05
CA PRO F 20 29.53 22.66 16.31
C PRO F 20 30.02 24.06 16.52
N MET F 21 29.69 24.61 17.68
CA MET F 21 30.24 25.90 18.06
C MET F 21 31.74 25.75 18.32
N PHE F 22 32.45 26.87 18.20
CA PHE F 22 33.89 26.94 18.47
C PHE F 22 34.78 26.16 17.48
N ALA F 23 34.29 26.03 16.24
CA ALA F 23 35.01 25.30 15.19
C ALA F 23 35.64 26.23 14.17
N GLY F 24 35.23 27.50 14.16
CA GLY F 24 35.76 28.47 13.21
C GLY F 24 35.01 28.53 11.89
N LYS F 25 33.74 28.14 11.90
CA LYS F 25 32.88 28.20 10.71
C LYS F 25 32.82 29.60 10.12
N THR F 26 32.49 30.58 10.97
CA THR F 26 32.47 31.98 10.53
C THR F 26 33.83 32.41 9.97
N THR F 27 34.90 32.11 10.69
CA THR F 27 36.28 32.28 10.17
C THR F 27 36.42 31.73 8.74
N GLU F 28 36.05 30.48 8.54
CA GLU F 28 36.19 29.85 7.22
C GLU F 28 35.33 30.55 6.18
N LEU F 29 34.13 30.95 6.55
CA LEU F 29 33.26 31.69 5.65
C LEU F 29 33.98 32.94 5.14
N MET F 30 34.62 33.65 6.05
CA MET F 30 35.26 34.92 5.70
C MET F 30 36.55 34.72 4.93
N ARG F 31 37.22 33.60 5.16
CA ARG F 31 38.41 33.24 4.38
C ARG F 31 38.05 33.16 2.92
N ARG F 32 36.94 32.49 2.68
CA ARG F 32 36.44 32.30 1.32
C ARG F 32 36.02 33.62 0.73
N VAL F 33 35.40 34.46 1.54
CA VAL F 33 35.03 35.81 1.10
C VAL F 33 36.23 36.64 0.67
N LYS F 34 37.27 36.69 1.51
CA LYS F 34 38.48 37.49 1.19
C LYS F 34 39.16 36.98 -0.08
N ARG F 35 39.17 35.66 -0.25
CA ARG F 35 39.65 34.96 -1.45
C ARG F 35 39.00 35.53 -2.73
N GLU F 36 37.67 35.71 -2.69
CA GLU F 36 36.89 36.22 -3.82
C GLU F 36 37.15 37.71 -4.07
N ILE F 37 37.27 38.48 -2.99
CA ILE F 37 37.56 39.91 -3.08
C ILE F 37 38.90 40.21 -3.74
N HIS F 38 39.93 39.47 -3.39
CA HIS F 38 41.22 39.59 -4.07
C HIS F 38 41.14 39.39 -5.57
N ALA F 39 40.13 38.67 -6.02
CA ALA F 39 39.90 38.46 -7.44
C ALA F 39 38.91 39.48 -7.95
N ARG F 40 38.74 40.56 -7.21
CA ARG F 40 37.84 41.61 -7.60
C ARG F 40 36.43 41.08 -7.90
N ARG F 41 35.98 40.12 -7.11
CA ARG F 41 34.58 39.70 -7.22
C ARG F 41 33.77 40.26 -6.05
N SER F 42 32.55 40.72 -6.35
CA SER F 42 31.78 41.47 -5.37
C SER F 42 31.05 40.54 -4.42
N CYS F 43 31.15 40.81 -3.13
CA CYS F 43 30.56 39.95 -2.10
C CYS F 43 29.60 40.69 -1.19
N PHE F 44 28.55 39.97 -0.77
CA PHE F 44 27.50 40.50 0.06
C PHE F 44 27.31 39.57 1.24
N VAL F 45 27.77 40.03 2.41
CA VAL F 45 27.78 39.21 3.62
C VAL F 45 26.53 39.47 4.41
N ILE F 46 25.79 38.40 4.70
CA ILE F 46 24.52 38.53 5.38
C ILE F 46 24.56 37.83 6.74
N LYS F 47 24.45 38.62 7.80
CA LYS F 47 24.43 38.08 9.15
C LYS F 47 23.03 38.12 9.72
N TYR F 48 22.82 37.52 10.89
CA TYR F 48 21.50 37.45 11.53
C TYR F 48 21.39 38.43 12.68
N SER F 49 20.19 38.96 12.90
CA SER F 49 19.99 39.97 14.00
C SER F 49 20.18 39.39 15.41
N LYS F 50 21.43 39.43 15.88
CA LYS F 50 21.89 38.76 17.10
C LYS F 50 23.06 39.55 17.68
N ASP F 51 22.82 40.46 18.64
CA ASP F 51 23.80 41.52 18.95
C ASP F 51 25.08 41.02 19.66
N THR F 52 26.14 40.82 18.89
CA THR F 52 27.34 40.08 19.34
C THR F 52 28.51 40.52 18.47
N ARG F 53 29.67 40.79 19.07
CA ARG F 53 30.75 41.53 18.35
C ARG F 53 31.49 40.72 17.27
N TYR F 54 31.85 41.40 16.17
CA TYR F 54 32.25 40.78 14.91
C TYR F 54 33.74 40.93 14.57
N ASP F 55 34.24 40.00 13.74
CA ASP F 55 35.62 39.97 13.22
C ASP F 55 36.68 39.60 14.27
N HIS F 62 36.47 47.29 7.77
CA HIS F 62 36.58 47.26 6.31
C HIS F 62 38.04 47.34 5.82
N ASP F 63 38.38 46.59 4.77
CA ASP F 63 39.76 46.61 4.21
C ASP F 63 39.91 46.17 2.70
N GLN F 64 39.11 46.77 1.82
CA GLN F 64 39.40 46.70 0.34
C GLN F 64 38.89 47.94 -0.44
N LEU F 65 39.25 48.02 -1.72
CA LEU F 65 38.61 48.96 -2.67
C LEU F 65 37.90 48.23 -3.82
N MET F 66 36.95 47.38 -3.42
CA MET F 66 36.09 46.58 -4.29
C MET F 66 34.61 46.93 -3.96
N LEU F 67 33.65 46.25 -4.60
CA LEU F 67 32.26 46.24 -4.15
C LEU F 67 31.90 45.17 -3.04
N ARG F 68 31.70 45.63 -1.80
CA ARG F 68 31.49 44.76 -0.63
C ARG F 68 30.40 45.29 0.25
N ALA F 69 29.45 44.43 0.61
CA ALA F 69 28.28 44.83 1.39
C ALA F 69 28.03 43.89 2.58
N GLN F 70 27.36 44.41 3.59
CA GLN F 70 27.15 43.68 4.82
C GLN F 70 25.82 44.06 5.41
N ALA F 71 24.89 43.10 5.41
CA ALA F 71 23.58 43.30 5.99
C ALA F 71 23.41 42.49 7.26
N ALA F 72 22.48 42.93 8.12
CA ALA F 72 22.09 42.17 9.31
C ALA F 72 20.57 42.20 9.37
N VAL F 73 19.96 41.02 9.38
CA VAL F 73 18.59 40.87 8.97
C VAL F 73 17.95 39.72 9.75
N SER F 74 16.62 39.71 9.87
CA SER F 74 15.90 38.62 10.56
C SER F 74 15.35 37.59 9.58
N GLN F 75 15.00 38.01 8.38
CA GLN F 75 14.51 37.13 7.31
C GLN F 75 15.08 37.61 6.00
N LEU F 76 15.49 36.68 5.15
CA LEU F 76 16.25 37.04 3.94
C LEU F 76 15.43 37.83 2.90
N THR F 77 14.12 37.77 3.03
CA THR F 77 13.22 38.61 2.24
C THR F 77 13.58 40.10 2.41
N GLU F 78 14.09 40.44 3.59
CA GLU F 78 14.45 41.83 3.94
C GLU F 78 15.60 42.42 3.11
N VAL F 79 16.19 41.60 2.27
CA VAL F 79 17.28 42.01 1.39
C VAL F 79 16.73 42.35 0.01
N ARG F 80 15.47 41.97 -0.23
CA ARG F 80 14.78 42.24 -1.48
C ARG F 80 15.58 41.71 -2.69
N ASP F 81 15.98 42.60 -3.59
CA ASP F 81 16.72 42.22 -4.79
C ASP F 81 18.18 42.65 -4.73
N THR F 82 18.62 43.14 -3.56
CA THR F 82 19.95 43.70 -3.39
C THR F 82 21.03 42.73 -3.90
N TRP F 83 20.85 41.46 -3.58
CA TRP F 83 21.78 40.36 -3.94
C TRP F 83 22.06 40.19 -5.43
N LYS F 84 21.13 40.60 -6.27
CA LYS F 84 21.30 40.46 -7.71
C LYS F 84 22.54 41.19 -8.25
N ARG F 85 22.94 42.26 -7.58
CA ARG F 85 24.12 43.02 -7.99
C ARG F 85 25.42 42.33 -7.64
N PHE F 86 25.35 41.27 -6.86
CA PHE F 86 26.55 40.68 -6.28
C PHE F 86 26.98 39.35 -6.90
N ASP F 87 28.29 39.10 -6.87
CA ASP F 87 28.85 37.87 -7.40
C ASP F 87 28.71 36.72 -6.41
N VAL F 88 28.85 37.05 -5.13
CA VAL F 88 29.06 36.06 -4.09
C VAL F 88 28.21 36.41 -2.88
N LEU F 89 27.39 35.47 -2.41
CA LEU F 89 26.58 35.69 -1.21
C LEU F 89 27.12 34.81 -0.07
N ALA F 90 27.48 35.46 1.04
CA ALA F 90 27.94 34.77 2.24
C ALA F 90 26.91 34.96 3.32
N ILE F 91 26.32 33.86 3.78
CA ILE F 91 25.28 33.93 4.80
C ILE F 91 25.81 33.26 6.06
N ASP F 92 26.00 34.03 7.13
CA ASP F 92 26.49 33.50 8.41
C ASP F 92 25.30 33.27 9.34
N GLU F 93 25.44 32.28 10.23
CA GLU F 93 24.36 31.83 11.13
C GLU F 93 23.08 31.46 10.34
N GLY F 94 23.26 30.80 9.19
CA GLY F 94 22.14 30.44 8.30
C GLY F 94 20.99 29.71 8.95
N GLN F 95 21.27 29.04 10.04
CA GLN F 95 20.27 28.24 10.70
C GLN F 95 19.04 29.03 11.17
N PHE F 96 19.24 30.34 11.39
CA PHE F 96 18.17 31.20 11.92
C PHE F 96 17.25 31.81 10.85
N PHE F 97 17.56 31.57 9.57
CA PHE F 97 16.71 32.09 8.49
C PHE F 97 15.73 31.04 7.95
N SER F 98 14.43 31.29 8.14
CA SER F 98 13.41 30.33 7.75
C SER F 98 13.22 30.18 6.24
N ASP F 99 13.70 31.15 5.47
CA ASP F 99 13.58 31.14 4.00
C ASP F 99 14.90 30.79 3.30
N LEU F 100 15.77 30.08 4.02
CA LEU F 100 17.14 29.79 3.59
C LEU F 100 17.21 29.04 2.27
N VAL F 101 16.51 27.92 2.19
CA VAL F 101 16.63 27.01 1.05
C VAL F 101 16.22 27.68 -0.25
N ASP F 102 14.98 28.13 -0.31
CA ASP F 102 14.45 28.83 -1.50
C ASP F 102 15.35 29.99 -1.89
N PHE F 103 15.88 30.69 -0.89
CA PHE F 103 16.70 31.90 -1.15
C PHE F 103 18.02 31.55 -1.79
N CYS F 104 18.72 30.61 -1.17
CA CYS F 104 20.01 30.17 -1.68
C CYS F 104 19.86 29.58 -3.09
N ASN F 105 18.83 28.76 -3.28
CA ASN F 105 18.54 28.15 -4.57
C ASN F 105 18.25 29.16 -5.69
N THR F 106 17.27 30.02 -5.45
CA THR F 106 16.93 31.08 -6.39
C THR F 106 18.19 31.83 -6.85
N ALA F 107 19.07 32.13 -5.87
CA ALA F 107 20.33 32.86 -6.11
C ALA F 107 21.35 32.04 -6.87
N ALA F 108 21.56 30.81 -6.42
CA ALA F 108 22.51 29.88 -7.06
C ALA F 108 22.11 29.61 -8.50
N ASP F 109 20.80 29.46 -8.71
CA ASP F 109 20.26 29.27 -10.06
C ASP F 109 20.46 30.50 -10.95
N ALA F 110 20.46 31.68 -10.34
CA ALA F 110 20.82 32.91 -11.06
C ALA F 110 22.30 32.99 -11.43
N GLY F 111 23.10 32.09 -10.91
CA GLY F 111 24.53 32.04 -11.20
C GLY F 111 25.42 32.57 -10.08
N LYS F 112 24.84 32.71 -8.88
CA LYS F 112 25.55 33.27 -7.73
C LYS F 112 26.30 32.21 -6.96
N VAL F 113 27.46 32.57 -6.44
CA VAL F 113 28.15 31.73 -5.47
C VAL F 113 27.61 32.01 -4.07
N VAL F 114 26.76 31.10 -3.60
CA VAL F 114 26.16 31.22 -2.27
C VAL F 114 26.92 30.34 -1.29
N MET F 115 27.35 30.95 -0.18
CA MET F 115 28.10 30.22 0.87
C MET F 115 27.41 30.45 2.19
N VAL F 116 27.28 29.38 2.97
CA VAL F 116 26.50 29.39 4.18
C VAL F 116 27.26 28.76 5.31
N SER F 117 27.44 29.49 6.39
CA SER F 117 28.03 28.97 7.62
C SER F 117 26.90 28.77 8.62
N ALA F 118 26.84 27.59 9.26
CA ALA F 118 25.74 27.30 10.17
C ALA F 118 26.03 26.18 11.14
N LEU F 119 25.26 26.13 12.22
CA LEU F 119 25.18 24.94 13.05
C LEU F 119 24.25 23.95 12.34
N ASP F 120 24.73 22.75 12.10
CA ASP F 120 23.91 21.69 11.52
C ASP F 120 22.92 21.14 12.54
N GLY F 121 23.36 21.06 13.80
CA GLY F 121 22.52 20.59 14.88
C GLY F 121 22.57 21.49 16.11
N ASP F 122 21.46 21.51 16.85
CA ASP F 122 21.34 22.30 18.09
C ASP F 122 21.96 21.57 19.28
N TYR F 123 21.65 22.05 20.48
CA TYR F 123 22.28 21.56 21.70
C TYR F 123 21.79 20.18 22.07
N ARG F 124 20.63 19.81 21.57
CA ARG F 124 20.09 18.47 21.73
C ARG F 124 20.33 17.61 20.47
N ARG F 125 21.19 18.08 19.56
CA ARG F 125 21.49 17.38 18.30
C ARG F 125 20.31 17.23 17.33
N LYS F 126 19.26 18.01 17.49
CA LYS F 126 18.16 18.00 16.53
C LYS F 126 18.54 18.95 15.37
N PRO F 127 18.09 18.66 14.14
CA PRO F 127 18.37 19.53 12.99
C PRO F 127 18.01 20.99 13.27
N PHE F 128 18.96 21.88 13.06
CA PHE F 128 18.78 23.27 13.40
C PHE F 128 18.34 24.07 12.19
N GLY F 129 17.12 24.60 12.25
CA GLY F 129 16.55 25.34 11.15
C GLY F 129 16.40 24.50 9.90
N GLN F 130 16.61 25.13 8.76
CA GLN F 130 16.52 24.46 7.47
C GLN F 130 17.87 23.90 6.96
N ILE F 131 18.84 23.68 7.86
CA ILE F 131 20.20 23.39 7.43
C ILE F 131 20.31 22.00 6.86
N CYS F 132 19.86 21.02 7.62
CA CYS F 132 19.85 19.64 7.12
C CYS F 132 19.04 19.51 5.82
N GLU F 133 17.91 20.21 5.74
CA GLU F 133 17.10 20.29 4.51
C GLU F 133 17.80 20.93 3.31
N LEU F 134 18.80 21.77 3.58
CA LEU F 134 19.57 22.45 2.52
C LEU F 134 20.65 21.57 1.89
N VAL F 135 21.05 20.53 2.61
CA VAL F 135 22.17 19.68 2.21
C VAL F 135 22.01 19.08 0.82
N PRO F 136 20.84 18.47 0.53
CA PRO F 136 20.63 17.94 -0.83
C PRO F 136 20.84 18.93 -1.97
N TYR F 137 20.71 20.23 -1.69
CA TYR F 137 20.92 21.28 -2.70
C TYR F 137 22.37 21.80 -2.82
N CYS F 138 23.26 21.31 -1.96
CA CYS F 138 24.63 21.85 -1.90
C CYS F 138 25.61 21.14 -2.80
N GLU F 139 26.40 21.92 -3.54
CA GLU F 139 27.52 21.38 -4.32
C GLU F 139 28.71 21.02 -3.42
N ALA F 140 28.73 21.52 -2.20
CA ALA F 140 29.79 21.19 -1.25
C ALA F 140 29.33 21.36 0.18
N VAL F 141 29.80 20.46 1.05
CA VAL F 141 29.50 20.50 2.45
C VAL F 141 30.75 20.17 3.24
N ASP F 142 31.25 21.15 3.98
CA ASP F 142 32.39 20.93 4.84
C ASP F 142 31.94 21.03 6.28
N LYS F 143 32.23 19.99 7.07
CA LYS F 143 31.94 20.02 8.49
C LYS F 143 33.23 20.25 9.24
N LEU F 144 33.29 21.31 10.01
CA LEU F 144 34.47 21.63 10.78
C LEU F 144 34.32 20.98 12.14
N THR F 145 35.44 20.75 12.80
CA THR F 145 35.44 20.22 14.15
C THR F 145 36.14 21.23 15.11
N ALA F 146 35.61 21.31 16.33
CA ALA F 146 36.19 22.10 17.41
C ALA F 146 37.12 21.20 18.19
N VAL F 147 37.64 21.68 19.31
CA VAL F 147 38.35 20.80 20.23
C VAL F 147 37.42 20.62 21.40
N CYS F 148 37.44 19.44 22.02
CA CYS F 148 36.53 19.18 23.10
C CYS F 148 36.97 19.98 24.31
N MET F 149 36.02 20.74 24.83
CA MET F 149 36.28 21.68 25.91
C MET F 149 36.08 21.05 27.28
N MET F 150 35.64 19.79 27.32
CA MET F 150 35.64 18.99 28.55
C MET F 150 36.96 18.23 28.68
N CYS F 151 37.23 17.29 27.78
CA CYS F 151 38.43 16.43 27.90
C CYS F 151 39.69 16.95 27.24
N HIS F 152 39.58 18.03 26.47
CA HIS F 152 40.74 18.72 25.89
C HIS F 152 41.69 17.86 25.05
N GLU F 153 41.32 16.61 24.79
CA GLU F 153 42.20 15.67 24.09
C GLU F 153 41.48 14.83 23.04
N GLN F 154 40.52 15.45 22.35
CA GLN F 154 39.77 14.78 21.28
C GLN F 154 39.05 15.87 20.47
N PRO F 155 38.87 15.66 19.15
CA PRO F 155 38.12 16.64 18.40
C PRO F 155 36.66 16.68 18.81
N ALA F 156 35.99 17.78 18.52
CA ALA F 156 34.62 18.00 18.99
C ALA F 156 33.70 18.27 17.82
N CYS F 157 32.59 17.55 17.79
CA CYS F 157 31.64 17.66 16.70
C CYS F 157 30.24 18.05 17.17
N PHE F 158 30.01 18.11 18.48
CA PHE F 158 28.72 18.50 19.06
C PHE F 158 28.81 19.70 19.98
N THR F 159 27.65 20.35 20.18
CA THR F 159 27.55 21.50 21.08
C THR F 159 26.63 21.19 22.28
N ARG F 160 27.19 21.28 23.50
CA ARG F 160 26.41 21.05 24.74
C ARG F 160 26.04 22.40 25.37
N ARG F 161 24.82 22.50 25.90
CA ARG F 161 24.36 23.74 26.54
C ARG F 161 24.56 23.66 28.06
N THR F 162 25.25 24.65 28.62
CA THR F 162 25.63 24.61 30.03
C THR F 162 24.62 25.27 30.96
N VAL F 163 23.78 26.17 30.44
CA VAL F 163 22.66 26.72 31.24
C VAL F 163 21.41 25.89 31.08
N ASN F 164 20.47 26.08 32.01
CA ASN F 164 19.20 25.39 31.97
C ASN F 164 18.09 26.21 31.32
N VAL F 165 18.15 26.31 30.00
CA VAL F 165 17.05 26.84 29.18
C VAL F 165 16.64 25.75 28.19
N GLU F 166 15.34 25.59 27.96
CA GLU F 166 14.82 24.56 27.04
C GLU F 166 14.71 25.10 25.62
N GLN F 167 14.33 26.37 25.51
CA GLN F 167 14.16 27.02 24.20
C GLN F 167 15.32 26.69 23.23
N GLN F 168 14.97 26.46 21.96
CA GLN F 168 16.01 26.16 20.98
C GLN F 168 16.83 27.39 20.63
N GLU F 169 16.17 28.49 20.28
CA GLU F 169 16.87 29.73 20.01
C GLU F 169 17.27 30.40 21.31
N LEU F 170 18.57 30.36 21.62
CA LEU F 170 19.16 31.11 22.72
C LEU F 170 20.52 31.61 22.28
N ILE F 171 20.59 32.90 21.91
CA ILE F 171 21.84 33.48 21.36
C ILE F 171 22.86 33.71 22.47
N GLY F 172 24.12 33.38 22.20
CA GLY F 172 25.17 33.41 23.20
C GLY F 172 26.39 32.61 22.84
N GLY F 173 27.36 32.61 23.75
CA GLY F 173 28.68 32.00 23.49
C GLY F 173 29.20 31.10 24.59
N ALA F 174 30.48 31.28 24.93
CA ALA F 174 31.21 30.37 25.82
C ALA F 174 30.62 30.23 27.22
N ASP F 175 29.92 31.25 27.68
CA ASP F 175 29.25 31.24 28.98
C ASP F 175 27.98 30.38 29.01
N MET F 176 27.49 29.99 27.84
CA MET F 176 26.25 29.20 27.73
C MET F 176 26.37 27.90 26.93
N TYR F 177 27.50 27.69 26.26
CA TYR F 177 27.69 26.51 25.43
C TYR F 177 29.13 25.99 25.47
N ILE F 178 29.26 24.69 25.26
CA ILE F 178 30.58 24.06 25.17
C ILE F 178 30.60 23.05 24.02
N ALA F 179 31.73 23.01 23.31
CA ALA F 179 31.91 22.08 22.22
C ALA F 179 32.46 20.81 22.81
N THR F 180 31.92 19.68 22.37
CA THR F 180 32.28 18.39 22.95
C THR F 180 32.45 17.27 21.96
N CYS F 181 33.15 16.24 22.41
CA CYS F 181 33.24 14.99 21.68
C CYS F 181 32.01 14.12 22.03
N ARG F 182 31.98 12.87 21.56
CA ARG F 182 30.85 11.97 21.80
C ARG F 182 30.73 11.56 23.26
N GLU F 183 31.79 10.94 23.78
CA GLU F 183 31.82 10.51 25.18
C GLU F 183 31.37 11.65 26.11
N CYS F 184 32.00 12.80 25.94
CA CYS F 184 31.78 13.96 26.81
C CYS F 184 30.37 14.50 26.75
N TYR F 185 29.76 14.41 25.58
CA TYR F 185 28.42 14.96 25.36
C TYR F 185 27.36 14.36 26.31
N SER F 186 27.53 13.08 26.64
CA SER F 186 26.63 12.37 27.57
C SER F 186 27.09 12.37 29.04
N LYS F 187 28.32 12.79 29.31
CA LYS F 187 28.80 12.84 30.69
C LYS F 187 27.88 13.79 31.46
N GLN F 188 27.28 13.30 32.55
CA GLN F 188 26.14 13.98 33.19
C GLN F 188 26.59 15.29 33.86
N GLN F 189 27.56 15.17 34.76
CA GLN F 189 28.07 16.31 35.51
C GLN F 189 29.57 16.46 35.28
N ARG G 11 -8.36 21.82 39.12
CA ARG G 11 -9.07 22.44 37.97
C ARG G 11 -8.28 23.57 37.22
N GLY G 12 -6.98 23.45 36.87
CA GLY G 12 -6.28 24.53 36.14
C GLY G 12 -6.35 24.31 34.64
N ARG G 13 -6.19 25.40 33.88
CA ARG G 13 -6.30 25.34 32.41
C ARG G 13 -5.86 26.61 31.73
N ILE G 14 -5.76 26.52 30.40
CA ILE G 14 -5.52 27.68 29.53
C ILE G 14 -6.65 27.84 28.53
N GLU G 15 -7.20 29.05 28.43
CA GLU G 15 -8.24 29.36 27.45
C GLU G 15 -7.74 30.47 26.53
N LEU G 16 -7.95 30.32 25.23
CA LEU G 16 -7.45 31.26 24.25
C LEU G 16 -8.57 31.90 23.48
N ILE G 17 -8.49 33.22 23.35
CA ILE G 17 -9.47 34.02 22.64
C ILE G 17 -8.71 34.73 21.53
N ILE G 18 -9.02 34.37 20.29
CA ILE G 18 -8.30 34.89 19.13
C ILE G 18 -9.28 35.37 18.07
N GLY G 19 -8.72 35.87 16.97
CA GLY G 19 -9.49 36.50 15.92
C GLY G 19 -8.76 37.75 15.49
N PRO G 20 -9.30 38.47 14.50
CA PRO G 20 -8.69 39.69 14.02
C PRO G 20 -8.97 40.85 14.97
N MET G 21 -8.53 42.04 14.59
CA MET G 21 -8.91 43.22 15.32
C MET G 21 -10.41 43.50 15.14
N PHE G 22 -10.97 44.22 16.09
CA PHE G 22 -12.37 44.68 16.06
C PHE G 22 -13.39 43.58 16.22
N ALA G 23 -12.99 42.52 16.92
CA ALA G 23 -13.84 41.34 17.09
C ALA G 23 -14.40 41.27 18.49
N GLY G 24 -13.84 42.07 19.40
CA GLY G 24 -14.29 42.10 20.78
C GLY G 24 -13.58 41.07 21.67
N LYS G 25 -12.37 40.63 21.28
CA LYS G 25 -11.61 39.68 22.09
C LYS G 25 -11.41 40.18 23.51
N THR G 26 -10.90 41.39 23.64
CA THR G 26 -10.67 41.98 24.94
C THR G 26 -11.98 42.01 25.72
N THR G 27 -13.05 42.48 25.05
CA THR G 27 -14.39 42.47 25.64
C THR G 27 -14.68 41.08 26.25
N GLU G 28 -14.50 40.04 25.43
CA GLU G 28 -14.82 38.68 25.85
C GLU G 28 -13.92 38.25 27.03
N LEU G 29 -12.66 38.64 26.99
CA LEU G 29 -11.75 38.34 28.10
C LEU G 29 -12.33 38.91 29.40
N MET G 30 -12.83 40.13 29.34
CA MET G 30 -13.28 40.80 30.54
C MET G 30 -14.64 40.31 31.00
N ARG G 31 -15.45 39.84 30.05
CA ARG G 31 -16.73 39.17 30.40
C ARG G 31 -16.47 37.94 31.30
N ARG G 32 -15.48 37.15 30.90
CA ARG G 32 -15.07 36.01 31.66
C ARG G 32 -14.49 36.40 33.01
N VAL G 33 -13.71 37.46 33.04
CA VAL G 33 -13.19 37.99 34.30
C VAL G 33 -14.31 38.37 35.26
N LYS G 34 -15.28 39.18 34.81
CA LYS G 34 -16.37 39.64 35.69
C LYS G 34 -17.18 38.45 36.23
N ARG G 35 -17.41 37.46 35.38
CA ARG G 35 -17.98 36.15 35.79
C ARG G 35 -17.35 35.58 37.04
N GLU G 36 -16.01 35.53 37.03
CA GLU G 36 -15.24 34.91 38.10
C GLU G 36 -15.31 35.74 39.36
N ILE G 37 -15.27 37.06 39.18
CA ILE G 37 -15.35 37.99 40.30
C ILE G 37 -16.67 37.86 41.06
N HIS G 38 -17.78 37.76 40.34
CA HIS G 38 -19.09 37.55 40.97
C HIS G 38 -19.10 36.30 41.86
N ALA G 39 -18.22 35.36 41.57
CA ALA G 39 -18.10 34.16 42.38
C ALA G 39 -17.00 34.34 43.40
N ARG G 40 -16.65 35.59 43.68
CA ARG G 40 -15.64 35.90 44.67
C ARG G 40 -14.32 35.17 44.40
N ARG G 41 -13.98 35.02 43.12
CA ARG G 41 -12.71 34.42 42.72
C ARG G 41 -11.74 35.55 42.32
N SER G 42 -10.49 35.49 42.78
CA SER G 42 -9.55 36.61 42.63
C SER G 42 -8.89 36.59 41.25
N CYS G 43 -8.88 37.73 40.57
CA CYS G 43 -8.35 37.83 39.21
C CYS G 43 -7.25 38.87 39.08
N PHE G 44 -6.31 38.56 38.21
CA PHE G 44 -5.14 39.38 37.97
C PHE G 44 -5.05 39.57 36.45
N VAL G 45 -5.36 40.79 36.02
CA VAL G 45 -5.41 41.15 34.61
C VAL G 45 -4.08 41.73 34.18
N ILE G 46 -3.47 41.15 33.17
CA ILE G 46 -2.14 41.55 32.73
C ILE G 46 -2.23 42.07 31.31
N LYS G 47 -1.93 43.35 31.14
CA LYS G 47 -1.92 44.00 29.85
C LYS G 47 -0.46 44.21 29.39
N TYR G 48 -0.28 44.62 28.15
CA TYR G 48 1.06 44.84 27.57
C TYR G 48 1.42 46.32 27.48
N SER G 49 2.71 46.62 27.60
CA SER G 49 3.19 47.99 27.45
C SER G 49 4.70 47.97 27.27
N LYS G 50 5.18 48.67 26.25
CA LYS G 50 6.61 48.69 25.92
C LYS G 50 7.40 49.73 26.73
N ASP G 51 7.00 51.00 26.59
CA ASP G 51 7.81 52.11 27.07
C ASP G 51 7.68 52.38 28.59
N THR G 52 6.71 51.72 29.21
CA THR G 52 6.31 51.93 30.60
C THR G 52 5.86 50.61 31.26
N ARG G 53 6.14 50.45 32.56
CA ARG G 53 5.69 49.32 33.38
C ARG G 53 4.85 49.86 34.55
N TYR G 54 3.88 49.06 35.00
CA TYR G 54 2.87 49.52 35.99
C TYR G 54 2.22 48.36 36.75
N ASP G 55 1.85 48.60 38.02
CA ASP G 55 1.09 47.60 38.86
C ASP G 55 0.03 48.25 39.72
N GLU G 56 -1.04 47.54 40.06
CA GLU G 56 -2.02 48.06 41.04
C GLU G 56 -2.76 46.92 41.74
N HIS G 57 -2.84 46.94 43.07
CA HIS G 57 -3.54 45.90 43.82
C HIS G 57 -4.49 46.45 44.86
N ASN G 58 -5.69 45.89 45.03
CA ASN G 58 -6.30 45.97 46.37
C ASN G 58 -7.36 44.90 46.66
N LEU G 67 -9.58 40.96 46.13
CA LEU G 67 -8.41 40.76 45.24
C LEU G 67 -8.70 40.80 43.72
N ARG G 68 -8.54 42.00 43.21
CA ARG G 68 -8.51 42.25 41.78
C ARG G 68 -7.31 43.13 41.50
N ALA G 69 -6.47 42.68 40.58
CA ALA G 69 -5.20 43.34 40.27
C ALA G 69 -5.02 43.53 38.78
N GLN G 70 -4.22 44.52 38.42
CA GLN G 70 -4.05 44.92 37.05
C GLN G 70 -2.63 45.42 36.85
N ALA G 71 -1.85 44.66 36.09
CA ALA G 71 -0.48 45.04 35.77
C ALA G 71 -0.35 45.40 34.29
N ALA G 72 0.69 46.17 33.97
CA ALA G 72 1.06 46.48 32.59
C ALA G 72 2.57 46.33 32.48
N VAL G 73 3.03 45.49 31.57
CA VAL G 73 4.42 45.06 31.58
C VAL G 73 4.84 44.64 30.18
N SER G 74 6.15 44.47 30.01
CA SER G 74 6.75 44.14 28.73
C SER G 74 7.08 42.66 28.58
N GLN G 75 7.39 42.01 29.69
CA GLN G 75 7.68 40.55 29.72
C GLN G 75 7.10 40.00 31.02
N LEU G 76 6.52 38.81 30.95
CA LEU G 76 5.72 38.28 32.07
C LEU G 76 6.56 37.91 33.29
N THR G 77 7.86 37.77 33.08
CA THR G 77 8.82 37.64 34.18
C THR G 77 8.72 38.81 35.17
N GLU G 78 8.36 39.99 34.65
CA GLU G 78 8.20 41.21 35.45
C GLU G 78 7.08 41.19 36.50
N VAL G 79 6.31 40.11 36.52
CA VAL G 79 5.24 39.92 37.49
C VAL G 79 5.77 39.06 38.64
N ARG G 80 6.96 38.46 38.44
CA ARG G 80 7.62 37.66 39.46
C ARG G 80 6.70 36.52 39.98
N ASP G 81 6.38 36.51 41.27
CA ASP G 81 5.54 35.48 41.87
C ASP G 81 4.15 36.02 42.24
N THR G 82 3.83 37.24 41.79
CA THR G 82 2.59 37.91 42.18
C THR G 82 1.36 37.06 41.87
N TRP G 83 1.38 36.43 40.69
CA TRP G 83 0.29 35.58 40.21
C TRP G 83 -0.11 34.40 41.10
N LYS G 84 0.82 33.91 41.91
CA LYS G 84 0.56 32.78 42.78
C LYS G 84 -0.58 33.03 43.75
N ARG G 85 -0.77 34.29 44.13
CA ARG G 85 -1.86 34.64 45.05
C ARG G 85 -3.26 34.60 44.38
N PHE G 86 -3.28 34.49 43.05
CA PHE G 86 -4.53 34.71 42.32
C PHE G 86 -5.16 33.43 41.79
N ASP G 87 -6.48 33.45 41.67
CA ASP G 87 -7.24 32.32 41.17
C ASP G 87 -7.20 32.25 39.65
N VAL G 88 -7.23 33.43 39.04
CA VAL G 88 -7.52 33.57 37.62
C VAL G 88 -6.55 34.58 37.02
N LEU G 89 -5.84 34.18 35.96
CA LEU G 89 -4.97 35.10 35.25
C LEU G 89 -5.58 35.44 33.88
N ALA G 90 -5.77 36.71 33.62
CA ALA G 90 -6.25 37.18 32.31
C ALA G 90 -5.14 37.97 31.64
N ILE G 91 -4.69 37.50 30.49
CA ILE G 91 -3.60 38.16 29.79
C ILE G 91 -4.14 38.70 28.49
N ASP G 92 -4.16 40.02 28.35
CA ASP G 92 -4.64 40.66 27.13
C ASP G 92 -3.45 40.98 26.25
N GLU G 93 -3.67 40.94 24.94
CA GLU G 93 -2.62 41.19 23.93
C GLU G 93 -1.47 40.20 24.06
N GLY G 94 -1.80 38.96 24.37
CA GLY G 94 -0.79 37.95 24.66
C GLY G 94 0.30 37.78 23.62
N GLN G 95 -0.01 38.17 22.40
CA GLN G 95 0.89 37.99 21.29
C GLN G 95 2.23 38.71 21.48
N PHE G 96 2.24 39.76 22.30
CA PHE G 96 3.45 40.56 22.49
C PHE G 96 4.41 40.02 23.57
N PHE G 97 4.00 38.98 24.30
CA PHE G 97 4.83 38.41 25.39
C PHE G 97 5.62 37.19 24.91
N SER G 98 6.94 37.31 24.87
CA SER G 98 7.80 36.25 24.35
C SER G 98 7.88 35.03 25.26
N ASP G 99 7.50 35.17 26.53
CA ASP G 99 7.54 34.05 27.51
C ASP G 99 6.15 33.47 27.81
N LEU G 100 5.23 33.64 26.85
CA LEU G 100 3.80 33.35 27.05
C LEU G 100 3.55 31.89 27.40
N VAL G 101 4.08 30.98 26.57
CA VAL G 101 3.76 29.56 26.66
C VAL G 101 4.18 29.00 28.02
N ASP G 102 5.48 29.08 28.30
CA ASP G 102 6.05 28.64 29.58
C ASP G 102 5.32 29.25 30.79
N PHE G 103 4.94 30.53 30.67
CA PHE G 103 4.30 31.24 31.77
C PHE G 103 2.90 30.71 32.01
N CYS G 104 2.10 30.62 30.95
CA CYS G 104 0.73 30.15 31.07
C CYS G 104 0.70 28.72 31.59
N ASN G 105 1.59 27.89 31.05
CA ASN G 105 1.73 26.49 31.47
C ASN G 105 2.09 26.31 32.93
N THR G 106 3.19 26.94 33.33
CA THR G 106 3.63 26.95 34.73
C THR G 106 2.46 27.28 35.65
N ALA G 107 1.69 28.30 35.27
CA ALA G 107 0.55 28.77 36.06
C ALA G 107 -0.63 27.79 36.04
N ALA G 108 -0.98 27.33 34.86
CA ALA G 108 -2.08 26.40 34.69
C ALA G 108 -1.80 25.12 35.47
N ASP G 109 -0.54 24.67 35.39
CA ASP G 109 -0.10 23.47 36.13
C ASP G 109 -0.20 23.68 37.63
N ALA G 110 0.01 24.91 38.09
CA ALA G 110 -0.19 25.26 39.51
C ALA G 110 -1.67 25.25 39.91
N GLY G 111 -2.58 25.14 38.93
CA GLY G 111 -4.01 25.08 39.20
C GLY G 111 -4.74 26.37 38.88
N LYS G 112 -4.10 27.25 38.13
CA LYS G 112 -4.65 28.56 37.82
C LYS G 112 -5.51 28.53 36.56
N VAL G 113 -6.58 29.31 36.57
CA VAL G 113 -7.32 29.55 35.33
C VAL G 113 -6.66 30.68 34.54
N VAL G 114 -5.91 30.31 33.50
CA VAL G 114 -5.23 31.27 32.65
C VAL G 114 -6.06 31.51 31.39
N MET G 115 -6.35 32.78 31.12
CA MET G 115 -7.11 33.15 29.94
C MET G 115 -6.31 34.16 29.14
N VAL G 116 -6.30 34.02 27.83
CA VAL G 116 -5.45 34.82 26.97
C VAL G 116 -6.24 35.33 25.76
N SER G 117 -6.26 36.65 25.58
CA SER G 117 -6.85 37.27 24.40
C SER G 117 -5.72 37.73 23.53
N ALA G 118 -5.78 37.41 22.24
CA ALA G 118 -4.68 37.73 21.33
C ALA G 118 -5.07 37.72 19.86
N LEU G 119 -4.24 38.36 19.05
CA LEU G 119 -4.29 38.20 17.61
C LEU G 119 -3.54 36.92 17.32
N ASP G 120 -4.19 36.01 16.61
CA ASP G 120 -3.55 34.77 16.17
C ASP G 120 -2.59 35.03 15.00
N GLY G 121 -2.95 35.98 14.14
CA GLY G 121 -2.10 36.40 13.02
C GLY G 121 -1.95 37.91 12.90
N ASP G 122 -0.81 38.35 12.36
CA ASP G 122 -0.54 39.77 12.10
C ASP G 122 -1.18 40.28 10.81
N TYR G 123 -0.75 41.45 10.37
CA TYR G 123 -1.38 42.13 9.23
C TYR G 123 -1.04 41.42 7.92
N ARG G 124 0.04 40.65 7.91
CA ARG G 124 0.42 39.82 6.77
C ARG G 124 0.00 38.36 6.96
N ARG G 125 -0.83 38.09 7.97
CA ARG G 125 -1.29 36.72 8.31
C ARG G 125 -0.21 35.74 8.78
N LYS G 126 0.96 36.25 9.18
CA LYS G 126 1.98 35.37 9.75
C LYS G 126 1.65 35.17 11.22
N PRO G 127 1.99 34.01 11.81
CA PRO G 127 1.72 33.75 13.24
C PRO G 127 2.29 34.85 14.11
N PHE G 128 1.45 35.41 14.96
CA PHE G 128 1.86 36.56 15.75
C PHE G 128 2.32 36.11 17.13
N GLY G 129 3.61 36.33 17.39
CA GLY G 129 4.22 35.93 18.65
C GLY G 129 4.19 34.42 18.85
N GLN G 130 3.99 34.03 20.10
CA GLN G 130 3.89 32.62 20.47
C GLN G 130 2.44 32.07 20.50
N ILE G 131 1.52 32.72 19.81
CA ILE G 131 0.11 32.38 19.96
C ILE G 131 -0.23 31.05 19.32
N CYS G 132 0.14 30.90 18.06
CA CYS G 132 -0.09 29.63 17.37
C CYS G 132 0.63 28.47 18.10
N GLU G 133 1.83 28.70 18.61
CA GLU G 133 2.55 27.71 19.44
C GLU G 133 1.87 27.35 20.76
N LEU G 134 1.00 28.24 21.25
CA LEU G 134 0.29 28.05 22.53
C LEU G 134 -0.91 27.14 22.38
N VAL G 135 -1.42 27.04 21.15
CA VAL G 135 -2.67 26.34 20.87
C VAL G 135 -2.66 24.88 21.38
N PRO G 136 -1.62 24.09 21.05
CA PRO G 136 -1.54 22.73 21.56
C PRO G 136 -1.69 22.58 23.08
N TYR G 137 -1.38 23.64 23.83
CA TYR G 137 -1.46 23.63 25.30
C TYR G 137 -2.84 24.07 25.85
N CYS G 138 -3.77 24.48 24.97
CA CYS G 138 -5.03 25.11 25.41
C CYS G 138 -6.16 24.12 25.55
N GLU G 139 -6.88 24.23 26.66
CA GLU G 139 -8.07 23.43 26.89
C GLU G 139 -9.26 23.98 26.12
N ALA G 140 -9.14 25.22 25.65
CA ALA G 140 -10.17 25.83 24.82
C ALA G 140 -9.60 26.92 23.94
N VAL G 141 -10.15 27.02 22.74
CA VAL G 141 -9.77 28.06 21.78
C VAL G 141 -11.02 28.59 21.11
N ASP G 142 -11.35 29.84 21.37
CA ASP G 142 -12.45 30.50 20.67
C ASP G 142 -11.91 31.57 19.75
N LYS G 143 -12.27 31.49 18.46
CA LYS G 143 -11.89 32.53 17.49
C LYS G 143 -13.07 33.38 17.21
N LEU G 144 -12.94 34.67 17.51
CA LEU G 144 -14.03 35.61 17.29
C LEU G 144 -13.88 36.22 15.91
N THR G 145 -14.99 36.70 15.36
CA THR G 145 -15.00 37.32 14.06
C THR G 145 -15.50 38.74 14.19
N ALA G 146 -14.90 39.62 13.40
CA ALA G 146 -15.31 41.03 13.33
C ALA G 146 -16.31 41.14 12.18
N VAL G 147 -16.71 42.35 11.81
CA VAL G 147 -17.45 42.51 10.58
C VAL G 147 -16.47 43.12 9.61
N CYS G 148 -16.61 42.80 8.32
CA CYS G 148 -15.70 43.33 7.33
C CYS G 148 -15.95 44.82 7.12
N MET G 149 -14.89 45.58 7.29
CA MET G 149 -14.98 47.03 7.30
C MET G 149 -14.76 47.63 5.91
N MET G 150 -14.50 46.76 4.94
CA MET G 150 -14.54 47.13 3.52
C MET G 150 -15.93 46.91 2.94
N CYS G 151 -16.37 45.65 2.85
CA CYS G 151 -17.67 45.35 2.20
C CYS G 151 -18.90 45.38 3.10
N HIS G 152 -18.69 45.52 4.42
CA HIS G 152 -19.80 45.66 5.38
C HIS G 152 -20.90 44.56 5.33
N GLU G 153 -20.70 43.50 4.56
CA GLU G 153 -21.74 42.46 4.38
C GLU G 153 -21.15 41.03 4.39
N GLN G 154 -20.15 40.81 5.25
CA GLN G 154 -19.56 39.47 5.46
C GLN G 154 -18.74 39.51 6.75
N PRO G 155 -18.65 38.38 7.48
CA PRO G 155 -17.84 38.39 8.69
C PRO G 155 -16.39 38.56 8.36
N ALA G 156 -15.61 38.99 9.33
CA ALA G 156 -14.19 39.29 9.10
C ALA G 156 -13.30 38.49 10.04
N CYS G 157 -12.29 37.86 9.47
CA CYS G 157 -11.41 37.00 10.22
C CYS G 157 -9.94 37.42 10.11
N PHE G 158 -9.64 38.41 9.24
CA PHE G 158 -8.26 38.92 9.06
C PHE G 158 -8.15 40.43 9.33
N THR G 159 -6.93 40.87 9.62
CA THR G 159 -6.63 42.27 9.87
C THR G 159 -5.70 42.84 8.80
N ARG G 160 -6.16 43.89 8.13
CA ARG G 160 -5.37 44.57 7.11
C ARG G 160 -4.80 45.88 7.66
N ARG G 161 -3.56 46.22 7.30
CA ARG G 161 -2.93 47.47 7.78
C ARG G 161 -3.08 48.57 6.73
N THR G 162 -3.60 49.72 7.14
CA THR G 162 -3.92 50.80 6.23
C THR G 162 -2.80 51.83 6.06
N VAL G 163 -1.88 51.91 7.02
CA VAL G 163 -0.66 52.73 6.83
C VAL G 163 0.50 51.91 6.23
N ASN G 164 1.50 52.61 5.70
CA ASN G 164 2.67 51.99 5.14
C ASN G 164 3.83 51.93 6.14
N VAL G 165 3.71 51.00 7.07
CA VAL G 165 4.81 50.59 7.91
C VAL G 165 5.03 49.09 7.73
N GLU G 166 6.30 48.67 7.69
CA GLU G 166 6.64 47.24 7.52
C GLU G 166 6.75 46.51 8.85
N GLN G 167 7.27 47.21 9.85
CA GLN G 167 7.40 46.65 11.21
C GLN G 167 6.22 45.80 11.62
N GLN G 168 6.47 44.66 12.24
CA GLN G 168 5.38 43.83 12.73
C GLN G 168 4.70 44.48 13.93
N GLU G 169 5.48 44.87 14.94
CA GLU G 169 4.93 45.56 16.10
C GLU G 169 4.64 47.01 15.78
N LEU G 170 3.37 47.36 15.65
CA LEU G 170 2.93 48.75 15.53
C LEU G 170 1.61 48.89 16.27
N ILE G 171 1.68 49.44 17.48
CA ILE G 171 0.47 49.57 18.33
C ILE G 171 -0.44 50.67 17.83
N GLY G 172 -1.74 50.41 17.86
CA GLY G 172 -2.72 51.33 17.28
C GLY G 172 -4.08 50.71 16.99
N GLY G 173 -4.98 51.52 16.44
CA GLY G 173 -6.36 51.08 16.22
C GLY G 173 -6.92 51.39 14.85
N ALA G 174 -8.14 51.91 14.83
CA ALA G 174 -8.93 52.07 13.61
C ALA G 174 -8.31 52.96 12.53
N ASP G 175 -7.47 53.90 12.95
CA ASP G 175 -6.74 54.79 12.03
C ASP G 175 -5.57 54.10 11.30
N MET G 176 -5.19 52.90 11.77
CA MET G 176 -4.06 52.17 11.18
C MET G 176 -4.38 50.73 10.77
N TYR G 177 -5.56 50.22 11.12
CA TYR G 177 -5.94 48.83 10.78
C TYR G 177 -7.43 48.70 10.45
N ILE G 178 -7.73 47.71 9.62
CA ILE G 178 -9.12 47.36 9.30
C ILE G 178 -9.30 45.84 9.29
N ALA G 179 -10.45 45.43 9.78
CA ALA G 179 -10.80 44.01 9.80
C ALA G 179 -11.47 43.69 8.49
N THR G 180 -11.12 42.55 7.93
CA THR G 180 -11.62 42.17 6.60
C THR G 180 -11.99 40.71 6.47
N CYS G 181 -12.79 40.46 5.45
CA CYS G 181 -13.07 39.10 5.00
C CYS G 181 -11.93 38.62 4.06
N ARG G 182 -12.10 37.45 3.46
CA ARG G 182 -11.07 36.90 2.58
C ARG G 182 -10.93 37.68 1.27
N GLU G 183 -12.03 37.77 0.52
CA GLU G 183 -12.01 38.50 -0.76
C GLU G 183 -11.41 39.88 -0.54
N CYS G 184 -11.90 40.61 0.45
CA CYS G 184 -11.49 42.00 0.70
C CYS G 184 -10.04 42.16 1.07
N TYR G 185 -9.50 41.17 1.76
CA TYR G 185 -8.11 41.22 2.21
C TYR G 185 -7.10 41.41 1.06
N SER G 186 -7.41 40.84 -0.11
CA SER G 186 -6.57 40.99 -1.32
C SER G 186 -6.91 42.20 -2.22
N LYS G 187 -8.09 42.80 -2.00
CA LYS G 187 -8.56 44.01 -2.74
C LYS G 187 -7.94 45.32 -2.19
N ARG H 11 -17.87 33.08 -1.75
CA ARG H 11 -17.96 32.45 -0.40
C ARG H 11 -16.91 31.37 -0.07
N GLY H 12 -15.59 31.53 -0.34
CA GLY H 12 -14.61 30.47 -0.02
C GLY H 12 -13.99 30.70 1.35
N ARG H 13 -13.47 29.64 1.96
CA ARG H 13 -12.96 29.70 3.32
C ARG H 13 -12.22 28.45 3.73
N ILE H 14 -11.56 28.56 4.89
CA ILE H 14 -10.92 27.43 5.54
C ILE H 14 -11.51 27.25 6.95
N GLU H 15 -11.92 26.03 7.28
CA GLU H 15 -12.40 25.68 8.62
C GLU H 15 -11.51 24.61 9.20
N LEU H 16 -11.15 24.78 10.46
CA LEU H 16 -10.22 23.86 11.10
C LEU H 16 -10.90 23.19 12.29
N ILE H 17 -10.72 21.87 12.38
CA ILE H 17 -11.26 21.05 13.45
C ILE H 17 -10.08 20.37 14.12
N ILE H 18 -9.83 20.74 15.37
CA ILE H 18 -8.66 20.27 16.09
C ILE H 18 -9.07 19.74 17.45
N GLY H 19 -8.09 19.28 18.21
CA GLY H 19 -8.29 18.68 19.51
C GLY H 19 -7.39 17.48 19.58
N PRO H 20 -7.42 16.77 20.71
CA PRO H 20 -6.62 15.60 20.88
C PRO H 20 -7.25 14.41 20.19
N MET H 21 -6.63 13.24 20.34
CA MET H 21 -7.20 12.01 19.84
C MET H 21 -8.47 11.69 20.64
N PHE H 22 -9.36 10.91 20.01
CA PHE H 22 -10.58 10.41 20.64
C PHE H 22 -11.61 11.50 20.95
N ALA H 23 -11.60 12.56 20.16
CA ALA H 23 -12.49 13.71 20.36
C ALA H 23 -13.60 13.74 19.32
N GLY H 24 -13.43 12.96 18.25
CA GLY H 24 -14.45 12.86 17.20
C GLY H 24 -14.25 13.86 16.09
N LYS H 25 -13.02 14.32 15.91
CA LYS H 25 -12.71 15.30 14.87
C LYS H 25 -13.13 14.78 13.50
N THR H 26 -12.67 13.59 13.16
CA THR H 26 -13.02 12.99 11.90
C THR H 26 -14.55 12.90 11.77
N THR H 27 -15.20 12.39 12.82
CA THR H 27 -16.66 12.38 12.89
C THR H 27 -17.26 13.74 12.49
N GLU H 28 -16.79 14.81 13.15
CA GLU H 28 -17.29 16.18 12.90
C GLU H 28 -17.02 16.63 11.48
N LEU H 29 -15.84 16.29 10.95
CA LEU H 29 -15.53 16.56 9.54
C LEU H 29 -16.58 15.97 8.60
N MET H 30 -16.95 14.72 8.87
CA MET H 30 -17.87 14.02 8.00
C MET H 30 -19.29 14.50 8.18
N ARG H 31 -19.62 14.95 9.37
CA ARG H 31 -20.93 15.54 9.62
C ARG H 31 -21.16 16.71 8.70
N ARG H 32 -20.14 17.56 8.64
CA ARG H 32 -20.16 18.75 7.81
C ARG H 32 -20.21 18.36 6.34
N VAL H 33 -19.48 17.30 5.98
CA VAL H 33 -19.54 16.78 4.61
C VAL H 33 -20.96 16.35 4.21
N LYS H 34 -21.59 15.52 5.05
CA LYS H 34 -22.93 15.00 4.73
C LYS H 34 -23.95 16.13 4.60
N ARG H 35 -23.81 17.11 5.48
CA ARG H 35 -24.56 18.36 5.45
C ARG H 35 -24.55 19.02 4.06
N GLU H 36 -23.36 19.10 3.46
CA GLU H 36 -23.16 19.73 2.15
C GLU H 36 -23.74 18.88 1.03
N ILE H 37 -23.56 17.57 1.13
CA ILE H 37 -24.09 16.62 0.13
C ILE H 37 -25.62 16.69 0.03
N HIS H 38 -26.31 16.76 1.17
CA HIS H 38 -27.77 16.93 1.18
C HIS H 38 -28.22 18.17 0.43
N ALA H 39 -27.34 19.16 0.32
CA ALA H 39 -27.64 20.36 -0.43
C ALA H 39 -27.08 20.24 -1.84
N ARG H 40 -26.84 18.98 -2.26
CA ARG H 40 -26.36 18.70 -3.60
C ARG H 40 -25.08 19.51 -3.93
N ARG H 41 -24.20 19.68 -2.94
CA ARG H 41 -22.89 20.31 -3.20
C ARG H 41 -21.83 19.23 -3.23
N SER H 42 -20.90 19.35 -4.16
CA SER H 42 -19.98 18.26 -4.44
C SER H 42 -18.78 18.32 -3.50
N CYS H 43 -18.43 17.19 -2.89
CA CYS H 43 -17.36 17.10 -1.91
C CYS H 43 -16.28 16.10 -2.29
N PHE H 44 -15.05 16.45 -1.92
CA PHE H 44 -13.87 15.67 -2.22
C PHE H 44 -13.10 15.48 -0.92
N VAL H 45 -13.17 14.26 -0.39
CA VAL H 45 -12.60 13.92 0.89
C VAL H 45 -11.19 13.37 0.70
N ILE H 46 -10.21 13.98 1.36
CA ILE H 46 -8.82 13.63 1.19
C ILE H 46 -8.25 13.12 2.50
N LYS H 47 -7.88 11.84 2.51
CA LYS H 47 -7.27 11.21 3.67
C LYS H 47 -5.76 11.04 3.45
N TYR H 48 -5.04 10.64 4.49
CA TYR H 48 -3.57 10.45 4.41
C TYR H 48 -3.17 8.98 4.27
N LEU H 67 -20.39 13.95 -7.23
CA LEU H 67 -21.04 14.41 -5.99
C LEU H 67 -20.18 14.09 -4.80
N ARG H 68 -19.51 12.93 -4.74
CA ARG H 68 -18.57 12.63 -3.65
C ARG H 68 -17.35 11.82 -4.16
N ALA H 69 -16.15 12.31 -3.84
CA ALA H 69 -14.89 11.67 -4.21
C ALA H 69 -14.05 11.47 -2.97
N GLN H 70 -13.15 10.50 -3.01
CA GLN H 70 -12.34 10.14 -1.85
C GLN H 70 -10.97 9.68 -2.29
N ALA H 71 -9.95 10.47 -1.95
CA ALA H 71 -8.57 10.14 -2.27
C ALA H 71 -7.79 9.80 -1.01
N ALA H 72 -6.69 9.07 -1.19
CA ALA H 72 -5.76 8.77 -0.10
C ALA H 72 -4.35 8.97 -0.65
N VAL H 73 -3.60 9.85 -0.01
CA VAL H 73 -2.47 10.50 -0.66
C VAL H 73 -1.41 10.84 0.39
N SER H 74 -0.16 10.98 -0.04
CA SER H 74 0.96 11.30 0.87
C SER H 74 1.26 12.80 0.89
N GLN H 75 1.04 13.46 -0.25
CA GLN H 75 1.29 14.88 -0.40
C GLN H 75 0.18 15.43 -1.33
N LEU H 76 -0.37 16.59 -1.00
CA LEU H 76 -1.58 17.11 -1.67
C LEU H 76 -1.37 17.47 -3.15
N THR H 77 -0.10 17.63 -3.53
CA THR H 77 0.27 17.81 -4.94
C THR H 77 -0.25 16.62 -5.77
N GLU H 78 -0.32 15.43 -5.15
CA GLU H 78 -0.77 14.19 -5.80
C GLU H 78 -2.22 14.20 -6.28
N VAL H 79 -2.94 15.26 -5.97
CA VAL H 79 -4.32 15.43 -6.35
C VAL H 79 -4.41 16.30 -7.61
N ARG H 80 -3.28 16.95 -7.94
CA ARG H 80 -3.16 17.77 -9.14
C ARG H 80 -4.25 18.86 -9.19
N ASP H 81 -5.10 18.86 -10.22
CA ASP H 81 -6.15 19.85 -10.38
C ASP H 81 -7.55 19.26 -10.11
N THR H 82 -7.59 18.03 -9.59
CA THR H 82 -8.85 17.30 -9.40
C THR H 82 -9.85 18.12 -8.58
N TRP H 83 -9.33 18.77 -7.54
CA TRP H 83 -10.13 19.60 -6.62
C TRP H 83 -10.91 20.75 -7.26
N LYS H 84 -10.45 21.25 -8.40
CA LYS H 84 -11.11 22.37 -9.08
C LYS H 84 -12.56 22.07 -9.44
N ARG H 85 -12.87 20.80 -9.67
CA ARG H 85 -14.23 20.36 -10.01
C ARG H 85 -15.16 20.35 -8.80
N PHE H 86 -14.63 20.52 -7.60
CA PHE H 86 -15.41 20.30 -6.38
C PHE H 86 -15.79 21.58 -5.63
N ASP H 87 -16.93 21.51 -4.94
CA ASP H 87 -17.44 22.62 -4.13
C ASP H 87 -16.75 22.69 -2.77
N VAL H 88 -16.46 21.52 -2.21
CA VAL H 88 -16.07 21.38 -0.82
C VAL H 88 -14.91 20.41 -0.70
N LEU H 89 -13.83 20.84 -0.06
CA LEU H 89 -12.68 19.96 0.18
C LEU H 89 -12.60 19.62 1.67
N ALA H 90 -12.59 18.33 1.98
CA ALA H 90 -12.45 17.86 3.34
C ALA H 90 -11.14 17.13 3.44
N ILE H 91 -10.24 17.61 4.29
CA ILE H 91 -8.94 17.00 4.45
C ILE H 91 -8.83 16.47 5.86
N ASP H 92 -8.73 15.14 6.00
CA ASP H 92 -8.61 14.50 7.30
C ASP H 92 -7.15 14.20 7.58
N GLU H 93 -6.78 14.21 8.86
CA GLU H 93 -5.38 14.03 9.29
C GLU H 93 -4.45 15.06 8.65
N GLY H 94 -4.93 16.29 8.52
CA GLY H 94 -4.19 17.37 7.84
C GLY H 94 -2.77 17.62 8.33
N GLN H 95 -2.51 17.23 9.57
CA GLN H 95 -1.20 17.44 10.17
C GLN H 95 -0.04 16.79 9.42
N PHE H 96 -0.34 15.72 8.68
CA PHE H 96 0.69 14.95 7.99
C PHE H 96 1.05 15.49 6.61
N PHE H 97 0.32 16.49 6.12
CA PHE H 97 0.54 16.99 4.77
C PHE H 97 1.40 18.27 4.78
N SER H 98 2.62 18.19 4.24
CA SER H 98 3.61 19.27 4.34
C SER H 98 3.25 20.49 3.48
N ASP H 99 2.36 20.31 2.51
CA ASP H 99 1.93 21.42 1.63
C ASP H 99 0.52 21.95 1.98
N LEU H 100 0.11 21.79 3.24
CA LEU H 100 -1.27 22.05 3.69
C LEU H 100 -1.71 23.50 3.48
N VAL H 101 -0.89 24.43 3.97
CA VAL H 101 -1.26 25.84 4.03
C VAL H 101 -1.50 26.39 2.63
N ASP H 102 -0.45 26.36 1.79
CA ASP H 102 -0.53 26.82 0.41
C ASP H 102 -1.68 26.17 -0.35
N PHE H 103 -1.92 24.88 -0.08
CA PHE H 103 -2.97 24.15 -0.77
C PHE H 103 -4.36 24.63 -0.38
N CYS H 104 -4.61 24.71 0.92
CA CYS H 104 -5.91 25.13 1.42
C CYS H 104 -6.21 26.55 0.98
N ASN H 105 -5.20 27.42 1.08
CA ASN H 105 -5.29 28.82 0.63
C ASN H 105 -5.62 28.98 -0.84
N THR H 106 -4.79 28.36 -1.69
CA THR H 106 -5.02 28.40 -3.14
C THR H 106 -6.46 28.01 -3.47
N ALA H 107 -6.94 26.98 -2.78
CA ALA H 107 -8.29 26.46 -2.98
C ALA H 107 -9.36 27.41 -2.46
N ALA H 108 -9.17 27.87 -1.22
CA ALA H 108 -10.13 28.77 -0.58
C ALA H 108 -10.26 30.05 -1.38
N ASP H 109 -9.13 30.54 -1.87
CA ASP H 109 -9.12 31.74 -2.72
C ASP H 109 -9.87 31.49 -4.03
N ALA H 110 -9.82 30.27 -4.54
CA ALA H 110 -10.60 29.90 -5.73
C ALA H 110 -12.11 29.84 -5.44
N GLY H 111 -12.50 29.93 -4.17
CA GLY H 111 -13.90 29.94 -3.78
C GLY H 111 -14.38 28.62 -3.20
N LYS H 112 -13.43 27.77 -2.82
CA LYS H 112 -13.73 26.46 -2.27
C LYS H 112 -13.93 26.48 -0.76
N VAL H 113 -14.88 25.68 -0.27
CA VAL H 113 -15.01 25.44 1.15
C VAL H 113 -14.03 24.34 1.57
N VAL H 114 -12.92 24.74 2.17
CA VAL H 114 -11.90 23.80 2.62
C VAL H 114 -12.08 23.55 4.12
N MET H 115 -12.18 22.27 4.50
CA MET H 115 -12.34 21.88 5.89
C MET H 115 -11.25 20.90 6.23
N VAL H 116 -10.67 21.07 7.40
CA VAL H 116 -9.49 20.30 7.81
C VAL H 116 -9.66 19.78 9.23
N SER H 117 -9.55 18.47 9.39
CA SER H 117 -9.55 17.85 10.71
C SER H 117 -8.12 17.44 11.00
N ALA H 118 -7.63 17.77 12.19
CA ALA H 118 -6.24 17.50 12.54
C ALA H 118 -5.95 17.49 14.02
N LEU H 119 -4.83 16.90 14.41
CA LEU H 119 -4.24 17.12 15.72
C LEU H 119 -3.49 18.45 15.67
N ASP H 120 -3.82 19.35 16.59
CA ASP H 120 -3.11 20.63 16.69
C ASP H 120 -1.74 20.43 17.31
N GLY H 121 -1.67 19.51 18.27
CA GLY H 121 -0.42 19.17 18.94
C GLY H 121 -0.16 17.68 19.02
N ASP H 122 1.12 17.32 19.05
CA ASP H 122 1.52 15.91 19.16
C ASP H 122 1.51 15.42 20.60
N TYR H 123 2.13 14.27 20.84
CA TYR H 123 2.10 13.63 22.14
C TYR H 123 2.89 14.40 23.18
N ARG H 124 3.85 15.22 22.71
CA ARG H 124 4.65 16.08 23.58
C ARG H 124 4.12 17.51 23.59
N ARG H 125 2.92 17.71 23.03
CA ARG H 125 2.29 19.03 22.91
C ARG H 125 3.00 20.03 21.99
N LYS H 126 3.90 19.56 21.13
CA LYS H 126 4.55 20.46 20.20
C LYS H 126 3.62 20.60 19.00
N PRO H 127 3.61 21.79 18.34
CA PRO H 127 2.82 21.96 17.12
C PRO H 127 3.03 20.84 16.10
N PHE H 128 1.94 20.23 15.67
CA PHE H 128 2.00 19.09 14.78
C PHE H 128 1.82 19.51 13.32
N GLY H 129 2.87 19.32 12.53
CA GLY H 129 2.87 19.69 11.11
C GLY H 129 2.70 21.18 10.91
N GLN H 130 1.97 21.55 9.87
CA GLN H 130 1.70 22.94 9.55
C GLN H 130 0.34 23.44 10.14
N ILE H 131 -0.18 22.78 11.20
CA ILE H 131 -1.54 23.07 11.68
C ILE H 131 -1.60 24.40 12.40
N CYS H 132 -0.73 24.58 13.38
CA CYS H 132 -0.69 25.87 14.09
C CYS H 132 -0.42 27.02 13.12
N GLU H 133 0.47 26.79 12.15
CA GLU H 133 0.75 27.78 11.10
C GLU H 133 -0.45 28.08 10.19
N LEU H 134 -1.41 27.17 10.12
CA LEU H 134 -2.62 27.35 9.29
C LEU H 134 -3.68 28.22 9.95
N VAL H 135 -3.61 28.33 11.26
CA VAL H 135 -4.64 28.98 12.05
C VAL H 135 -4.90 30.43 11.60
N PRO H 136 -3.84 31.23 11.43
CA PRO H 136 -4.05 32.60 10.95
C PRO H 136 -4.86 32.72 9.65
N TYR H 137 -4.86 31.67 8.83
CA TYR H 137 -5.59 31.67 7.56
C TYR H 137 -7.03 31.18 7.66
N CYS H 138 -7.46 30.74 8.84
CA CYS H 138 -8.76 30.08 9.01
C CYS H 138 -9.89 31.05 9.36
N GLU H 139 -11.01 30.91 8.68
CA GLU H 139 -12.21 31.67 9.04
C GLU H 139 -12.89 31.08 10.27
N ALA H 140 -12.54 29.85 10.62
CA ALA H 140 -13.10 29.22 11.82
C ALA H 140 -12.16 28.17 12.36
N VAL H 141 -12.14 28.06 13.68
CA VAL H 141 -11.37 27.04 14.35
C VAL H 141 -12.20 26.49 15.49
N ASP H 142 -12.56 25.22 15.40
CA ASP H 142 -13.21 24.53 16.50
C ASP H 142 -12.27 23.48 17.10
N LYS H 143 -12.06 23.57 18.41
CA LYS H 143 -11.28 22.56 19.11
C LYS H 143 -12.22 21.66 19.87
N LEU H 144 -12.17 20.39 19.56
CA LEU H 144 -13.02 19.42 20.22
C LEU H 144 -12.26 18.87 21.42
N THR H 145 -13.01 18.38 22.40
CA THR H 145 -12.42 17.77 23.57
C THR H 145 -12.86 16.31 23.69
N ALA H 146 -11.95 15.46 24.13
CA ALA H 146 -12.25 14.06 24.37
C ALA H 146 -12.66 13.94 25.84
N VAL H 147 -12.81 12.72 26.35
CA VAL H 147 -12.95 12.54 27.78
C VAL H 147 -11.63 11.97 28.25
N CYS H 148 -11.23 12.33 29.47
CA CYS H 148 -9.96 11.85 29.97
C CYS H 148 -10.05 10.36 30.26
N MET H 149 -9.13 9.63 29.65
CA MET H 149 -9.13 8.17 29.71
C MET H 149 -8.33 7.63 30.89
N MET H 150 -7.71 8.53 31.66
CA MET H 150 -7.11 8.19 32.95
C MET H 150 -8.13 8.39 34.08
N CYS H 151 -8.56 9.62 34.33
CA CYS H 151 -9.48 9.90 35.46
C CYS H 151 -10.98 9.81 35.16
N HIS H 152 -11.35 9.62 33.90
CA HIS H 152 -12.79 9.43 33.50
C HIS H 152 -13.76 10.51 33.96
N GLU H 153 -13.29 11.60 34.57
CA GLU H 153 -14.18 12.62 35.16
C GLU H 153 -13.73 14.05 34.90
N GLN H 154 -13.21 14.27 33.70
CA GLN H 154 -12.81 15.60 33.27
C GLN H 154 -12.63 15.57 31.75
N PRO H 155 -12.91 16.70 31.06
CA PRO H 155 -12.69 16.70 29.63
C PRO H 155 -11.21 16.60 29.31
N ALA H 156 -10.89 16.18 28.09
CA ALA H 156 -9.51 15.93 27.71
C ALA H 156 -9.16 16.74 26.49
N CYS H 157 -8.02 17.41 26.58
CA CYS H 157 -7.56 18.29 25.50
C CYS H 157 -6.18 17.91 24.98
N PHE H 158 -5.51 16.97 25.63
CA PHE H 158 -4.16 16.51 25.23
C PHE H 158 -4.11 15.02 24.95
N THR H 159 -3.10 14.63 24.19
CA THR H 159 -2.86 13.25 23.85
C THR H 159 -1.55 12.74 24.42
N ARG H 160 -1.63 11.68 25.24
CA ARG H 160 -0.42 11.05 25.82
C ARG H 160 -0.08 9.79 25.05
N ARG H 161 1.20 9.55 24.84
CA ARG H 161 1.65 8.31 24.15
C ARG H 161 2.03 7.24 25.18
N THR H 162 1.43 6.06 25.04
CA THR H 162 1.62 4.99 26.03
C THR H 162 2.78 4.04 25.71
N VAL H 163 3.21 3.98 24.46
CA VAL H 163 4.44 3.23 24.11
C VAL H 163 5.67 4.12 24.16
N ASN H 164 6.85 3.50 24.24
CA ASN H 164 8.11 4.24 24.28
C ASN H 164 8.76 4.33 22.90
N VAL H 165 8.16 5.16 22.04
CA VAL H 165 8.79 5.57 20.77
C VAL H 165 8.96 7.09 20.79
N GLU H 166 10.10 7.58 20.29
CA GLU H 166 10.40 9.02 20.30
C GLU H 166 9.90 9.72 19.05
N GLN H 167 9.96 9.02 17.91
CA GLN H 167 9.51 9.54 16.62
C GLN H 167 8.16 10.28 16.74
N GLN H 168 8.05 11.42 16.05
CA GLN H 168 6.80 12.18 16.08
C GLN H 168 5.70 11.44 15.30
N GLU H 169 5.99 11.08 14.05
CA GLU H 169 5.03 10.33 13.24
C GLU H 169 5.02 8.87 13.65
N LEU H 170 3.96 8.46 14.34
CA LEU H 170 3.72 7.06 14.66
C LEU H 170 2.21 6.79 14.54
N ILE H 171 1.80 6.18 13.42
CA ILE H 171 0.38 5.96 13.13
C ILE H 171 -0.17 4.84 14.00
N GLY H 172 -1.38 5.05 14.54
CA GLY H 172 -1.95 4.13 15.51
C GLY H 172 -3.09 4.70 16.33
N GLY H 173 -3.64 3.88 17.21
CA GLY H 173 -4.82 4.23 17.99
C GLY H 173 -4.74 3.95 19.48
N ALA H 174 -5.81 3.37 20.02
CA ALA H 174 -6.00 3.22 21.48
C ALA H 174 -4.91 2.41 22.18
N ASP H 175 -4.27 1.51 21.44
CA ASP H 175 -3.17 0.70 21.96
C ASP H 175 -1.85 1.49 22.14
N MET H 176 -1.76 2.67 21.57
CA MET H 176 -0.55 3.48 21.60
C MET H 176 -0.73 4.92 22.11
N TYR H 177 -1.97 5.34 22.29
CA TYR H 177 -2.25 6.72 22.74
C TYR H 177 -3.45 6.78 23.67
N ILE H 178 -3.44 7.78 24.54
CA ILE H 178 -4.59 8.07 25.40
C ILE H 178 -4.86 9.56 25.47
N ALA H 179 -6.13 9.91 25.52
CA ALA H 179 -6.55 11.30 25.66
C ALA H 179 -6.62 11.63 27.12
N THR H 180 -6.10 12.81 27.49
CA THR H 180 -6.00 13.19 28.89
C THR H 180 -6.34 14.63 29.16
N CYS H 181 -6.63 14.89 30.43
CA CYS H 181 -6.76 16.23 30.94
C CYS H 181 -5.35 16.76 31.33
N ARG H 182 -5.30 17.94 31.94
CA ARG H 182 -4.03 18.57 32.32
C ARG H 182 -3.30 17.80 33.43
N GLU H 183 -3.96 17.67 34.58
CA GLU H 183 -3.41 16.96 35.73
C GLU H 183 -2.87 15.60 35.29
N CYS H 184 -3.71 14.84 34.59
CA CYS H 184 -3.37 13.47 34.18
C CYS H 184 -2.19 13.37 33.24
N TYR H 185 -2.03 14.36 32.38
CA TYR H 185 -0.99 14.34 31.36
C TYR H 185 0.38 14.17 31.99
ZN ZN I . 9.04 -28.06 -21.61
PA TTP J . -7.67 -30.99 -30.67
O1A TTP J . -7.33 -29.59 -30.24
O2A TTP J . -8.94 -31.57 -30.07
O3A TTP J . -6.38 -31.91 -30.39
PB TTP J . -6.39 -32.93 -29.15
O1B TTP J . -5.06 -33.63 -28.97
O2B TTP J . -7.64 -33.75 -29.29
O3B TTP J . -6.66 -31.93 -27.91
PG TTP J . -7.75 -32.25 -26.74
O1G TTP J . -7.10 -33.50 -26.17
O2G TTP J . -9.10 -32.23 -27.45
O3G TTP J . -7.67 -31.14 -25.73
O5' TTP J . -7.72 -30.97 -32.27
C5' TTP J . -6.74 -30.20 -33.01
C4' TTP J . -6.81 -30.49 -34.51
O4' TTP J . -6.59 -29.29 -35.28
C3' TTP J . -5.79 -31.53 -34.99
O3' TTP J . -6.40 -32.57 -35.78
C2' TTP J . -4.79 -30.81 -35.85
C1' TTP J . -5.46 -29.47 -36.16
N1 TTP J . -4.46 -28.41 -36.04
C2 TTP J . -4.27 -27.49 -37.11
O2 TTP J . -4.93 -27.59 -38.17
N3 TTP J . -3.37 -26.50 -36.99
C4 TTP J . -2.64 -26.36 -35.89
O4 TTP J . -1.80 -25.44 -35.81
C5 TTP J . -2.83 -27.29 -34.76
C5M TTP J . -2.02 -27.16 -33.50
C6 TTP J . -3.75 -28.30 -34.91
MG MG K . -10.13 -33.65 -29.29
ZN ZN L . -29.07 -8.96 -15.98
PA TTP M . -11.56 -1.64 -15.91
O1A TTP M . -11.89 -2.65 -16.98
O2A TTP M . -10.43 -1.96 -14.95
O3A TTP M . -12.91 -1.34 -15.08
PB TTP M . -12.94 -1.50 -13.51
O1B TTP M . -11.71 -0.91 -12.91
O2B TTP M . -14.28 -1.06 -12.95
O3B TTP M . -12.87 -3.10 -13.38
PG TTP M . -11.91 -3.97 -12.41
O1G TTP M . -12.09 -3.46 -11.00
O2G TTP M . -12.50 -5.36 -12.63
O3G TTP M . -10.50 -3.82 -12.94
O5' TTP M . -11.26 -0.25 -16.72
C5' TTP M . -11.80 -0.05 -18.03
C4' TTP M . -11.53 1.36 -18.55
O4' TTP M . -11.48 1.41 -19.99
C3' TTP M . -12.63 2.31 -18.14
O3' TTP M . -12.01 3.28 -17.31
C2' TTP M . -13.24 2.88 -19.42
C1' TTP M . -12.41 2.35 -20.58
N1 TTP M . -13.23 1.66 -21.59
C2 TTP M . -13.10 1.93 -22.99
O2 TTP M . -12.30 2.78 -23.41
N3 TTP M . -13.83 1.28 -23.92
C4 TTP M . -14.72 0.34 -23.56
O4 TTP M . -15.39 -0.26 -24.42
C5 TTP M . -14.88 0.03 -22.10
C5M TTP M . -15.87 -1.00 -21.61
C6 TTP M . -14.10 0.73 -21.19
MG MG N . -9.52 -1.39 -12.59
ZN ZN O . -32.67 -28.14 -7.87
PA TTP P . -18.86 -41.22 -7.69
O1A TTP P . -18.78 -39.99 -6.82
O2A TTP P . -17.75 -41.59 -8.66
O3A TTP P . -20.23 -41.13 -8.50
PB TTP P . -20.21 -40.89 -10.10
O1B TTP P . -21.60 -40.82 -10.71
O2B TTP P . -19.15 -41.86 -10.62
O3B TTP P . -19.75 -39.35 -10.21
PG TTP P . -18.66 -38.69 -11.19
O1G TTP P . -19.39 -38.67 -12.53
O2G TTP P . -17.43 -39.56 -11.04
O3G TTP P . -18.39 -37.35 -10.59
O5' TTP P . -18.91 -42.44 -6.68
C5' TTP P . -19.74 -42.45 -5.52
C4' TTP P . -19.89 -43.88 -5.02
O4' TTP P . -19.98 -43.86 -3.60
C3' TTP P . -21.12 -44.57 -5.55
O3' TTP P . -20.67 -45.76 -6.19
C2' TTP P . -21.98 -44.89 -4.35
C1' TTP P . -21.11 -44.57 -3.14
N1 TTP P . -21.79 -43.75 -2.13
C2 TTP P . -21.84 -44.14 -0.78
O2 TTP P . -21.33 -45.21 -0.43
N3 TTP P . -22.42 -43.38 0.16
C4 TTP P . -22.98 -42.22 -0.16
O4 TTP P . -23.52 -41.55 0.73
C5 TTP P . -22.95 -41.75 -1.59
C5M TTP P . -23.56 -40.44 -2.02
C6 TTP P . -22.32 -42.58 -2.52
MG MG Q . -17.11 -41.95 -10.69
ZN ZN R . 9.54 -23.80 -1.40
PA TTP S . -5.15 -15.16 7.55
O1A TTP S . -5.98 -13.91 7.33
O2A TTP S . -5.79 -16.50 7.29
O3A TTP S . -3.80 -15.13 6.68
PB TTP S . -3.11 -13.75 6.20
O1B TTP S . -1.63 -13.90 6.53
O2B TTP S . -3.95 -12.59 6.70
O3B TTP S . -3.27 -13.83 4.58
PG TTP S . -4.65 -13.87 3.72
O1G TTP S . -5.23 -12.49 3.63
O2G TTP S . -5.60 -14.79 4.41
O3G TTP S . -4.10 -14.44 2.45
O5' TTP S . -4.51 -15.15 9.03
C5' TTP S . -4.22 -16.33 9.77
C4' TTP S . -4.53 -16.08 11.23
O4' TTP S . -4.74 -17.33 11.88
C3' TTP S . -3.39 -15.39 11.96
O3' TTP S . -3.87 -14.25 12.68
C2' TTP S . -2.80 -16.42 12.91
C1' TTP S . -3.83 -17.54 12.96
N1 TTP S . -3.19 -18.87 12.89
C2 TTP S . -3.22 -19.77 14.00
O2 TTP S . -3.81 -19.44 15.06
N3 TTP S . -2.65 -20.97 13.94
C4 TTP S . -2.03 -21.37 12.84
O4 TTP S . -1.49 -22.50 12.80
C5 TTP S . -1.96 -20.47 11.66
C5M TTP S . -1.26 -20.89 10.41
C6 TTP S . -2.57 -19.21 11.76
MG MG T . -6.38 -12.62 5.89
ZN ZN U . 26.18 19.39 -16.57
PA TTP V . 24.09 4.54 -4.83
O1A TTP V . 24.16 6.02 -4.60
O2A TTP V . 25.05 3.70 -4.02
O3A TTP V . 24.24 4.15 -6.37
PB TTP V . 25.60 4.35 -7.17
O1B TTP V . 25.17 4.93 -8.50
O2B TTP V . 26.47 3.11 -7.20
O3B TTP V . 26.33 5.41 -6.21
PG TTP V . 27.82 5.18 -5.60
O1G TTP V . 28.70 4.68 -6.74
O2G TTP V . 27.55 4.18 -4.50
O3G TTP V . 28.24 6.54 -5.10
O5' TTP V . 22.57 4.04 -4.53
C5' TTP V . 21.37 4.64 -5.01
C4' TTP V . 20.21 3.63 -5.09
O4' TTP V . 19.00 4.19 -4.57
C3' TTP V . 19.89 3.18 -6.50
O3' TTP V . 19.88 1.75 -6.50
C2' TTP V . 18.50 3.68 -6.83
C1' TTP V . 17.91 4.20 -5.53
N1 TTP V . 17.34 5.54 -5.68
C2 TTP V . 16.02 5.88 -5.30
O2 TTP V . 15.26 5.05 -4.81
N3 TTP V . 15.52 7.11 -5.44
C4 TTP V . 16.28 8.10 -5.94
O4 TTP V . 15.82 9.26 -6.06
C5 TTP V . 17.68 7.79 -6.34
C5M TTP V . 18.57 8.85 -6.94
C6 TTP V . 18.14 6.50 -6.19
MG MG W . 26.79 2.37 -4.57
ZN ZN X . 35.76 15.08 25.15
PA TTP Y . 32.18 29.47 15.09
O1A TTP Y . 31.68 30.49 13.95
O2A TTP Y . 33.15 30.02 16.10
O3A TTP Y . 30.83 29.29 15.93
PB TTP Y . 30.59 30.14 17.28
O1B TTP Y . 31.33 29.42 18.39
O2B TTP Y . 30.88 31.59 17.03
O3B TTP Y . 28.98 30.10 17.36
PG TTP Y . 28.22 30.40 15.94
O1G TTP Y . 26.94 31.11 16.34
O2G TTP Y . 29.12 31.30 15.15
O3G TTP Y . 27.98 29.05 15.30
O5' TTP Y . 32.66 28.21 14.41
MG MG Z . 30.25 31.32 14.01
ZN ZN AA . -15.43 42.02 2.86
PA TTP BA . -6.61 43.90 19.83
O1A TTP BA . -7.02 42.64 19.15
O2A TTP BA . -6.96 43.97 21.30
O3A TTP BA . -7.26 45.13 19.04
PB TTP BA . -8.81 45.57 19.26
O1B TTP BA . -9.28 46.35 18.07
O2B TTP BA . -9.04 46.06 20.64
O3B TTP BA . -9.59 44.18 19.07
PG TTP BA . -10.51 43.43 20.17
O1G TTP BA . -11.71 44.34 20.28
O2G TTP BA . -9.64 43.26 21.40
O3G TTP BA . -10.80 42.13 19.45
O5' TTP BA . -5.02 43.90 19.60
C5' TTP BA . -4.37 44.47 18.46
C4' TTP BA . -3.13 45.31 18.83
O4' TTP BA . -1.96 44.71 18.24
C3' TTP BA . -3.17 46.75 18.30
O3' TTP BA . -2.81 47.61 19.37
C2' TTP BA . -2.16 46.85 17.20
C1' TTP BA . -1.28 45.62 17.35
N1 TTP BA . -0.98 44.98 16.04
C2 TTP BA . 0.35 44.82 15.57
O2 TTP BA . 1.33 45.20 16.23
N3 TTP BA . 0.60 44.25 14.39
C4 TTP BA . -0.39 43.82 13.61
O4 TTP BA . -0.18 43.27 12.52
C5 TTP BA . -1.77 43.96 14.07
C5M TTP BA . -2.90 43.46 13.19
C6 TTP BA . -2.01 44.55 15.30
MG MG CA . -8.23 44.68 22.45
ZN ZN DA . -7.87 13.27 33.94
PA TTP EA . -6.92 10.79 14.92
O1A TTP EA . -6.75 12.13 15.57
O2A TTP EA . -8.03 10.54 13.92
O3A TTP EA . -7.12 9.82 16.18
PB TTP EA . -8.61 9.42 16.54
O1B TTP EA . -8.49 8.67 17.85
O2B TTP EA . -9.12 8.83 15.26
O3B TTP EA . -9.41 10.80 16.90
PG TTP EA . -10.67 11.50 16.12
O1G TTP EA . -11.72 10.44 15.91
O2G TTP EA . -10.11 12.08 14.84
O3G TTP EA . -11.15 12.50 17.14
O5' TTP EA . -5.54 10.35 14.21
C5' TTP EA . -4.29 10.74 14.77
C4' TTP EA . -3.18 10.05 13.99
O4' TTP EA . -1.94 10.77 14.09
C3' TTP EA . -2.96 8.66 14.54
O3' TTP EA . -3.14 7.71 13.49
C2' TTP EA . -1.54 8.66 15.08
C1' TTP EA . -0.89 9.95 14.61
N1 TTP EA . -0.17 10.60 15.72
C2 TTP EA . 1.20 10.99 15.60
O2 TTP EA . 1.84 10.76 14.54
N3 TTP EA . 1.83 11.59 16.63
C4 TTP EA . 1.20 11.85 17.78
O4 TTP EA . 1.80 12.39 18.73
C5 TTP EA . -0.23 11.46 17.92
C5M TTP EA . -0.99 11.72 19.19
C6 TTP EA . -0.86 10.84 16.85
MG MG FA . -9.56 10.72 13.23
#